data_4NQV
#
_entry.id   4NQV
#
_cell.length_a   265.538
_cell.length_b   81.496
_cell.length_c   140.071
_cell.angle_alpha   90.000
_cell.angle_beta   121.580
_cell.angle_gamma   90.000
#
_symmetry.space_group_name_H-M   'C 1 2 1'
#
loop_
_entity.id
_entity.type
_entity.pdbx_description
1 polymer 'HLA class I histocompatibility antigen, A-1 alpha chain'
2 polymer Beta-2-microglobulin
3 polymer Nucleoprotein
4 water water
#
loop_
_entity_poly.entity_id
_entity_poly.type
_entity_poly.pdbx_seq_one_letter_code
_entity_poly.pdbx_strand_id
1 'polypeptide(L)'
;GSHSMRYFFTSVSRPGRGEPRFIAVGYVDDTQFVRFDSDAASQKMEPRAPWIEQEGPEYWDQETRNMKAHSQTDRANLGT
LRGYYNQSEDGSHTIQIMYGCDVGPDGRFLRGYRQDAYDGKDYIALNEDLRSWTAADMAAQITKRKWEAVHAAEQRRVYL
EGRCVDGLRRYLENGKETLQRTDPPKTHMTHHPISDHEATLRCWALGFYPAEITLTWQRDGEDQTQDTELVETRPAGDGT
FQKWAAVVVPSGEEQRYTCHVQHEGLPKPLTLRW
;
A,C,E,G,I,K
2 'polypeptide(L)'
;MIQRTPKIQVYSRHPAENGKSNFLNCYVSGFHPSDIEVDLLKNGERIEKVEHSDLSFSKDWSFYLLYYTEFTPTEKDEYA
CRVNHVTLSQPKIVKWDRDM
;
B,D,F,H,J,L
3 'polypeptide(L)' CTELKLSDY M,N,O,P,Q,R
#
# COMPACT_ATOMS: atom_id res chain seq x y z
N GLY A 1 -10.41 13.34 16.20
CA GLY A 1 -11.21 12.50 15.31
C GLY A 1 -12.48 11.97 15.96
N SER A 2 -12.42 10.73 16.49
CA SER A 2 -13.52 10.08 17.19
C SER A 2 -13.62 10.61 18.63
N HIS A 3 -14.84 10.70 19.17
CA HIS A 3 -15.10 11.21 20.53
C HIS A 3 -15.98 10.26 21.35
N SER A 4 -15.99 10.46 22.68
CA SER A 4 -16.77 9.62 23.60
C SER A 4 -17.36 10.40 24.77
N MET A 5 -18.54 9.98 25.22
CA MET A 5 -19.22 10.50 26.40
C MET A 5 -19.44 9.34 27.34
N ARG A 6 -18.96 9.46 28.57
CA ARG A 6 -19.10 8.41 29.57
C ARG A 6 -19.67 8.95 30.86
N TYR A 7 -20.49 8.13 31.52
CA TYR A 7 -21.09 8.44 32.82
C TYR A 7 -20.70 7.37 33.82
N PHE A 8 -20.08 7.79 34.94
CA PHE A 8 -19.59 6.90 35.99
C PHE A 8 -20.33 7.16 37.27
N PHE A 9 -21.09 6.16 37.74
CA PHE A 9 -21.93 6.20 38.94
C PHE A 9 -21.40 5.30 40.02
N THR A 10 -21.31 5.80 41.25
CA THR A 10 -20.84 5.02 42.38
C THR A 10 -21.82 5.19 43.53
N SER A 11 -22.24 4.06 44.10
CA SER A 11 -23.14 3.99 45.24
C SER A 11 -22.52 3.09 46.31
N VAL A 12 -22.22 3.66 47.50
CA VAL A 12 -21.60 2.93 48.62
C VAL A 12 -22.56 2.93 49.82
N SER A 13 -22.96 1.72 50.26
CA SER A 13 -23.84 1.53 51.40
C SER A 13 -23.11 1.84 52.71
N ARG A 14 -23.77 2.62 53.57
CA ARG A 14 -23.25 3.00 54.89
C ARG A 14 -24.09 2.31 55.96
N PRO A 15 -23.65 1.12 56.47
CA PRO A 15 -24.42 0.43 57.52
C PRO A 15 -24.51 1.22 58.82
N GLY A 16 -23.55 2.14 59.00
CA GLY A 16 -23.48 3.03 60.15
C GLY A 16 -24.52 4.12 60.08
N ARG A 17 -24.10 5.34 59.70
CA ARG A 17 -24.99 6.49 59.66
C ARG A 17 -25.51 6.81 58.26
N GLY A 18 -26.83 6.81 58.16
CA GLY A 18 -27.60 7.19 56.97
C GLY A 18 -27.58 6.24 55.79
N GLU A 19 -28.38 6.60 54.78
CA GLU A 19 -28.56 5.90 53.51
C GLU A 19 -27.25 5.93 52.67
N PRO A 20 -27.09 5.04 51.66
CA PRO A 20 -25.86 5.02 50.86
C PRO A 20 -25.47 6.33 50.18
N ARG A 21 -24.14 6.52 50.02
CA ARG A 21 -23.51 7.67 49.37
C ARG A 21 -23.53 7.44 47.85
N PHE A 22 -24.03 8.43 47.08
CA PHE A 22 -24.11 8.34 45.62
C PHE A 22 -23.31 9.45 44.96
N ILE A 23 -22.32 9.07 44.11
CA ILE A 23 -21.48 10.01 43.37
C ILE A 23 -21.65 9.71 41.88
N ALA A 24 -21.85 10.75 41.09
CA ALA A 24 -22.01 10.64 39.64
C ALA A 24 -21.13 11.66 38.94
N VAL A 25 -20.38 11.21 37.92
CA VAL A 25 -19.49 12.05 37.11
C VAL A 25 -19.77 11.82 35.62
N GLY A 26 -19.59 12.87 34.83
CA GLY A 26 -19.78 12.86 33.39
C GLY A 26 -18.54 13.34 32.69
N TYR A 27 -18.07 12.56 31.70
CA TYR A 27 -16.89 12.89 30.90
C TYR A 27 -17.19 12.96 29.42
N VAL A 28 -16.53 13.92 28.76
CA VAL A 28 -16.50 14.09 27.30
C VAL A 28 -15.04 13.92 27.02
N ASP A 29 -14.68 12.71 26.54
CA ASP A 29 -13.32 12.26 26.31
C ASP A 29 -12.63 12.21 27.69
N ASP A 30 -11.58 13.02 27.90
CA ASP A 30 -10.85 13.07 29.17
C ASP A 30 -11.20 14.32 30.01
N THR A 31 -12.34 14.97 29.70
CA THR A 31 -12.76 16.20 30.38
C THR A 31 -14.10 16.00 31.11
N GLN A 32 -14.07 16.24 32.44
CA GLN A 32 -15.25 16.18 33.30
C GLN A 32 -16.10 17.44 33.08
N PHE A 33 -17.43 17.29 33.09
CA PHE A 33 -18.31 18.44 32.86
C PHE A 33 -19.48 18.48 33.83
N VAL A 34 -19.91 17.33 34.38
CA VAL A 34 -21.01 17.31 35.34
C VAL A 34 -20.63 16.48 36.58
N ARG A 35 -21.34 16.73 37.70
CA ARG A 35 -21.13 16.02 38.96
C ARG A 35 -22.40 16.06 39.83
N PHE A 36 -22.63 14.98 40.57
CA PHE A 36 -23.71 14.88 41.53
C PHE A 36 -23.19 14.17 42.77
N ASP A 37 -23.28 14.83 43.94
CA ASP A 37 -22.86 14.23 45.21
C ASP A 37 -23.99 14.32 46.20
N SER A 38 -24.42 13.15 46.71
CA SER A 38 -25.51 12.99 47.69
C SER A 38 -25.16 13.66 49.03
N ASP A 39 -23.86 13.77 49.37
CA ASP A 39 -23.37 14.39 50.60
C ASP A 39 -23.27 15.91 50.49
N ALA A 40 -23.12 16.43 49.26
CA ALA A 40 -23.00 17.87 49.00
C ALA A 40 -24.30 18.60 49.35
N ALA A 41 -24.19 19.85 49.81
CA ALA A 41 -25.34 20.69 50.22
C ALA A 41 -26.19 21.16 49.02
N SER A 42 -25.66 21.03 47.77
CA SER A 42 -26.32 21.45 46.55
C SER A 42 -27.57 20.63 46.24
N GLN A 43 -27.44 19.27 46.21
CA GLN A 43 -28.48 18.27 45.90
C GLN A 43 -29.02 18.46 44.46
N LYS A 44 -28.11 18.83 43.53
CA LYS A 44 -28.39 19.07 42.12
C LYS A 44 -27.19 18.66 41.25
N MET A 45 -27.43 18.43 39.94
CA MET A 45 -26.37 18.12 38.97
C MET A 45 -25.58 19.42 38.79
N GLU A 46 -24.31 19.42 39.23
CA GLU A 46 -23.46 20.60 39.23
C GLU A 46 -22.53 20.67 38.00
N PRO A 47 -22.36 21.88 37.40
CA PRO A 47 -21.43 22.00 36.26
C PRO A 47 -19.96 21.99 36.68
N ARG A 48 -19.10 21.36 35.87
CA ARG A 48 -17.66 21.23 36.15
C ARG A 48 -16.80 21.72 34.97
N ALA A 49 -17.47 22.14 33.88
CA ALA A 49 -16.84 22.70 32.68
C ALA A 49 -17.52 24.03 32.33
N PRO A 50 -16.78 25.04 31.81
CA PRO A 50 -17.43 26.34 31.48
C PRO A 50 -18.43 26.26 30.33
N TRP A 51 -18.25 25.34 29.35
CA TRP A 51 -19.14 25.21 28.20
C TRP A 51 -20.49 24.55 28.55
N ILE A 52 -20.57 23.79 29.66
CA ILE A 52 -21.84 23.16 30.04
C ILE A 52 -22.73 24.18 30.78
N GLU A 53 -22.13 25.27 31.30
CA GLU A 53 -22.83 26.34 32.00
C GLU A 53 -23.81 27.08 31.08
N GLN A 54 -23.67 26.92 29.74
CA GLN A 54 -24.54 27.57 28.73
C GLN A 54 -25.86 26.79 28.51
N GLU A 55 -26.08 25.71 29.28
CA GLU A 55 -27.31 24.93 29.25
C GLU A 55 -28.38 25.63 30.10
N GLY A 56 -29.64 25.50 29.69
CA GLY A 56 -30.77 26.13 30.37
C GLY A 56 -31.10 25.56 31.75
N PRO A 57 -31.98 26.24 32.53
CA PRO A 57 -32.33 25.70 33.86
C PRO A 57 -33.20 24.44 33.78
N GLU A 58 -33.88 24.20 32.64
CA GLU A 58 -34.68 22.98 32.41
C GLU A 58 -33.74 21.77 32.30
N TYR A 59 -32.52 21.99 31.76
CA TYR A 59 -31.51 20.93 31.62
C TYR A 59 -31.04 20.48 33.00
N TRP A 60 -30.68 21.43 33.88
CA TRP A 60 -30.19 21.17 35.23
C TRP A 60 -31.25 20.56 36.12
N ASP A 61 -32.53 20.97 35.94
CA ASP A 61 -33.68 20.43 36.67
C ASP A 61 -33.97 19.00 36.24
N GLN A 62 -33.81 18.69 34.93
CA GLN A 62 -34.00 17.35 34.34
C GLN A 62 -32.92 16.38 34.80
N GLU A 63 -31.65 16.83 34.72
CA GLU A 63 -30.47 16.05 35.07
C GLU A 63 -30.46 15.69 36.56
N THR A 64 -30.97 16.58 37.43
CA THR A 64 -31.08 16.38 38.87
C THR A 64 -32.14 15.29 39.15
N ARG A 65 -33.28 15.33 38.43
CA ARG A 65 -34.39 14.38 38.54
C ARG A 65 -33.91 12.97 38.22
N ASN A 66 -33.07 12.85 37.18
CA ASN A 66 -32.45 11.59 36.74
C ASN A 66 -31.49 11.04 37.78
N MET A 67 -30.72 11.94 38.46
CA MET A 67 -29.74 11.60 39.49
C MET A 67 -30.39 11.14 40.79
N LYS A 68 -31.55 11.71 41.14
CA LYS A 68 -32.33 11.33 42.32
C LYS A 68 -32.92 9.95 42.11
N ALA A 69 -33.45 9.69 40.90
CA ALA A 69 -34.02 8.40 40.50
C ALA A 69 -32.92 7.33 40.40
N HIS A 70 -31.72 7.74 39.96
CA HIS A 70 -30.52 6.90 39.86
C HIS A 70 -30.06 6.45 41.23
N SER A 71 -30.00 7.38 42.22
CA SER A 71 -29.58 7.11 43.60
C SER A 71 -30.57 6.21 44.33
N GLN A 72 -31.88 6.48 44.21
CA GLN A 72 -32.94 5.70 44.87
C GLN A 72 -32.97 4.26 44.34
N THR A 73 -32.79 4.07 43.02
CA THR A 73 -32.75 2.74 42.41
C THR A 73 -31.50 1.99 42.94
N ASP A 74 -30.36 2.70 43.03
CA ASP A 74 -29.09 2.18 43.55
C ASP A 74 -29.23 1.74 45.01
N ARG A 75 -29.97 2.52 45.82
CA ARG A 75 -30.29 2.27 47.24
C ARG A 75 -31.10 0.98 47.39
N ALA A 76 -32.03 0.74 46.45
CA ALA A 76 -32.88 -0.45 46.41
C ALA A 76 -32.12 -1.67 45.91
N ASN A 77 -31.26 -1.48 44.90
CA ASN A 77 -30.46 -2.57 44.32
C ASN A 77 -29.36 -3.03 45.28
N LEU A 78 -28.94 -2.15 46.24
CA LEU A 78 -27.93 -2.52 47.24
C LEU A 78 -28.51 -3.57 48.16
N GLY A 79 -29.79 -3.37 48.53
CA GLY A 79 -30.56 -4.30 49.35
C GLY A 79 -30.90 -5.60 48.64
N THR A 80 -31.24 -5.51 47.33
CA THR A 80 -31.57 -6.65 46.47
C THR A 80 -30.36 -7.56 46.30
N LEU A 81 -29.17 -6.98 46.11
CA LEU A 81 -27.92 -7.71 45.92
C LEU A 81 -27.41 -8.38 47.18
N ARG A 82 -27.71 -7.79 48.36
CA ARG A 82 -27.36 -8.37 49.67
C ARG A 82 -28.01 -9.74 49.82
N GLY A 83 -29.27 -9.83 49.39
CA GLY A 83 -30.07 -11.04 49.44
C GLY A 83 -29.64 -12.08 48.44
N TYR A 84 -29.23 -11.62 47.24
CA TYR A 84 -28.77 -12.46 46.14
C TYR A 84 -27.47 -13.21 46.50
N TYR A 85 -26.57 -12.53 47.21
CA TYR A 85 -25.27 -13.07 47.60
C TYR A 85 -25.25 -13.56 49.06
N ASN A 86 -26.43 -13.51 49.74
CA ASN A 86 -26.67 -13.93 51.13
C ASN A 86 -25.67 -13.27 52.09
N GLN A 87 -25.60 -11.92 52.02
CA GLN A 87 -24.71 -11.11 52.84
C GLN A 87 -25.47 -10.38 53.95
N SER A 88 -24.78 -10.10 55.07
CA SER A 88 -25.33 -9.41 56.24
C SER A 88 -25.40 -7.89 56.03
N GLU A 89 -26.21 -7.22 56.87
CA GLU A 89 -26.45 -5.78 56.87
C GLU A 89 -25.26 -4.95 57.38
N ASP A 90 -24.35 -5.57 58.16
CA ASP A 90 -23.22 -4.87 58.80
C ASP A 90 -22.11 -4.47 57.82
N GLY A 91 -22.03 -5.15 56.68
CA GLY A 91 -21.01 -4.89 55.67
C GLY A 91 -21.37 -3.79 54.69
N SER A 92 -20.37 -2.99 54.30
CA SER A 92 -20.48 -1.91 53.32
C SER A 92 -20.20 -2.45 51.92
N HIS A 93 -21.12 -2.21 50.97
CA HIS A 93 -21.02 -2.71 49.61
C HIS A 93 -21.15 -1.59 48.59
N THR A 94 -20.64 -1.83 47.36
CA THR A 94 -20.62 -0.83 46.29
C THR A 94 -21.25 -1.31 44.98
N ILE A 95 -22.03 -0.42 44.34
CA ILE A 95 -22.61 -0.61 43.01
C ILE A 95 -21.98 0.44 42.13
N GLN A 96 -21.38 0.01 41.02
CA GLN A 96 -20.79 0.91 40.03
C GLN A 96 -21.47 0.68 38.68
N ILE A 97 -21.78 1.78 37.99
CA ILE A 97 -22.43 1.76 36.66
C ILE A 97 -21.65 2.63 35.73
N MET A 98 -21.50 2.15 34.49
CA MET A 98 -20.89 2.85 33.39
C MET A 98 -21.81 2.72 32.17
N TYR A 99 -22.03 3.85 31.50
CA TYR A 99 -22.77 3.91 30.26
C TYR A 99 -22.37 5.19 29.50
N GLY A 100 -22.51 5.13 28.18
CA GLY A 100 -22.16 6.20 27.26
C GLY A 100 -22.15 5.74 25.83
N CYS A 101 -21.53 6.55 24.95
CA CYS A 101 -21.48 6.28 23.52
C CYS A 101 -20.25 6.87 22.88
N ASP A 102 -19.89 6.31 21.72
CA ASP A 102 -18.79 6.71 20.85
C ASP A 102 -19.35 7.27 19.54
N VAL A 103 -18.80 8.39 19.07
CA VAL A 103 -19.18 8.98 17.79
C VAL A 103 -17.91 9.10 16.93
N GLY A 104 -18.10 9.03 15.62
CA GLY A 104 -17.02 9.18 14.65
C GLY A 104 -16.67 10.63 14.40
N PRO A 105 -15.73 10.91 13.48
CA PRO A 105 -15.38 12.32 13.18
C PRO A 105 -16.54 13.10 12.56
N ASP A 106 -17.44 12.40 11.84
CA ASP A 106 -18.63 12.96 11.19
C ASP A 106 -19.81 13.15 12.17
N GLY A 107 -19.70 12.57 13.37
CA GLY A 107 -20.71 12.64 14.42
C GLY A 107 -21.68 11.47 14.42
N ARG A 108 -21.33 10.40 13.67
CA ARG A 108 -22.12 9.18 13.52
C ARG A 108 -21.83 8.19 14.65
N PHE A 109 -22.90 7.52 15.18
CA PHE A 109 -22.82 6.52 16.24
C PHE A 109 -21.81 5.42 15.87
N LEU A 110 -20.98 5.04 16.84
CA LEU A 110 -19.95 4.02 16.65
C LEU A 110 -20.23 2.83 17.55
N ARG A 111 -20.33 3.11 18.85
CA ARG A 111 -20.54 2.15 19.92
C ARG A 111 -21.39 2.74 21.05
N GLY A 112 -22.09 1.85 21.74
CA GLY A 112 -22.92 2.10 22.90
C GLY A 112 -22.47 1.14 23.98
N TYR A 113 -22.47 1.60 25.24
CA TYR A 113 -22.02 0.80 26.38
C TYR A 113 -23.01 0.89 27.55
N ARG A 114 -23.13 -0.20 28.32
CA ARG A 114 -23.89 -0.30 29.57
C ARG A 114 -23.30 -1.45 30.37
N GLN A 115 -22.63 -1.11 31.50
CA GLN A 115 -21.92 -2.05 32.36
C GLN A 115 -22.17 -1.77 33.84
N ASP A 116 -22.40 -2.85 34.62
CA ASP A 116 -22.65 -2.77 36.08
C ASP A 116 -21.71 -3.65 36.88
N ALA A 117 -21.36 -3.22 38.09
CA ALA A 117 -20.48 -3.96 38.98
C ALA A 117 -20.99 -4.02 40.39
N TYR A 118 -20.62 -5.06 41.09
CA TYR A 118 -20.91 -5.21 42.50
C TYR A 118 -19.62 -5.55 43.20
N ASP A 119 -19.18 -4.67 44.12
CA ASP A 119 -17.95 -4.75 44.89
C ASP A 119 -16.71 -4.86 43.96
N GLY A 120 -16.70 -4.05 42.89
CA GLY A 120 -15.62 -3.98 41.91
C GLY A 120 -15.43 -5.18 41.02
N LYS A 121 -16.45 -6.02 40.94
CA LYS A 121 -16.51 -7.21 40.12
C LYS A 121 -17.69 -7.08 39.16
N ASP A 122 -17.51 -7.53 37.91
CA ASP A 122 -18.54 -7.55 36.88
C ASP A 122 -19.81 -8.21 37.41
N TYR A 123 -20.96 -7.60 37.13
CA TYR A 123 -22.26 -8.10 37.52
C TYR A 123 -23.03 -8.40 36.24
N ILE A 124 -23.52 -7.35 35.55
CA ILE A 124 -24.26 -7.46 34.29
C ILE A 124 -23.75 -6.40 33.29
N ALA A 125 -23.70 -6.77 32.01
CA ALA A 125 -23.26 -5.89 30.94
C ALA A 125 -24.05 -6.11 29.67
N LEU A 126 -24.31 -5.03 28.92
CA LEU A 126 -24.97 -5.08 27.63
C LEU A 126 -23.90 -5.35 26.58
N ASN A 127 -24.14 -6.31 25.66
CA ASN A 127 -23.18 -6.67 24.62
C ASN A 127 -23.05 -5.56 23.55
N GLU A 128 -21.99 -5.64 22.72
CA GLU A 128 -21.72 -4.69 21.64
C GLU A 128 -22.90 -4.55 20.66
N ASP A 129 -23.63 -5.66 20.40
CA ASP A 129 -24.79 -5.72 19.50
C ASP A 129 -26.00 -4.94 20.06
N LEU A 130 -26.01 -4.70 21.39
CA LEU A 130 -27.01 -3.95 22.19
C LEU A 130 -28.40 -4.64 22.18
N ARG A 131 -28.40 -5.99 22.06
CA ARG A 131 -29.61 -6.82 22.02
C ARG A 131 -29.66 -7.82 23.17
N SER A 132 -28.47 -8.28 23.61
CA SER A 132 -28.30 -9.28 24.65
C SER A 132 -27.47 -8.79 25.82
N TRP A 133 -27.50 -9.55 26.94
CA TRP A 133 -26.77 -9.24 28.17
C TRP A 133 -25.75 -10.32 28.48
N THR A 134 -24.72 -9.94 29.24
CA THR A 134 -23.68 -10.83 29.73
C THR A 134 -23.76 -10.80 31.25
N ALA A 135 -24.22 -11.93 31.83
CA ALA A 135 -24.35 -12.15 33.27
C ALA A 135 -23.08 -12.83 33.77
N ALA A 136 -22.38 -12.19 34.70
CA ALA A 136 -21.10 -12.67 35.23
C ALA A 136 -21.26 -13.91 36.11
N ASP A 137 -22.22 -13.90 37.05
CA ASP A 137 -22.46 -15.03 37.96
C ASP A 137 -23.92 -15.45 37.95
N MET A 138 -24.26 -16.45 38.81
CA MET A 138 -25.61 -17.01 38.99
C MET A 138 -26.62 -15.94 39.42
N ALA A 139 -26.20 -15.01 40.31
CA ALA A 139 -27.02 -13.92 40.84
C ALA A 139 -27.37 -12.92 39.74
N ALA A 140 -26.45 -12.69 38.79
CA ALA A 140 -26.63 -11.78 37.66
C ALA A 140 -27.62 -12.34 36.64
N GLN A 141 -27.71 -13.68 36.54
CA GLN A 141 -28.64 -14.41 35.66
C GLN A 141 -30.09 -14.13 36.03
N ILE A 142 -30.38 -13.96 37.34
CA ILE A 142 -31.70 -13.62 37.90
C ILE A 142 -32.09 -12.23 37.36
N THR A 143 -31.14 -11.26 37.39
CA THR A 143 -31.34 -9.91 36.87
C THR A 143 -31.58 -9.98 35.35
N LYS A 144 -30.76 -10.74 34.61
CA LYS A 144 -30.76 -10.94 33.15
C LYS A 144 -32.13 -11.39 32.68
N ARG A 145 -32.72 -12.40 33.35
CA ARG A 145 -34.05 -12.96 33.04
C ARG A 145 -35.15 -11.90 33.20
N LYS A 146 -35.08 -11.10 34.26
CA LYS A 146 -36.02 -10.02 34.57
C LYS A 146 -35.96 -8.93 33.49
N TRP A 147 -34.73 -8.61 33.03
CA TRP A 147 -34.47 -7.59 32.03
C TRP A 147 -34.84 -8.07 30.62
N GLU A 148 -34.71 -9.37 30.35
CA GLU A 148 -35.10 -9.98 29.06
C GLU A 148 -36.61 -9.97 28.93
N ALA A 149 -37.31 -10.26 30.05
CA ALA A 149 -38.77 -10.31 30.13
C ALA A 149 -39.40 -8.92 29.94
N VAL A 150 -38.68 -7.85 30.33
CA VAL A 150 -39.15 -6.46 30.25
C VAL A 150 -38.51 -5.71 29.01
N HIS A 151 -37.70 -6.44 28.20
CA HIS A 151 -37.01 -5.96 26.98
C HIS A 151 -36.20 -4.66 27.27
N ALA A 152 -35.32 -4.75 28.28
CA ALA A 152 -34.48 -3.67 28.77
C ALA A 152 -33.41 -3.24 27.77
N ALA A 153 -32.83 -4.21 27.02
CA ALA A 153 -31.80 -4.00 26.00
C ALA A 153 -32.25 -2.98 24.93
N GLU A 154 -33.50 -3.08 24.49
CA GLU A 154 -34.13 -2.19 23.51
C GLU A 154 -34.25 -0.75 24.07
N GLN A 155 -34.59 -0.62 25.36
CA GLN A 155 -34.75 0.67 26.04
C GLN A 155 -33.41 1.36 26.26
N ARG A 156 -32.37 0.55 26.45
CA ARG A 156 -31.02 1.06 26.63
C ARG A 156 -30.51 1.52 25.29
N ARG A 157 -30.71 0.72 24.21
CA ARG A 157 -30.30 1.05 22.83
C ARG A 157 -30.93 2.39 22.35
N VAL A 158 -32.22 2.61 22.65
CA VAL A 158 -32.96 3.83 22.26
C VAL A 158 -32.26 5.07 22.87
N TYR A 159 -31.74 4.95 24.12
CA TYR A 159 -31.00 6.02 24.78
C TYR A 159 -29.62 6.22 24.15
N LEU A 160 -28.83 5.14 24.05
CA LEU A 160 -27.45 5.10 23.52
C LEU A 160 -27.36 5.62 22.09
N GLU A 161 -28.31 5.23 21.21
CA GLU A 161 -28.37 5.63 19.80
C GLU A 161 -29.20 6.90 19.58
N GLY A 162 -29.77 7.45 20.65
CA GLY A 162 -30.61 8.64 20.59
C GLY A 162 -30.07 9.84 21.33
N ARG A 163 -30.66 10.12 22.51
CA ARG A 163 -30.35 11.23 23.40
C ARG A 163 -28.87 11.30 23.82
N CYS A 164 -28.20 10.14 23.92
CA CYS A 164 -26.80 10.03 24.29
C CYS A 164 -25.89 10.63 23.18
N VAL A 165 -26.11 10.21 21.90
CA VAL A 165 -25.33 10.70 20.73
C VAL A 165 -25.68 12.18 20.47
N ASP A 166 -26.97 12.55 20.58
CA ASP A 166 -27.50 13.90 20.39
C ASP A 166 -26.94 14.88 21.43
N GLY A 167 -26.72 14.39 22.65
CA GLY A 167 -26.15 15.14 23.75
C GLY A 167 -24.68 15.39 23.51
N LEU A 168 -23.93 14.31 23.17
CA LEU A 168 -22.50 14.34 22.87
C LEU A 168 -22.22 15.27 21.69
N ARG A 169 -23.03 15.21 20.62
CA ARG A 169 -22.91 16.08 19.42
C ARG A 169 -23.04 17.56 19.80
N ARG A 170 -24.02 17.89 20.66
CA ARG A 170 -24.31 19.23 21.15
C ARG A 170 -23.13 19.77 21.99
N TYR A 171 -22.58 18.92 22.89
CA TYR A 171 -21.47 19.27 23.79
C TYR A 171 -20.19 19.59 23.01
N LEU A 172 -19.92 18.81 21.93
CA LEU A 172 -18.75 18.95 21.06
C LEU A 172 -18.80 20.26 20.27
N GLU A 173 -19.99 20.75 19.94
CA GLU A 173 -20.19 22.01 19.22
C GLU A 173 -20.04 23.17 20.22
N ASN A 174 -20.69 23.04 21.40
CA ASN A 174 -20.67 23.99 22.52
C ASN A 174 -19.28 24.20 23.12
N GLY A 175 -18.47 23.15 23.14
CA GLY A 175 -17.14 23.20 23.72
C GLY A 175 -16.00 22.91 22.76
N LYS A 176 -16.13 23.33 21.48
CA LYS A 176 -15.15 23.12 20.40
C LYS A 176 -13.72 23.59 20.75
N GLU A 177 -13.57 24.80 21.36
CA GLU A 177 -12.29 25.41 21.69
C GLU A 177 -11.45 24.56 22.64
N THR A 178 -12.11 23.85 23.57
CA THR A 178 -11.47 22.97 24.55
C THR A 178 -11.56 21.49 24.18
N LEU A 179 -12.66 21.04 23.54
CA LEU A 179 -12.87 19.61 23.26
C LEU A 179 -12.25 19.12 21.95
N GLN A 180 -12.29 19.94 20.87
CA GLN A 180 -11.69 19.54 19.58
C GLN A 180 -10.16 19.77 19.57
N ARG A 181 -9.62 20.43 20.62
CA ARG A 181 -8.21 20.76 20.77
C ARG A 181 -7.34 19.49 20.92
N THR A 182 -6.06 19.61 20.58
CA THR A 182 -5.06 18.55 20.70
C THR A 182 -3.79 19.20 21.19
N ASP A 183 -3.67 19.39 22.51
CA ASP A 183 -2.50 19.99 23.14
C ASP A 183 -1.33 19.01 23.06
N PRO A 184 -0.23 19.36 22.34
CA PRO A 184 0.91 18.40 22.23
C PRO A 184 1.75 18.34 23.50
N PRO A 185 2.46 17.23 23.78
CA PRO A 185 3.29 17.18 25.00
C PRO A 185 4.59 17.99 24.91
N LYS A 186 4.95 18.61 26.04
CA LYS A 186 6.19 19.37 26.24
C LYS A 186 7.23 18.36 26.70
N THR A 187 8.06 17.89 25.76
CA THR A 187 9.04 16.85 26.03
C THR A 187 10.41 17.39 26.41
N HIS A 188 11.02 16.75 27.42
CA HIS A 188 12.36 17.02 27.91
C HIS A 188 12.95 15.72 28.48
N MET A 189 14.27 15.68 28.60
CA MET A 189 14.98 14.51 29.08
C MET A 189 15.97 14.88 30.18
N THR A 190 16.06 14.00 31.19
CA THR A 190 17.00 14.16 32.31
C THR A 190 18.00 12.99 32.28
N HIS A 191 19.21 13.24 32.78
CA HIS A 191 20.31 12.28 32.88
C HIS A 191 20.84 12.34 34.30
N HIS A 192 20.83 11.18 34.98
CA HIS A 192 21.25 11.08 36.37
C HIS A 192 22.11 9.83 36.57
N PRO A 193 23.41 9.98 36.90
CA PRO A 193 24.24 8.78 37.13
C PRO A 193 23.99 8.16 38.50
N ILE A 194 23.96 6.82 38.57
CA ILE A 194 23.79 6.09 39.82
C ILE A 194 25.17 5.64 40.31
N SER A 195 26.11 5.54 39.38
CA SER A 195 27.52 5.18 39.58
C SER A 195 28.35 5.74 38.42
N ASP A 196 29.65 5.38 38.32
CA ASP A 196 30.51 5.85 37.23
C ASP A 196 30.25 5.05 35.95
N HIS A 197 29.59 3.87 36.05
CA HIS A 197 29.35 2.96 34.93
C HIS A 197 27.86 2.84 34.56
N GLU A 198 26.94 3.40 35.38
CA GLU A 198 25.49 3.35 35.14
C GLU A 198 24.86 4.73 35.27
N ALA A 199 23.81 5.00 34.46
CA ALA A 199 23.08 6.27 34.46
C ALA A 199 21.59 6.08 34.11
N THR A 200 20.71 6.89 34.73
CA THR A 200 19.28 6.88 34.47
C THR A 200 18.92 7.99 33.49
N LEU A 201 18.24 7.60 32.40
CA LEU A 201 17.73 8.51 31.40
C LEU A 201 16.22 8.55 31.54
N ARG A 202 15.64 9.73 31.74
CA ARG A 202 14.19 9.85 31.90
C ARG A 202 13.62 10.83 30.89
N CYS A 203 12.68 10.35 30.10
CA CYS A 203 12.00 11.10 29.07
C CYS A 203 10.63 11.54 29.58
N TRP A 204 10.36 12.84 29.54
CA TRP A 204 9.13 13.46 30.02
C TRP A 204 8.18 13.89 28.93
N ALA A 205 6.89 13.89 29.25
CA ALA A 205 5.78 14.36 28.43
C ALA A 205 4.81 15.08 29.36
N LEU A 206 4.71 16.40 29.22
CA LEU A 206 3.86 17.24 30.08
C LEU A 206 2.91 18.12 29.26
N GLY A 207 1.86 18.62 29.93
CA GLY A 207 0.86 19.52 29.38
C GLY A 207 0.13 19.08 28.13
N PHE A 208 -0.12 17.75 27.99
CA PHE A 208 -0.80 17.23 26.79
C PHE A 208 -2.26 16.87 27.05
N TYR A 209 -3.09 17.01 25.99
CA TYR A 209 -4.50 16.66 25.93
C TYR A 209 -4.82 16.17 24.51
N PRO A 210 -5.50 15.01 24.31
CA PRO A 210 -6.04 14.06 25.31
C PRO A 210 -4.95 13.24 26.04
N ALA A 211 -5.36 12.39 26.98
CA ALA A 211 -4.49 11.55 27.81
C ALA A 211 -3.76 10.44 27.03
N GLU A 212 -4.35 9.96 25.91
CA GLU A 212 -3.78 8.89 25.06
C GLU A 212 -2.40 9.32 24.53
N ILE A 213 -1.36 8.58 24.95
CA ILE A 213 0.04 8.84 24.58
C ILE A 213 0.83 7.52 24.65
N THR A 214 1.91 7.45 23.85
CA THR A 214 2.83 6.32 23.84
C THR A 214 4.25 6.86 24.05
N LEU A 215 4.96 6.27 25.02
CA LEU A 215 6.33 6.59 25.36
C LEU A 215 7.11 5.29 25.30
N THR A 216 7.90 5.11 24.22
CA THR A 216 8.68 3.88 24.01
C THR A 216 10.16 4.19 23.84
N TRP A 217 10.98 3.55 24.66
CA TRP A 217 12.43 3.65 24.62
C TRP A 217 12.99 2.62 23.66
N GLN A 218 13.97 3.03 22.85
CA GLN A 218 14.62 2.16 21.88
C GLN A 218 16.13 2.18 22.07
N ARG A 219 16.79 1.06 21.73
CA ARG A 219 18.25 0.92 21.74
C ARG A 219 18.62 0.37 20.39
N ASP A 220 19.34 1.19 19.58
CA ASP A 220 19.73 0.88 18.19
C ASP A 220 18.45 0.63 17.35
N GLY A 221 17.41 1.40 17.65
CA GLY A 221 16.12 1.35 16.98
C GLY A 221 15.28 0.11 17.27
N GLU A 222 15.54 -0.55 18.40
CA GLU A 222 14.79 -1.73 18.81
C GLU A 222 14.17 -1.46 20.16
N ASP A 223 12.83 -1.66 20.27
CA ASP A 223 12.03 -1.43 21.48
C ASP A 223 12.66 -2.04 22.72
N GLN A 224 12.78 -1.23 23.77
CA GLN A 224 13.40 -1.58 25.05
C GLN A 224 12.35 -1.60 26.15
N THR A 225 11.93 -2.79 26.58
CA THR A 225 10.98 -2.99 27.69
C THR A 225 11.77 -3.35 28.93
N GLN A 226 12.91 -4.04 28.75
CA GLN A 226 13.83 -4.45 29.80
C GLN A 226 14.59 -3.23 30.37
N ASP A 227 14.76 -3.18 31.71
CA ASP A 227 15.43 -2.12 32.48
C ASP A 227 14.73 -0.76 32.28
N THR A 228 13.38 -0.77 32.09
CA THR A 228 12.56 0.44 31.87
C THR A 228 11.46 0.59 32.93
N GLU A 229 11.09 1.84 33.23
CA GLU A 229 9.99 2.17 34.12
C GLU A 229 9.10 3.19 33.43
N LEU A 230 7.84 2.82 33.22
CA LEU A 230 6.83 3.62 32.58
C LEU A 230 5.72 3.86 33.59
N VAL A 231 5.60 5.10 34.08
CA VAL A 231 4.57 5.43 35.06
C VAL A 231 3.22 5.61 34.34
N GLU A 232 2.13 5.45 35.09
CA GLU A 232 0.77 5.61 34.59
C GLU A 232 0.52 7.08 34.23
N THR A 233 -0.28 7.35 33.18
CA THR A 233 -0.62 8.73 32.78
C THR A 233 -1.36 9.37 33.95
N ARG A 234 -0.91 10.56 34.37
CA ARG A 234 -1.47 11.21 35.55
C ARG A 234 -2.01 12.62 35.25
N PRO A 235 -3.09 13.07 35.92
CA PRO A 235 -3.60 14.42 35.66
C PRO A 235 -2.74 15.50 36.34
N ALA A 236 -2.40 16.56 35.59
CA ALA A 236 -1.63 17.68 36.13
C ALA A 236 -2.51 18.53 37.08
N GLY A 237 -3.82 18.58 36.83
CA GLY A 237 -4.77 19.33 37.64
C GLY A 237 -5.41 20.52 36.95
N ASP A 238 -4.89 20.87 35.75
CA ASP A 238 -5.38 22.00 34.94
C ASP A 238 -6.03 21.50 33.62
N GLY A 239 -6.46 20.24 33.60
CA GLY A 239 -7.08 19.61 32.45
C GLY A 239 -6.08 18.93 31.52
N THR A 240 -4.79 18.98 31.88
CA THR A 240 -3.70 18.41 31.08
C THR A 240 -3.11 17.17 31.80
N PHE A 241 -2.34 16.36 31.06
CA PHE A 241 -1.79 15.14 31.59
C PHE A 241 -0.26 15.08 31.55
N GLN A 242 0.31 14.19 32.36
CA GLN A 242 1.75 13.93 32.48
C GLN A 242 2.04 12.43 32.40
N LYS A 243 3.23 12.09 31.92
CA LYS A 243 3.75 10.72 31.81
C LYS A 243 5.25 10.75 31.60
N TRP A 244 5.98 9.80 32.20
CA TRP A 244 7.41 9.69 31.98
C TRP A 244 7.81 8.22 31.84
N ALA A 245 8.93 7.97 31.15
CA ALA A 245 9.50 6.63 30.97
C ALA A 245 10.99 6.73 31.09
N ALA A 246 11.56 5.98 32.03
CA ALA A 246 13.00 5.99 32.31
C ALA A 246 13.67 4.66 32.04
N VAL A 247 14.93 4.71 31.60
CA VAL A 247 15.75 3.54 31.31
C VAL A 247 17.14 3.72 31.97
N VAL A 248 17.70 2.61 32.48
CA VAL A 248 19.04 2.57 33.10
C VAL A 248 19.99 2.09 32.01
N VAL A 249 20.93 2.96 31.63
CA VAL A 249 21.86 2.70 30.53
C VAL A 249 23.32 2.68 31.05
N PRO A 250 24.23 1.95 30.35
CA PRO A 250 25.65 2.00 30.76
C PRO A 250 26.25 3.36 30.38
N SER A 251 27.10 3.93 31.25
CA SER A 251 27.74 5.23 31.01
C SER A 251 28.62 5.15 29.75
N GLY A 252 28.36 6.07 28.83
CA GLY A 252 29.05 6.14 27.53
C GLY A 252 28.19 5.69 26.37
N GLU A 253 27.12 4.92 26.65
CA GLU A 253 26.20 4.37 25.64
C GLU A 253 24.87 5.15 25.51
N GLU A 254 24.76 6.33 26.16
CA GLU A 254 23.57 7.20 26.19
C GLU A 254 22.96 7.47 24.81
N GLN A 255 23.81 7.76 23.80
CA GLN A 255 23.40 8.13 22.42
C GLN A 255 22.83 6.94 21.60
N ARG A 256 22.95 5.70 22.11
CA ARG A 256 22.40 4.51 21.44
C ARG A 256 20.88 4.41 21.71
N TYR A 257 20.38 5.17 22.71
CA TYR A 257 19.01 5.14 23.18
C TYR A 257 18.19 6.33 22.68
N THR A 258 16.94 6.04 22.26
CA THR A 258 15.97 7.04 21.76
C THR A 258 14.60 6.83 22.37
N CYS A 259 13.89 7.91 22.66
CA CYS A 259 12.53 7.82 23.17
C CYS A 259 11.56 8.30 22.12
N HIS A 260 10.59 7.43 21.77
CA HIS A 260 9.58 7.70 20.77
C HIS A 260 8.28 8.15 21.44
N VAL A 261 7.85 9.39 21.13
CA VAL A 261 6.65 10.01 21.70
C VAL A 261 5.56 10.09 20.65
N GLN A 262 4.46 9.34 20.86
CA GLN A 262 3.29 9.32 19.99
C GLN A 262 2.12 9.97 20.69
N HIS A 263 1.56 11.02 20.07
CA HIS A 263 0.39 11.78 20.54
C HIS A 263 -0.32 12.37 19.33
N GLU A 264 -1.67 12.42 19.32
CA GLU A 264 -2.46 12.95 18.20
C GLU A 264 -2.25 14.48 17.99
N GLY A 265 -1.73 15.17 19.01
CA GLY A 265 -1.41 16.59 18.97
C GLY A 265 -0.07 16.88 18.30
N LEU A 266 0.70 15.82 17.99
CA LEU A 266 2.00 15.92 17.31
C LEU A 266 1.84 15.65 15.81
N PRO A 267 2.37 16.54 14.93
CA PRO A 267 2.24 16.30 13.47
C PRO A 267 3.00 15.03 13.05
N LYS A 268 4.20 14.84 13.60
CA LYS A 268 5.04 13.65 13.41
C LYS A 268 5.51 13.15 14.78
N PRO A 269 5.52 11.81 15.05
CA PRO A 269 6.02 11.33 16.35
C PRO A 269 7.47 11.75 16.57
N LEU A 270 7.76 12.21 17.80
CA LEU A 270 9.08 12.68 18.21
C LEU A 270 10.02 11.53 18.52
N THR A 271 11.31 11.78 18.34
CA THR A 271 12.41 10.87 18.64
C THR A 271 13.46 11.72 19.37
N LEU A 272 13.54 11.56 20.70
CA LEU A 272 14.45 12.31 21.56
C LEU A 272 15.69 11.51 21.87
N ARG A 273 16.84 12.20 21.96
CA ARG A 273 18.15 11.60 22.23
C ARG A 273 18.96 12.46 23.20
N TRP A 274 19.73 11.83 24.08
CA TRP A 274 20.60 12.54 25.02
C TRP A 274 21.96 12.81 24.35
N MET B 1 -13.43 -12.82 48.17
CA MET B 1 -13.54 -11.38 47.91
C MET B 1 -12.19 -10.82 47.44
N ILE B 2 -12.23 -9.76 46.60
CA ILE B 2 -11.03 -9.09 46.06
C ILE B 2 -11.05 -7.60 46.41
N GLN B 3 -9.95 -7.15 47.03
CA GLN B 3 -9.68 -5.77 47.41
C GLN B 3 -8.42 -5.37 46.67
N ARG B 4 -8.42 -4.18 46.07
CA ARG B 4 -7.29 -3.68 45.27
C ARG B 4 -6.52 -2.60 46.00
N THR B 5 -5.20 -2.72 46.01
CA THR B 5 -4.31 -1.78 46.68
C THR B 5 -4.03 -0.60 45.75
N PRO B 6 -4.11 0.66 46.27
CA PRO B 6 -3.88 1.82 45.40
C PRO B 6 -2.45 2.05 44.96
N LYS B 7 -2.31 2.65 43.77
CA LYS B 7 -1.06 3.12 43.17
C LYS B 7 -0.97 4.59 43.55
N ILE B 8 0.18 5.07 43.97
CA ILE B 8 0.34 6.45 44.45
C ILE B 8 1.41 7.18 43.64
N GLN B 9 1.14 8.47 43.32
CA GLN B 9 2.07 9.35 42.59
C GLN B 9 2.02 10.76 43.19
N VAL B 10 3.17 11.23 43.76
CA VAL B 10 3.38 12.57 44.30
C VAL B 10 4.19 13.37 43.30
N TYR B 11 3.65 14.50 42.86
CA TYR B 11 4.23 15.36 41.83
C TYR B 11 3.63 16.77 41.92
N SER B 12 4.20 17.69 41.14
CA SER B 12 3.79 19.09 41.02
C SER B 12 3.09 19.31 39.67
N ARG B 13 2.18 20.31 39.59
CA ARG B 13 1.43 20.64 38.38
C ARG B 13 2.35 21.13 37.25
N HIS B 14 3.36 21.94 37.59
CA HIS B 14 4.34 22.49 36.66
C HIS B 14 5.76 22.13 37.13
N PRO B 15 6.80 22.17 36.24
CA PRO B 15 8.17 21.86 36.72
C PRO B 15 8.56 22.83 37.85
N ALA B 16 8.88 22.26 39.03
CA ALA B 16 9.13 22.99 40.27
C ALA B 16 10.33 23.97 40.23
N GLU B 17 9.99 25.27 40.21
CA GLU B 17 10.95 26.37 40.28
C GLU B 17 11.07 26.72 41.76
N ASN B 18 12.20 26.35 42.38
CA ASN B 18 12.46 26.54 43.81
C ASN B 18 12.27 28.01 44.21
N GLY B 19 11.18 28.26 44.92
CA GLY B 19 10.75 29.58 45.38
C GLY B 19 9.49 30.11 44.72
N LYS B 20 8.93 29.37 43.72
CA LYS B 20 7.75 29.81 42.98
C LYS B 20 6.50 28.96 43.25
N SER B 21 5.37 29.66 43.48
CA SER B 21 4.03 29.15 43.76
C SER B 21 3.62 28.05 42.76
N ASN B 22 3.08 26.94 43.30
CA ASN B 22 2.69 25.76 42.54
C ASN B 22 1.58 24.96 43.26
N PHE B 23 1.25 23.77 42.72
CA PHE B 23 0.29 22.84 43.30
C PHE B 23 0.94 21.49 43.55
N LEU B 24 0.77 20.96 44.75
CA LEU B 24 1.31 19.64 45.09
C LEU B 24 0.17 18.60 44.90
N ASN B 25 0.37 17.65 43.97
CA ASN B 25 -0.59 16.61 43.61
C ASN B 25 -0.27 15.25 44.16
N CYS B 26 -1.33 14.50 44.50
CA CYS B 26 -1.21 13.11 44.89
C CYS B 26 -2.30 12.33 44.20
N TYR B 27 -1.90 11.57 43.17
CA TYR B 27 -2.78 10.75 42.37
C TYR B 27 -2.84 9.35 42.93
N VAL B 28 -4.04 8.92 43.30
CA VAL B 28 -4.30 7.59 43.82
C VAL B 28 -5.19 6.89 42.80
N SER B 29 -4.82 5.67 42.40
CA SER B 29 -5.54 4.91 41.39
C SER B 29 -5.42 3.41 41.63
N GLY B 30 -6.30 2.65 40.99
CA GLY B 30 -6.31 1.19 41.04
C GLY B 30 -6.75 0.57 42.34
N PHE B 31 -7.58 1.27 43.12
CA PHE B 31 -8.04 0.79 44.43
C PHE B 31 -9.52 0.45 44.50
N HIS B 32 -9.86 -0.42 45.45
CA HIS B 32 -11.20 -0.87 45.75
C HIS B 32 -11.24 -1.40 47.19
N PRO B 33 -12.16 -0.96 48.08
CA PRO B 33 -13.27 0.02 47.87
C PRO B 33 -12.78 1.46 47.75
N SER B 34 -13.73 2.38 47.48
CA SER B 34 -13.54 3.82 47.28
C SER B 34 -13.11 4.55 48.54
N ASP B 35 -13.37 3.98 49.73
CA ASP B 35 -13.03 4.58 51.02
C ASP B 35 -11.51 4.67 51.17
N ILE B 36 -10.97 5.89 51.02
CA ILE B 36 -9.53 6.16 51.09
C ILE B 36 -9.24 7.40 51.97
N GLU B 37 -8.03 7.46 52.55
CA GLU B 37 -7.52 8.55 53.37
C GLU B 37 -6.23 9.05 52.73
N VAL B 38 -6.27 10.25 52.13
CA VAL B 38 -5.11 10.85 51.45
C VAL B 38 -4.77 12.21 52.07
N ASP B 39 -3.55 12.32 52.67
CA ASP B 39 -3.03 13.53 53.30
C ASP B 39 -1.75 14.00 52.61
N LEU B 40 -1.52 15.30 52.60
CA LEU B 40 -0.33 15.92 52.04
C LEU B 40 0.41 16.55 53.18
N LEU B 41 1.68 16.16 53.35
CA LEU B 41 2.53 16.62 54.45
C LEU B 41 3.66 17.55 54.00
N LYS B 42 4.00 18.48 54.90
CA LYS B 42 5.10 19.43 54.79
C LYS B 42 5.97 19.20 56.03
N ASN B 43 7.10 18.51 55.84
CA ASN B 43 8.08 18.09 56.86
C ASN B 43 7.39 17.23 57.95
N GLY B 44 6.57 16.28 57.50
CA GLY B 44 5.87 15.34 58.36
C GLY B 44 4.58 15.82 58.98
N GLU B 45 4.16 17.08 58.68
CA GLU B 45 2.94 17.66 59.23
C GLU B 45 1.90 17.93 58.14
N ARG B 46 0.66 17.44 58.37
CA ARG B 46 -0.51 17.53 57.50
C ARG B 46 -0.93 18.99 57.23
N ILE B 47 -1.18 19.30 55.94
CA ILE B 47 -1.67 20.59 55.42
C ILE B 47 -3.21 20.51 55.44
N GLU B 48 -3.89 21.61 55.82
CA GLU B 48 -5.35 21.61 55.98
C GLU B 48 -6.16 22.16 54.78
N LYS B 49 -5.52 22.87 53.85
CA LYS B 49 -6.22 23.47 52.69
C LYS B 49 -6.24 22.49 51.49
N VAL B 50 -6.28 21.18 51.77
CA VAL B 50 -6.24 20.12 50.75
C VAL B 50 -7.66 19.87 50.20
N GLU B 51 -7.75 19.83 48.87
CA GLU B 51 -8.96 19.57 48.11
C GLU B 51 -8.76 18.28 47.31
N HIS B 52 -9.84 17.74 46.72
CA HIS B 52 -9.76 16.54 45.91
C HIS B 52 -10.83 16.52 44.82
N SER B 53 -10.51 15.82 43.73
CA SER B 53 -11.36 15.64 42.56
C SER B 53 -12.60 14.80 42.91
N ASP B 54 -13.56 14.72 41.99
CA ASP B 54 -14.76 13.92 42.21
C ASP B 54 -14.45 12.45 41.88
N LEU B 55 -14.87 11.54 42.75
CA LEU B 55 -14.62 10.10 42.61
C LEU B 55 -15.12 9.53 41.28
N SER B 56 -14.20 8.87 40.56
CA SER B 56 -14.47 8.23 39.27
C SER B 56 -13.74 6.89 39.20
N PHE B 57 -13.93 6.11 38.11
CA PHE B 57 -13.27 4.81 38.03
C PHE B 57 -12.80 4.44 36.60
N SER B 58 -11.92 3.41 36.54
CA SER B 58 -11.37 2.84 35.31
C SER B 58 -12.31 1.77 34.74
N LYS B 59 -11.95 1.17 33.57
CA LYS B 59 -12.75 0.14 32.90
C LYS B 59 -12.77 -1.16 33.70
N ASP B 60 -11.70 -1.41 34.48
CA ASP B 60 -11.54 -2.57 35.36
C ASP B 60 -12.26 -2.34 36.71
N TRP B 61 -12.97 -1.19 36.85
CA TRP B 61 -13.81 -0.73 37.99
C TRP B 61 -13.03 -0.05 39.13
N SER B 62 -11.70 -0.12 39.11
CA SER B 62 -10.89 0.46 40.18
C SER B 62 -11.00 1.98 40.18
N PHE B 63 -11.07 2.56 41.38
CA PHE B 63 -11.25 3.99 41.58
C PHE B 63 -9.98 4.81 41.45
N TYR B 64 -10.14 6.12 41.17
CA TYR B 64 -9.05 7.07 41.07
C TYR B 64 -9.45 8.46 41.59
N LEU B 65 -8.51 9.11 42.30
CA LEU B 65 -8.68 10.44 42.87
C LEU B 65 -7.42 11.26 42.78
N LEU B 66 -7.58 12.58 42.59
CA LEU B 66 -6.48 13.54 42.60
C LEU B 66 -6.69 14.48 43.78
N TYR B 67 -5.71 14.49 44.69
CA TYR B 67 -5.67 15.38 45.86
C TYR B 67 -4.67 16.46 45.55
N TYR B 68 -5.01 17.72 45.84
CA TYR B 68 -4.15 18.86 45.52
C TYR B 68 -4.24 19.96 46.56
N THR B 69 -3.12 20.70 46.70
CA THR B 69 -2.98 21.81 47.64
C THR B 69 -1.96 22.80 47.07
N GLU B 70 -2.09 24.07 47.45
CA GLU B 70 -1.18 25.15 47.06
C GLU B 70 0.11 24.96 47.85
N PHE B 71 1.26 25.01 47.16
CA PHE B 71 2.55 24.82 47.81
C PHE B 71 3.65 25.65 47.12
N THR B 72 4.68 26.03 47.89
CA THR B 72 5.79 26.81 47.36
C THR B 72 7.09 25.99 47.54
N PRO B 73 7.53 25.26 46.48
CA PRO B 73 8.75 24.45 46.59
C PRO B 73 10.02 25.24 46.86
N THR B 74 10.91 24.66 47.66
CA THR B 74 12.23 25.15 48.03
C THR B 74 13.19 23.97 48.07
N GLU B 75 14.51 24.21 48.11
CA GLU B 75 15.47 23.10 48.19
C GLU B 75 15.91 22.92 49.65
N LYS B 76 14.91 22.74 50.55
CA LYS B 76 15.07 22.55 52.00
C LYS B 76 13.83 21.86 52.62
N ASP B 77 12.60 22.25 52.20
CA ASP B 77 11.35 21.68 52.71
C ASP B 77 11.08 20.30 52.14
N GLU B 78 10.69 19.34 53.00
CA GLU B 78 10.40 17.96 52.60
C GLU B 78 8.89 17.73 52.50
N TYR B 79 8.42 17.42 51.28
CA TYR B 79 7.01 17.17 51.00
C TYR B 79 6.76 15.70 50.74
N ALA B 80 5.65 15.18 51.26
CA ALA B 80 5.25 13.79 51.12
C ALA B 80 3.72 13.63 51.07
N CYS B 81 3.24 12.40 50.84
CA CYS B 81 1.80 12.15 50.87
C CYS B 81 1.51 10.87 51.62
N ARG B 82 0.65 10.98 52.64
CA ARG B 82 0.25 9.87 53.49
C ARG B 82 -1.01 9.26 52.93
N VAL B 83 -0.97 7.96 52.65
CA VAL B 83 -2.16 7.31 52.10
C VAL B 83 -2.50 6.08 52.94
N ASN B 84 -3.75 6.04 53.41
CA ASN B 84 -4.28 4.93 54.18
C ASN B 84 -5.51 4.35 53.47
N HIS B 85 -5.55 3.01 53.39
CA HIS B 85 -6.61 2.23 52.76
C HIS B 85 -6.71 0.91 53.48
N VAL B 86 -7.88 0.25 53.43
CA VAL B 86 -8.15 -1.05 54.06
C VAL B 86 -7.14 -2.14 53.59
N THR B 87 -6.52 -1.98 52.40
CA THR B 87 -5.52 -2.90 51.86
C THR B 87 -4.16 -2.69 52.52
N LEU B 88 -3.95 -1.51 53.12
CA LEU B 88 -2.71 -1.14 53.78
C LEU B 88 -2.83 -1.29 55.30
N SER B 89 -2.00 -2.18 55.87
CA SER B 89 -1.91 -2.46 57.31
C SER B 89 -1.43 -1.22 58.06
N GLN B 90 -0.53 -0.43 57.43
CA GLN B 90 0.01 0.82 57.97
C GLN B 90 -0.02 1.92 56.88
N PRO B 91 -0.29 3.21 57.21
CA PRO B 91 -0.27 4.27 56.18
C PRO B 91 1.02 4.27 55.35
N LYS B 92 0.90 4.55 54.05
CA LYS B 92 2.07 4.56 53.20
C LYS B 92 2.45 6.00 52.93
N ILE B 93 3.73 6.33 53.14
CA ILE B 93 4.26 7.68 52.92
C ILE B 93 5.16 7.65 51.71
N VAL B 94 4.80 8.44 50.68
CA VAL B 94 5.60 8.56 49.48
C VAL B 94 6.06 10.02 49.39
N LYS B 95 7.39 10.23 49.45
CA LYS B 95 7.99 11.55 49.39
C LYS B 95 8.03 12.10 47.98
N TRP B 96 7.90 13.44 47.87
CA TRP B 96 7.89 14.17 46.61
C TRP B 96 9.30 14.40 46.10
N ASP B 97 9.48 14.16 44.81
CA ASP B 97 10.72 14.29 44.06
C ASP B 97 10.41 15.06 42.79
N ARG B 98 10.98 16.26 42.65
CA ARG B 98 10.78 17.11 41.48
C ARG B 98 11.68 16.63 40.35
N ASP B 99 12.99 16.46 40.68
CA ASP B 99 14.15 16.16 39.86
C ASP B 99 14.14 14.77 39.21
N MET B 100 12.95 14.27 38.88
CA MET B 100 12.88 12.99 38.18
C MET B 100 13.31 13.27 36.73
N GLY C 1 16.87 58.87 2.34
CA GLY C 1 17.59 59.75 3.25
C GLY C 1 18.45 59.00 4.24
N SER C 2 17.98 58.91 5.51
CA SER C 2 18.67 58.24 6.62
C SER C 2 18.44 56.72 6.61
N HIS C 3 19.50 55.97 6.92
CA HIS C 3 19.45 54.50 6.93
C HIS C 3 19.93 53.91 8.26
N SER C 4 19.59 52.63 8.50
CA SER C 4 19.97 51.92 9.73
C SER C 4 20.33 50.47 9.51
N MET C 5 21.28 49.97 10.31
CA MET C 5 21.69 48.58 10.35
C MET C 5 21.46 48.08 11.76
N ARG C 6 20.67 47.00 11.91
CA ARG C 6 20.36 46.44 13.22
C ARG C 6 20.64 44.97 13.26
N TYR C 7 21.14 44.49 14.40
CA TYR C 7 21.41 43.09 14.65
C TYR C 7 20.61 42.63 15.87
N PHE C 8 19.78 41.57 15.69
CA PHE C 8 18.92 41.04 16.75
C PHE C 8 19.35 39.62 17.07
N PHE C 9 19.79 39.41 18.32
CA PHE C 9 20.29 38.12 18.84
C PHE C 9 19.38 37.56 19.92
N THR C 10 19.05 36.28 19.80
CA THR C 10 18.22 35.60 20.79
C THR C 10 18.89 34.30 21.21
N SER C 11 18.99 34.11 22.53
CA SER C 11 19.56 32.92 23.15
C SER C 11 18.55 32.39 24.19
N VAL C 12 18.05 31.16 23.97
CA VAL C 12 17.07 30.51 24.84
C VAL C 12 17.64 29.21 25.43
N SER C 13 17.74 29.17 26.77
CA SER C 13 18.25 27.99 27.47
C SER C 13 17.21 26.87 27.41
N ARG C 14 17.66 25.66 27.03
CA ARG C 14 16.78 24.49 26.94
C ARG C 14 17.23 23.48 28.02
N PRO C 15 16.58 23.51 29.22
CA PRO C 15 16.99 22.61 30.31
C PRO C 15 16.80 21.13 29.94
N GLY C 16 15.93 20.89 28.97
CA GLY C 16 15.66 19.55 28.44
C GLY C 16 16.53 19.25 27.25
N ARG C 17 17.80 18.85 27.52
CA ARG C 17 18.87 18.44 26.60
C ARG C 17 19.23 19.51 25.55
N GLY C 18 20.51 19.56 25.22
CA GLY C 18 21.05 20.45 24.21
C GLY C 18 21.50 21.77 24.79
N GLU C 19 22.52 22.35 24.17
CA GLU C 19 23.07 23.64 24.53
C GLU C 19 22.05 24.71 24.11
N PRO C 20 21.97 25.88 24.77
CA PRO C 20 20.93 26.87 24.40
C PRO C 20 20.90 27.22 22.92
N ARG C 21 19.68 27.36 22.35
CA ARG C 21 19.48 27.75 20.96
C ARG C 21 19.85 29.23 20.80
N PHE C 22 20.63 29.52 19.78
CA PHE C 22 21.07 30.87 19.44
C PHE C 22 20.62 31.22 18.01
N ILE C 23 19.82 32.30 17.89
CA ILE C 23 19.32 32.80 16.62
C ILE C 23 19.82 34.24 16.46
N ALA C 24 20.35 34.56 15.28
CA ALA C 24 20.86 35.88 14.94
C ALA C 24 20.33 36.33 13.59
N VAL C 25 19.84 37.58 13.52
CA VAL C 25 19.32 38.18 12.29
C VAL C 25 19.94 39.58 12.11
N GLY C 26 20.15 39.95 10.85
CA GLY C 26 20.70 41.23 10.46
C GLY C 26 19.79 41.96 9.50
N TYR C 27 19.51 43.23 9.79
CA TYR C 27 18.64 44.08 8.97
C TYR C 27 19.34 45.34 8.51
N VAL C 28 19.02 45.75 7.27
CA VAL C 28 19.39 47.03 6.66
C VAL C 28 18.03 47.65 6.41
N ASP C 29 17.66 48.58 7.30
CA ASP C 29 16.34 49.23 7.35
C ASP C 29 15.30 48.14 7.66
N ASP C 30 14.38 47.84 6.75
CA ASP C 30 13.34 46.82 6.93
C ASP C 30 13.66 45.54 6.12
N THR C 31 14.90 45.37 5.64
CA THR C 31 15.32 44.23 4.83
C THR C 31 16.35 43.35 5.54
N GLN C 32 16.01 42.06 5.71
CA GLN C 32 16.91 41.07 6.32
C GLN C 32 17.97 40.68 5.29
N PHE C 33 19.22 40.51 5.74
CA PHE C 33 20.30 40.17 4.83
C PHE C 33 21.15 38.98 5.31
N VAL C 34 21.25 38.78 6.64
CA VAL C 34 22.03 37.66 7.19
C VAL C 34 21.23 36.90 8.27
N ARG C 35 21.64 35.64 8.54
CA ARG C 35 21.02 34.79 9.55
C ARG C 35 22.03 33.74 10.07
N PHE C 36 21.87 33.38 11.35
CA PHE C 36 22.66 32.35 12.01
C PHE C 36 21.74 31.56 12.94
N ASP C 37 21.64 30.24 12.72
CA ASP C 37 20.84 29.38 13.58
C ASP C 37 21.70 28.19 14.04
N SER C 38 21.81 28.01 15.37
CA SER C 38 22.56 26.91 15.98
C SER C 38 21.95 25.56 15.61
N ASP C 39 20.59 25.50 15.52
CA ASP C 39 19.84 24.29 15.15
C ASP C 39 20.05 23.88 13.69
N ALA C 40 20.30 24.86 12.79
CA ALA C 40 20.55 24.64 11.36
C ALA C 40 21.88 23.91 11.14
N ALA C 41 21.91 23.00 10.14
CA ALA C 41 23.07 22.16 9.80
C ALA C 41 24.28 22.95 9.27
N SER C 42 24.06 24.18 8.74
CA SER C 42 25.08 25.05 8.15
C SER C 42 26.20 25.42 9.13
N GLN C 43 25.82 25.99 10.31
CA GLN C 43 26.72 26.48 11.38
C GLN C 43 27.49 27.71 10.89
N LYS C 44 27.01 28.33 9.81
CA LYS C 44 27.62 29.50 9.17
C LYS C 44 26.64 30.67 9.09
N MET C 45 27.17 31.91 9.00
CA MET C 45 26.35 33.09 8.78
C MET C 45 25.84 32.97 7.34
N GLU C 46 24.53 32.78 7.20
CA GLU C 46 23.88 32.52 5.91
C GLU C 46 23.30 33.78 5.25
N PRO C 47 23.47 33.95 3.91
CA PRO C 47 22.87 35.13 3.23
C PRO C 47 21.36 34.98 3.04
N ARG C 48 20.61 36.09 3.19
CA ARG C 48 19.15 36.13 3.03
C ARG C 48 18.72 37.22 2.04
N ALA C 49 19.69 37.95 1.49
CA ALA C 49 19.50 38.99 0.49
C ALA C 49 20.37 38.71 -0.74
N PRO C 50 19.90 38.95 -1.98
CA PRO C 50 20.75 38.65 -3.15
C PRO C 50 21.98 39.57 -3.28
N TRP C 51 21.88 40.82 -2.82
CA TRP C 51 22.96 41.80 -2.91
C TRP C 51 24.10 41.55 -1.91
N ILE C 52 23.84 40.85 -0.79
CA ILE C 52 24.88 40.54 0.19
C ILE C 52 25.74 39.34 -0.28
N GLU C 53 25.20 38.51 -1.21
CA GLU C 53 25.87 37.33 -1.80
C GLU C 53 27.16 37.70 -2.56
N GLN C 54 27.34 39.00 -2.88
CA GLN C 54 28.50 39.57 -3.58
C GLN C 54 29.76 39.57 -2.71
N GLU C 55 29.60 39.42 -1.37
CA GLU C 55 30.70 39.44 -0.40
C GLU C 55 31.60 38.21 -0.55
N GLY C 56 32.88 38.42 -0.30
CA GLY C 56 33.91 37.39 -0.39
C GLY C 56 33.82 36.30 0.67
N PRO C 57 34.60 35.21 0.51
CA PRO C 57 34.56 34.13 1.51
C PRO C 57 35.19 34.52 2.86
N GLU C 58 36.08 35.54 2.88
CA GLU C 58 36.71 36.05 4.10
C GLU C 58 35.65 36.73 4.99
N TYR C 59 34.64 37.35 4.35
CA TYR C 59 33.51 38.00 5.00
C TYR C 59 32.65 36.97 5.75
N TRP C 60 32.28 35.86 5.08
CA TRP C 60 31.43 34.80 5.64
C TRP C 60 32.14 34.00 6.73
N ASP C 61 33.46 33.80 6.58
CA ASP C 61 34.32 33.11 7.55
C ASP C 61 34.46 33.92 8.83
N GLN C 62 34.61 35.25 8.70
CA GLN C 62 34.74 36.20 9.81
C GLN C 62 33.44 36.31 10.59
N GLU C 63 32.31 36.44 9.87
CA GLU C 63 30.97 36.61 10.44
C GLU C 63 30.53 35.37 11.21
N THR C 64 30.93 34.17 10.76
CA THR C 64 30.65 32.89 11.41
C THR C 64 31.43 32.80 12.74
N ARG C 65 32.72 33.22 12.74
CA ARG C 65 33.60 33.25 13.91
C ARG C 65 33.00 34.12 15.02
N ASN C 66 32.44 35.28 14.61
CA ASN C 66 31.78 36.24 15.52
C ASN C 66 30.52 35.63 16.12
N MET C 67 29.75 34.85 15.33
CA MET C 67 28.49 34.21 15.74
C MET C 67 28.72 33.06 16.72
N LYS C 68 29.84 32.32 16.56
CA LYS C 68 30.23 31.23 17.45
C LYS C 68 30.65 31.81 18.81
N ALA C 69 31.42 32.92 18.79
CA ALA C 69 31.87 33.64 19.97
C ALA C 69 30.66 34.30 20.69
N HIS C 70 29.69 34.79 19.90
CA HIS C 70 28.44 35.40 20.37
C HIS C 70 27.59 34.36 21.12
N SER C 71 27.42 33.15 20.55
CA SER C 71 26.63 32.07 21.14
C SER C 71 27.26 31.53 22.43
N GLN C 72 28.59 31.31 22.44
CA GLN C 72 29.33 30.79 23.60
C GLN C 72 29.26 31.78 24.77
N THR C 73 29.37 33.10 24.50
CA THR C 73 29.30 34.15 25.52
C THR C 73 27.87 34.18 26.10
N ASP C 74 26.86 34.04 25.22
CA ASP C 74 25.44 34.00 25.59
C ASP C 74 25.13 32.79 26.48
N ARG C 75 25.70 31.61 26.15
CA ARG C 75 25.53 30.36 26.90
C ARG C 75 26.16 30.48 28.31
N ALA C 76 27.28 31.23 28.42
CA ALA C 76 27.97 31.45 29.70
C ALA C 76 27.22 32.49 30.52
N ASN C 77 26.68 33.52 29.84
CA ASN C 77 25.94 34.62 30.47
C ASN C 77 24.60 34.15 31.02
N LEU C 78 23.98 33.13 30.40
CA LEU C 78 22.73 32.53 30.89
C LEU C 78 22.96 31.89 32.29
N GLY C 79 24.12 31.24 32.47
CA GLY C 79 24.52 30.65 33.74
C GLY C 79 24.88 31.71 34.77
N THR C 80 25.53 32.80 34.34
CA THR C 80 25.94 33.91 35.20
C THR C 80 24.70 34.64 35.75
N LEU C 81 23.67 34.84 34.90
CA LEU C 81 22.43 35.50 35.26
C LEU C 81 21.52 34.67 36.17
N ARG C 82 21.54 33.32 36.06
CA ARG C 82 20.70 32.49 36.96
C ARG C 82 21.25 32.53 38.41
N GLY C 83 22.55 32.80 38.56
CA GLY C 83 23.18 32.98 39.87
C GLY C 83 22.87 34.35 40.44
N TYR C 84 22.84 35.38 39.57
CA TYR C 84 22.55 36.78 39.92
C TYR C 84 21.12 36.95 40.45
N TYR C 85 20.16 36.24 39.84
CA TYR C 85 18.75 36.31 40.20
C TYR C 85 18.33 35.14 41.10
N ASN C 86 19.29 34.27 41.50
CA ASN C 86 19.13 33.08 42.36
C ASN C 86 18.02 32.15 41.83
N GLN C 87 18.14 31.77 40.54
CA GLN C 87 17.21 30.89 39.84
C GLN C 87 17.82 29.51 39.62
N SER C 88 16.94 28.49 39.53
CA SER C 88 17.33 27.09 39.33
C SER C 88 17.64 26.77 37.85
N GLU C 89 18.30 25.62 37.60
CA GLU C 89 18.71 25.15 36.28
C GLU C 89 17.57 24.46 35.49
N ASP C 90 16.41 24.24 36.13
CA ASP C 90 15.26 23.57 35.50
C ASP C 90 14.40 24.53 34.67
N GLY C 91 14.53 25.83 34.92
CA GLY C 91 13.78 26.85 34.20
C GLY C 91 14.46 27.32 32.93
N SER C 92 13.65 27.63 31.89
CA SER C 92 14.12 28.14 30.60
C SER C 92 14.17 29.65 30.63
N HIS C 93 15.33 30.24 30.29
CA HIS C 93 15.54 31.69 30.31
C HIS C 93 16.06 32.20 28.97
N THR C 94 15.86 33.51 28.71
CA THR C 94 16.23 34.14 27.44
C THR C 94 17.10 35.38 27.62
N ILE C 95 18.12 35.50 26.76
CA ILE C 95 18.98 36.68 26.63
C ILE C 95 18.74 37.23 25.23
N GLN C 96 18.39 38.52 25.15
CA GLN C 96 18.19 39.22 23.89
C GLN C 96 19.16 40.38 23.81
N ILE C 97 19.79 40.56 22.64
CA ILE C 97 20.75 41.64 22.38
C ILE C 97 20.35 42.35 21.10
N MET C 98 20.48 43.68 21.13
CA MET C 98 20.26 44.56 20.01
C MET C 98 21.42 45.53 19.95
N TYR C 99 21.99 45.68 18.75
CA TYR C 99 23.02 46.66 18.46
C TYR C 99 23.01 47.01 16.95
N GLY C 100 23.47 48.22 16.67
CA GLY C 100 23.53 48.76 15.32
C GLY C 100 23.85 50.24 15.27
N CYS C 101 23.68 50.83 14.09
CA CYS C 101 23.99 52.24 13.87
C CYS C 101 23.05 52.87 12.85
N ASP C 102 22.95 54.21 12.94
CA ASP C 102 22.19 55.08 12.04
C ASP C 102 23.16 55.95 11.25
N VAL C 103 22.94 56.07 9.94
CA VAL C 103 23.76 56.93 9.07
C VAL C 103 22.85 57.92 8.36
N GLY C 104 23.40 59.09 8.02
CA GLY C 104 22.70 60.13 7.29
C GLY C 104 22.65 59.86 5.80
N PRO C 105 22.12 60.81 5.00
CA PRO C 105 22.05 60.60 3.55
C PRO C 105 23.44 60.55 2.89
N ASP C 106 24.43 61.25 3.50
CA ASP C 106 25.82 61.32 3.05
C ASP C 106 26.65 60.10 3.51
N GLY C 107 26.09 59.32 4.43
CA GLY C 107 26.72 58.13 4.98
C GLY C 107 27.49 58.37 6.28
N ARG C 108 27.30 59.54 6.89
CA ARG C 108 27.99 59.88 8.13
C ARG C 108 27.17 59.40 9.34
N PHE C 109 27.87 59.00 10.41
CA PHE C 109 27.32 58.48 11.67
C PHE C 109 26.31 59.45 12.29
N LEU C 110 25.18 58.91 12.75
CA LEU C 110 24.12 59.68 13.39
C LEU C 110 23.94 59.22 14.83
N ARG C 111 23.68 57.91 15.02
CA ARG C 111 23.45 57.25 16.31
C ARG C 111 24.00 55.83 16.34
N GLY C 112 24.38 55.38 17.54
CA GLY C 112 24.84 54.02 17.84
C GLY C 112 24.01 53.43 18.98
N TYR C 113 23.75 52.13 18.94
CA TYR C 113 22.91 51.48 19.96
C TYR C 113 23.50 50.15 20.44
N ARG C 114 23.26 49.82 21.72
CA ARG C 114 23.67 48.57 22.39
C ARG C 114 22.76 48.35 23.59
N GLN C 115 21.87 47.35 23.47
CA GLN C 115 20.87 47.02 24.47
C GLN C 115 20.76 45.51 24.74
N ASP C 116 20.62 45.13 26.02
CA ASP C 116 20.50 43.73 26.45
C ASP C 116 19.27 43.51 27.33
N ALA C 117 18.66 42.33 27.20
CA ALA C 117 17.46 41.97 27.96
C ALA C 117 17.54 40.57 28.54
N TYR C 118 16.97 40.39 29.74
CA TYR C 118 16.88 39.09 30.39
C TYR C 118 15.41 38.84 30.66
N ASP C 119 14.88 37.75 30.05
CA ASP C 119 13.49 37.30 30.11
C ASP C 119 12.51 38.41 29.66
N GLY C 120 12.86 39.08 28.55
CA GLY C 120 12.08 40.15 27.92
C GLY C 120 11.98 41.45 28.69
N LYS C 121 12.89 41.64 29.66
CA LYS C 121 12.98 42.82 30.51
C LYS C 121 14.36 43.42 30.38
N ASP C 122 14.45 44.75 30.38
CA ASP C 122 15.71 45.49 30.30
C ASP C 122 16.72 45.00 31.32
N TYR C 123 17.96 44.80 30.89
CA TYR C 123 19.05 44.39 31.76
C TYR C 123 20.08 45.51 31.79
N ILE C 124 20.89 45.64 30.72
CA ILE C 124 21.91 46.67 30.60
C ILE C 124 21.83 47.31 29.20
N ALA C 125 22.07 48.63 29.14
CA ALA C 125 22.03 49.38 27.90
C ALA C 125 23.08 50.46 27.87
N LEU C 126 23.65 50.70 26.68
CA LEU C 126 24.61 51.77 26.45
C LEU C 126 23.83 53.04 26.19
N ASN C 127 24.20 54.11 26.92
CA ASN C 127 23.60 55.45 26.88
C ASN C 127 23.74 56.08 25.47
N GLU C 128 23.00 57.20 25.28
CA GLU C 128 22.97 58.01 24.06
C GLU C 128 24.38 58.52 23.69
N ASP C 129 25.16 58.97 24.70
CA ASP C 129 26.50 59.53 24.56
C ASP C 129 27.60 58.46 24.27
N LEU C 130 27.26 57.15 24.37
CA LEU C 130 28.14 55.98 24.11
C LEU C 130 29.34 55.96 25.10
N ARG C 131 29.18 56.58 26.28
CA ARG C 131 30.23 56.73 27.31
C ARG C 131 29.85 56.07 28.64
N SER C 132 28.53 55.93 28.92
CA SER C 132 28.01 55.34 30.16
C SER C 132 26.97 54.26 29.88
N TRP C 133 26.62 53.51 30.94
CA TRP C 133 25.64 52.43 30.89
C TRP C 133 24.43 52.72 31.76
N THR C 134 23.31 52.07 31.44
CA THR C 134 22.07 52.13 32.19
C THR C 134 21.79 50.71 32.67
N ALA C 135 21.90 50.51 33.99
CA ALA C 135 21.63 49.23 34.67
C ALA C 135 20.20 49.27 35.19
N ALA C 136 19.37 48.33 34.73
CA ALA C 136 17.94 48.29 35.06
C ALA C 136 17.69 47.89 36.51
N ASP C 137 18.38 46.85 37.01
CA ASP C 137 18.20 46.38 38.38
C ASP C 137 19.53 46.25 39.13
N MET C 138 19.47 45.73 40.37
CA MET C 138 20.60 45.49 41.27
C MET C 138 21.63 44.52 40.64
N ALA C 139 21.14 43.47 39.94
CA ALA C 139 21.97 42.46 39.27
C ALA C 139 22.71 43.06 38.08
N ALA C 140 22.07 44.02 37.39
CA ALA C 140 22.64 44.73 36.24
C ALA C 140 23.73 45.72 36.70
N GLN C 141 23.69 46.15 37.99
CA GLN C 141 24.68 47.04 38.60
C GLN C 141 26.04 46.35 38.75
N ILE C 142 26.04 45.01 38.89
CA ILE C 142 27.23 44.16 39.05
C ILE C 142 27.98 44.08 37.71
N THR C 143 27.24 43.87 36.60
CA THR C 143 27.76 43.79 35.23
C THR C 143 28.28 45.17 34.78
N LYS C 144 27.59 46.27 35.18
CA LYS C 144 27.94 47.67 34.90
C LYS C 144 29.32 48.02 35.46
N ARG C 145 29.58 47.65 36.73
CA ARG C 145 30.85 47.89 37.44
C ARG C 145 32.00 47.15 36.76
N LYS C 146 31.72 45.90 36.32
CA LYS C 146 32.61 44.99 35.61
C LYS C 146 33.04 45.59 34.27
N TRP C 147 32.09 46.19 33.53
CA TRP C 147 32.25 46.80 32.23
C TRP C 147 32.88 48.19 32.31
N GLU C 148 32.65 48.91 33.43
CA GLU C 148 33.25 50.23 33.65
C GLU C 148 34.73 50.09 33.93
N ALA C 149 35.09 49.02 34.67
CA ALA C 149 36.47 48.70 35.05
C ALA C 149 37.31 48.32 33.84
N VAL C 150 36.67 47.71 32.82
CA VAL C 150 37.36 47.26 31.60
C VAL C 150 37.14 48.24 30.41
N HIS C 151 36.44 49.37 30.66
CA HIS C 151 36.12 50.45 29.70
C HIS C 151 35.48 49.88 28.41
N ALA C 152 34.39 49.10 28.62
CA ALA C 152 33.61 48.40 27.58
C ALA C 152 32.90 49.37 26.64
N ALA C 153 32.39 50.52 27.18
CA ALA C 153 31.66 51.56 26.45
C ALA C 153 32.49 52.10 25.29
N GLU C 154 33.79 52.32 25.51
CA GLU C 154 34.74 52.81 24.51
C GLU C 154 34.93 51.79 23.38
N GLN C 155 35.00 50.50 23.74
CA GLN C 155 35.19 49.39 22.79
C GLN C 155 33.94 49.17 21.93
N ARG C 156 32.76 49.46 22.51
CA ARG C 156 31.50 49.36 21.80
C ARG C 156 31.40 50.55 20.85
N ARG C 157 31.80 51.77 21.31
CA ARG C 157 31.82 53.05 20.57
C ARG C 157 32.70 52.96 19.31
N VAL C 158 33.87 52.26 19.41
CA VAL C 158 34.83 52.06 18.32
C VAL C 158 34.20 51.17 17.22
N TYR C 159 33.38 50.18 17.61
CA TYR C 159 32.67 49.31 16.66
C TYR C 159 31.56 50.09 15.95
N LEU C 160 30.67 50.74 16.74
CA LEU C 160 29.48 51.47 16.27
C LEU C 160 29.81 52.62 15.32
N GLU C 161 30.94 53.34 15.56
CA GLU C 161 31.43 54.47 14.76
C GLU C 161 32.44 54.03 13.68
N GLY C 162 32.85 52.76 13.69
CA GLY C 162 33.82 52.18 12.77
C GLY C 162 33.25 51.14 11.82
N ARG C 163 33.51 49.84 12.15
CA ARG C 163 33.09 48.63 11.42
C ARG C 163 31.60 48.64 11.04
N CYS C 164 30.76 49.19 11.91
CA CYS C 164 29.32 49.28 11.76
C CYS C 164 28.92 50.21 10.60
N VAL C 165 29.48 51.44 10.57
CA VAL C 165 29.22 52.47 9.56
C VAL C 165 29.81 52.04 8.21
N ASP C 166 31.11 51.59 8.20
CA ASP C 166 31.84 51.11 7.02
C ASP C 166 31.14 49.92 6.33
N GLY C 167 30.47 49.10 7.13
CA GLY C 167 29.70 47.96 6.68
C GLY C 167 28.38 48.37 6.06
N LEU C 168 27.61 49.21 6.80
CA LEU C 168 26.33 49.76 6.36
C LEU C 168 26.49 50.57 5.07
N ARG C 169 27.55 51.41 4.98
CA ARG C 169 27.88 52.22 3.79
C ARG C 169 28.09 51.34 2.55
N ARG C 170 28.85 50.24 2.72
CA ARG C 170 29.19 49.27 1.68
C ARG C 170 27.93 48.53 1.18
N TYR C 171 27.04 48.11 2.12
CA TYR C 171 25.79 47.40 1.83
C TYR C 171 24.81 48.26 1.02
N LEU C 172 24.74 49.57 1.36
CA LEU C 172 23.87 50.55 0.71
C LEU C 172 24.31 50.82 -0.74
N GLU C 173 25.62 50.73 -1.02
CA GLU C 173 26.17 50.91 -2.36
C GLU C 173 25.92 49.62 -3.18
N ASN C 174 26.21 48.45 -2.55
CA ASN C 174 26.03 47.09 -3.10
C ASN C 174 24.56 46.75 -3.43
N GLY C 175 23.62 47.18 -2.58
CA GLY C 175 22.20 46.91 -2.77
C GLY C 175 21.34 48.14 -3.06
N LYS C 176 21.97 49.17 -3.67
CA LYS C 176 21.44 50.49 -4.06
C LYS C 176 20.09 50.43 -4.78
N GLU C 177 19.92 49.46 -5.72
CA GLU C 177 18.69 49.30 -6.53
C GLU C 177 17.48 48.87 -5.69
N THR C 178 17.70 48.18 -4.56
CA THR C 178 16.66 47.66 -3.68
C THR C 178 16.57 48.39 -2.33
N LEU C 179 17.70 48.93 -1.83
CA LEU C 179 17.74 49.58 -0.52
C LEU C 179 17.41 51.09 -0.56
N GLN C 180 17.90 51.82 -1.58
CA GLN C 180 17.62 53.26 -1.69
C GLN C 180 16.21 53.50 -2.25
N ARG C 181 15.64 52.47 -2.91
CA ARG C 181 14.32 52.41 -3.55
C ARG C 181 13.18 52.62 -2.54
N THR C 182 12.15 53.41 -2.96
CA THR C 182 10.92 53.66 -2.18
C THR C 182 9.72 53.18 -3.01
N ASP C 183 9.10 52.08 -2.56
CA ASP C 183 7.92 51.50 -3.21
C ASP C 183 6.66 52.12 -2.61
N PRO C 184 5.83 52.85 -3.39
CA PRO C 184 4.62 53.46 -2.81
C PRO C 184 3.50 52.44 -2.59
N PRO C 185 2.55 52.68 -1.65
CA PRO C 185 1.48 51.70 -1.44
C PRO C 185 0.40 51.72 -2.52
N LYS C 186 -0.11 50.54 -2.85
CA LYS C 186 -1.20 50.32 -3.81
C LYS C 186 -2.49 50.39 -2.99
N THR C 187 -3.15 51.56 -3.02
CA THR C 187 -4.34 51.82 -2.22
C THR C 187 -5.63 51.50 -2.95
N HIS C 188 -6.58 50.94 -2.20
CA HIS C 188 -7.93 50.62 -2.65
C HIS C 188 -8.86 50.63 -1.42
N MET C 189 -10.16 50.77 -1.67
CA MET C 189 -11.18 50.84 -0.62
C MET C 189 -12.32 49.88 -0.92
N THR C 190 -12.84 49.27 0.14
CA THR C 190 -13.99 48.38 0.02
C THR C 190 -15.12 48.94 0.90
N HIS C 191 -16.36 48.47 0.66
CA HIS C 191 -17.59 48.88 1.34
C HIS C 191 -18.44 47.64 1.59
N HIS C 192 -18.80 47.39 2.86
CA HIS C 192 -19.61 46.24 3.21
C HIS C 192 -20.67 46.62 4.26
N PRO C 193 -21.96 46.49 3.92
CA PRO C 193 -23.02 46.81 4.91
C PRO C 193 -23.18 45.70 5.94
N ILE C 194 -23.36 46.09 7.21
CA ILE C 194 -23.59 45.14 8.31
C ILE C 194 -25.11 45.05 8.55
N SER C 195 -25.83 46.12 8.18
CA SER C 195 -27.27 46.28 8.30
C SER C 195 -27.74 47.31 7.26
N ASP C 196 -29.00 47.76 7.36
CA ASP C 196 -29.57 48.77 6.47
C ASP C 196 -29.12 50.19 6.87
N HIS C 197 -28.77 50.37 8.15
CA HIS C 197 -28.40 51.65 8.74
C HIS C 197 -26.91 51.90 8.87
N GLU C 198 -26.06 50.84 8.82
CA GLU C 198 -24.61 50.99 8.95
C GLU C 198 -23.81 50.07 8.03
N ALA C 199 -22.58 50.51 7.67
CA ALA C 199 -21.68 49.82 6.77
C ALA C 199 -20.22 50.05 7.14
N THR C 200 -19.36 49.08 6.78
CA THR C 200 -17.93 49.08 7.06
C THR C 200 -17.13 49.54 5.84
N LEU C 201 -16.29 50.56 6.05
CA LEU C 201 -15.41 51.09 5.03
C LEU C 201 -14.02 50.69 5.37
N ARG C 202 -13.34 49.98 4.44
CA ARG C 202 -11.97 49.51 4.65
C ARG C 202 -11.04 50.11 3.59
N CYS C 203 -9.98 50.82 4.07
CA CYS C 203 -8.94 51.43 3.25
C CYS C 203 -7.66 50.59 3.34
N TRP C 204 -7.15 50.16 2.18
CA TRP C 204 -5.97 49.30 2.05
C TRP C 204 -4.73 50.01 1.57
N ALA C 205 -3.57 49.48 1.98
CA ALA C 205 -2.23 49.90 1.57
C ALA C 205 -1.40 48.63 1.41
N LEU C 206 -1.04 48.29 0.17
CA LEU C 206 -0.27 47.08 -0.14
C LEU C 206 0.98 47.37 -0.96
N GLY C 207 1.90 46.41 -0.97
CA GLY C 207 3.15 46.42 -1.73
C GLY C 207 4.07 47.62 -1.52
N PHE C 208 4.12 48.16 -0.29
CA PHE C 208 4.96 49.32 0.00
C PHE C 208 6.24 48.96 0.75
N TYR C 209 7.29 49.74 0.50
CA TYR C 209 8.60 49.67 1.16
C TYR C 209 9.17 51.11 1.27
N PRO C 210 9.65 51.58 2.45
CA PRO C 210 9.77 50.88 3.74
C PRO C 210 8.42 50.68 4.47
N ALA C 211 8.45 50.02 5.64
CA ALA C 211 7.28 49.68 6.46
C ALA C 211 6.57 50.91 7.07
N GLU C 212 7.29 52.02 7.35
CA GLU C 212 6.76 53.25 7.93
C GLU C 212 5.64 53.84 7.04
N ILE C 213 4.42 53.88 7.58
CA ILE C 213 3.21 54.35 6.91
C ILE C 213 2.21 54.88 7.96
N THR C 214 1.32 55.78 7.53
CA THR C 214 0.25 56.35 8.35
C THR C 214 -1.06 56.22 7.57
N LEU C 215 -2.06 55.66 8.23
CA LEU C 215 -3.41 55.45 7.72
C LEU C 215 -4.38 56.09 8.69
N THR C 216 -4.91 57.27 8.35
CA THR C 216 -5.82 58.00 9.23
C THR C 216 -7.15 58.30 8.55
N TRP C 217 -8.24 57.90 9.21
CA TRP C 217 -9.61 58.14 8.75
C TRP C 217 -10.10 59.46 9.29
N GLN C 218 -10.77 60.23 8.43
CA GLN C 218 -11.31 61.54 8.79
C GLN C 218 -12.80 61.63 8.46
N ARG C 219 -13.55 62.41 9.24
CA ARG C 219 -14.97 62.69 9.04
C ARG C 219 -15.10 64.20 9.06
N ASP C 220 -15.47 64.78 7.89
CA ASP C 220 -15.56 66.23 7.67
C ASP C 220 -14.17 66.89 7.93
N GLY C 221 -13.11 66.16 7.54
CA GLY C 221 -11.73 66.61 7.70
C GLY C 221 -11.21 66.63 9.12
N GLU C 222 -11.84 65.85 10.01
CA GLU C 222 -11.43 65.73 11.39
C GLU C 222 -11.11 64.28 11.70
N ASP C 223 -9.90 64.03 12.25
CA ASP C 223 -9.39 62.71 12.61
C ASP C 223 -10.39 61.89 13.41
N GLN C 224 -10.63 60.65 12.97
CA GLN C 224 -11.55 59.76 13.65
C GLN C 224 -10.79 58.58 14.25
N THR C 225 -10.85 58.50 15.58
CA THR C 225 -10.24 57.44 16.39
C THR C 225 -11.33 56.46 16.83
N GLN C 226 -12.51 57.00 17.20
CA GLN C 226 -13.66 56.23 17.65
C GLN C 226 -14.27 55.43 16.50
N ASP C 227 -14.67 54.18 16.81
CA ASP C 227 -15.25 53.14 15.93
C ASP C 227 -14.36 52.88 14.67
N THR C 228 -13.03 52.90 14.89
CA THR C 228 -12.01 52.60 13.89
C THR C 228 -11.19 51.37 14.30
N GLU C 229 -10.64 50.66 13.31
CA GLU C 229 -9.74 49.54 13.51
C GLU C 229 -8.55 49.69 12.59
N LEU C 230 -7.37 49.79 13.19
CA LEU C 230 -6.12 49.93 12.48
C LEU C 230 -5.25 48.72 12.84
N VAL C 231 -5.04 47.84 11.88
CA VAL C 231 -4.22 46.66 12.10
C VAL C 231 -2.74 47.03 12.05
N GLU C 232 -1.90 46.20 12.66
CA GLU C 232 -0.46 46.42 12.68
C GLU C 232 0.14 46.18 11.30
N THR C 233 1.20 46.93 10.90
CA THR C 233 1.87 46.76 9.61
C THR C 233 2.43 45.35 9.56
N ARG C 234 2.09 44.61 8.49
CA ARG C 234 2.46 43.20 8.36
C ARG C 234 3.29 42.91 7.10
N PRO C 235 4.25 41.96 7.16
CA PRO C 235 5.02 41.64 5.96
C PRO C 235 4.20 40.79 4.95
N ALA C 236 4.25 41.18 3.66
CA ALA C 236 3.56 40.43 2.60
C ALA C 236 4.28 39.10 2.32
N GLY C 237 5.60 39.05 2.55
CA GLY C 237 6.43 37.87 2.37
C GLY C 237 7.45 37.99 1.25
N ASP C 238 7.33 39.05 0.42
CA ASP C 238 8.23 39.30 -0.71
C ASP C 238 9.08 40.58 -0.48
N GLY C 239 9.24 40.98 0.78
CA GLY C 239 9.99 42.17 1.15
C GLY C 239 9.16 43.43 1.17
N THR C 240 7.84 43.31 0.92
CA THR C 240 6.90 44.44 0.90
C THR C 240 5.95 44.32 2.11
N PHE C 241 5.26 45.41 2.45
CA PHE C 241 4.40 45.44 3.62
C PHE C 241 2.94 45.77 3.30
N GLN C 242 2.05 45.43 4.23
CA GLN C 242 0.60 45.66 4.16
C GLN C 242 0.09 46.30 5.45
N LYS C 243 -1.01 47.05 5.33
CA LYS C 243 -1.74 47.68 6.45
C LYS C 243 -3.11 48.11 5.99
N TRP C 244 -4.11 47.97 6.87
CA TRP C 244 -5.45 48.46 6.56
C TRP C 244 -6.06 49.19 7.75
N ALA C 245 -6.96 50.13 7.46
CA ALA C 245 -7.70 50.93 8.43
C ALA C 245 -9.18 50.88 8.06
N ALA C 246 -10.02 50.50 9.03
CA ALA C 246 -11.45 50.40 8.79
C ALA C 246 -12.26 51.29 9.73
N VAL C 247 -13.44 51.71 9.28
CA VAL C 247 -14.35 52.54 10.05
C VAL C 247 -15.80 52.11 9.76
N VAL C 248 -16.66 52.10 10.81
CA VAL C 248 -18.09 51.78 10.72
C VAL C 248 -18.82 53.13 10.60
N VAL C 249 -19.47 53.34 9.45
CA VAL C 249 -20.14 54.59 9.14
C VAL C 249 -21.66 54.39 8.96
N PRO C 250 -22.51 55.42 9.21
CA PRO C 250 -23.95 55.25 8.95
C PRO C 250 -24.20 55.24 7.44
N SER C 251 -25.11 54.36 6.97
CA SER C 251 -25.48 54.24 5.56
C SER C 251 -26.02 55.57 5.03
N GLY C 252 -25.38 56.06 3.96
CA GLY C 252 -25.71 57.33 3.32
C GLY C 252 -24.70 58.43 3.59
N GLU C 253 -23.88 58.28 4.65
CA GLU C 253 -22.87 59.24 5.08
C GLU C 253 -21.43 58.86 4.66
N GLU C 254 -21.26 57.84 3.81
CA GLU C 254 -19.98 57.31 3.30
C GLU C 254 -19.02 58.39 2.78
N GLN C 255 -19.54 59.35 1.99
CA GLN C 255 -18.77 60.42 1.35
C GLN C 255 -18.27 61.51 2.33
N ARG C 256 -18.71 61.48 3.60
CA ARG C 256 -18.22 62.42 4.62
C ARG C 256 -16.86 61.98 5.17
N TYR C 257 -16.47 60.72 4.87
CA TYR C 257 -15.27 60.06 5.36
C TYR C 257 -14.16 59.99 4.32
N THR C 258 -12.92 60.28 4.75
CA THR C 258 -11.72 60.23 3.91
C THR C 258 -10.59 59.50 4.63
N CYS C 259 -9.79 58.74 3.88
CA CYS C 259 -8.62 58.07 4.45
C CYS C 259 -7.37 58.71 3.93
N HIS C 260 -6.52 59.17 4.85
CA HIS C 260 -5.26 59.85 4.53
C HIS C 260 -4.10 58.88 4.63
N VAL C 261 -3.39 58.67 3.50
CA VAL C 261 -2.27 57.74 3.39
C VAL C 261 -0.96 58.51 3.27
N GLN C 262 -0.10 58.37 4.29
CA GLN C 262 1.23 58.98 4.33
C GLN C 262 2.29 57.92 4.21
N HIS C 263 3.13 58.06 3.17
CA HIS C 263 4.25 57.18 2.84
C HIS C 263 5.35 58.01 2.17
N GLU C 264 6.63 57.70 2.43
CA GLU C 264 7.76 58.45 1.85
C GLU C 264 7.89 58.21 0.33
N GLY C 265 7.29 57.11 -0.16
CA GLY C 265 7.27 56.75 -1.57
C GLY C 265 6.19 57.49 -2.34
N LEU C 266 5.34 58.26 -1.64
CA LEU C 266 4.26 59.06 -2.23
C LEU C 266 4.71 60.52 -2.38
N PRO C 267 4.57 61.13 -3.59
CA PRO C 267 4.99 62.54 -3.74
C PRO C 267 4.15 63.48 -2.86
N LYS C 268 2.84 63.21 -2.81
CA LYS C 268 1.86 63.94 -2.00
C LYS C 268 0.99 62.91 -1.24
N PRO C 269 0.67 63.14 0.06
CA PRO C 269 -0.20 62.18 0.76
C PRO C 269 -1.56 62.04 0.07
N LEU C 270 -2.04 60.80 -0.03
CA LEU C 270 -3.30 60.47 -0.67
C LEU C 270 -4.49 60.71 0.24
N THR C 271 -5.64 61.00 -0.38
CA THR C 271 -6.93 61.22 0.27
C THR C 271 -7.93 60.39 -0.53
N LEU C 272 -8.36 59.25 0.02
CA LEU C 272 -9.29 58.33 -0.63
C LEU C 272 -10.70 58.53 -0.10
N ARG C 273 -11.70 58.42 -0.98
CA ARG C 273 -13.12 58.61 -0.66
C ARG C 273 -13.98 57.57 -1.37
N TRP C 274 -15.04 57.09 -0.70
CA TRP C 274 -15.97 56.13 -1.29
C TRP C 274 -17.07 56.87 -2.04
N MET D 1 9.46 36.92 36.00
CA MET D 1 9.42 36.78 34.55
C MET D 1 8.09 37.32 33.98
N ILE D 2 8.19 38.13 32.91
CA ILE D 2 7.01 38.72 32.25
C ILE D 2 6.49 37.81 31.14
N GLN D 3 5.21 38.01 30.80
CA GLN D 3 4.48 37.27 29.77
C GLN D 3 3.72 38.27 28.88
N ARG D 4 3.80 38.07 27.56
CA ARG D 4 3.13 38.91 26.56
C ARG D 4 2.35 38.00 25.58
N THR D 5 1.03 38.21 25.49
CA THR D 5 0.16 37.39 24.63
C THR D 5 0.33 37.82 23.15
N PRO D 6 0.47 36.85 22.21
CA PRO D 6 0.67 37.21 20.81
C PRO D 6 -0.56 37.77 20.09
N LYS D 7 -0.29 38.63 19.10
CA LYS D 7 -1.23 39.20 18.17
C LYS D 7 -1.16 38.32 16.92
N ILE D 8 -2.30 37.96 16.33
CA ILE D 8 -2.33 37.06 15.17
C ILE D 8 -3.01 37.73 13.96
N GLN D 9 -2.46 37.52 12.75
CA GLN D 9 -2.99 38.05 11.49
C GLN D 9 -2.85 37.01 10.38
N VAL D 10 -4.01 36.55 9.84
CA VAL D 10 -4.12 35.61 8.70
C VAL D 10 -4.50 36.41 7.47
N TYR D 11 -3.69 36.30 6.42
CA TYR D 11 -3.84 37.05 5.18
C TYR D 11 -3.09 36.37 4.05
N SER D 12 -3.26 36.90 2.82
CA SER D 12 -2.61 36.45 1.59
C SER D 12 -1.54 37.44 1.17
N ARG D 13 -0.48 36.96 0.46
CA ARG D 13 0.63 37.81 -0.03
C ARG D 13 0.11 38.87 -1.01
N HIS D 14 -0.74 38.46 -1.96
CA HIS D 14 -1.33 39.32 -2.99
C HIS D 14 -2.86 39.25 -2.94
N PRO D 15 -3.62 40.20 -3.54
CA PRO D 15 -5.08 40.11 -3.50
C PRO D 15 -5.59 38.78 -4.07
N ALA D 16 -6.39 38.06 -3.26
CA ALA D 16 -6.94 36.74 -3.53
C ALA D 16 -7.82 36.72 -4.78
N GLU D 17 -7.62 35.68 -5.60
CA GLU D 17 -8.35 35.42 -6.85
C GLU D 17 -8.41 33.90 -7.06
N ASN D 18 -9.65 33.38 -7.17
CA ASN D 18 -9.97 31.96 -7.33
C ASN D 18 -9.29 31.34 -8.56
N GLY D 19 -8.52 30.27 -8.31
CA GLY D 19 -7.80 29.54 -9.34
C GLY D 19 -6.37 30.01 -9.56
N LYS D 20 -5.98 31.10 -8.88
CA LYS D 20 -4.64 31.69 -8.97
C LYS D 20 -3.85 31.34 -7.72
N SER D 21 -2.65 30.77 -7.88
CA SER D 21 -1.81 30.40 -6.74
C SER D 21 -1.33 31.65 -6.01
N ASN D 22 -1.26 31.53 -4.68
CA ASN D 22 -0.91 32.60 -3.75
C ASN D 22 -0.16 32.05 -2.54
N PHE D 23 0.15 32.90 -1.57
CA PHE D 23 0.80 32.52 -0.33
C PHE D 23 -0.09 32.86 0.85
N LEU D 24 -0.30 31.88 1.74
CA LEU D 24 -1.08 32.08 2.96
C LEU D 24 -0.12 32.42 4.09
N ASN D 25 -0.25 33.65 4.64
CA ASN D 25 0.58 34.16 5.71
C ASN D 25 -0.13 34.16 7.07
N CYS D 26 0.63 33.90 8.14
CA CYS D 26 0.18 34.03 9.52
C CYS D 26 1.27 34.74 10.32
N TYR D 27 1.02 36.00 10.61
CA TYR D 27 1.94 36.86 11.35
C TYR D 27 1.59 36.82 12.82
N VAL D 28 2.56 36.42 13.64
CA VAL D 28 2.45 36.37 15.10
C VAL D 28 3.45 37.38 15.64
N SER D 29 2.99 38.26 16.54
CA SER D 29 3.81 39.32 17.10
C SER D 29 3.38 39.69 18.52
N GLY D 30 4.26 40.42 19.21
CA GLY D 30 4.00 40.92 20.55
C GLY D 30 4.01 39.88 21.65
N PHE D 31 4.73 38.75 21.44
CA PHE D 31 4.78 37.65 22.40
C PHE D 31 6.13 37.43 23.08
N HIS D 32 6.06 36.87 24.31
CA HIS D 32 7.17 36.48 25.16
C HIS D 32 6.71 35.38 26.12
N PRO D 33 7.40 34.22 26.24
CA PRO D 33 8.65 33.81 25.54
C PRO D 33 8.45 33.47 24.05
N SER D 34 9.57 33.19 23.36
CA SER D 34 9.65 32.89 21.92
C SER D 34 9.02 31.55 21.52
N ASP D 35 8.88 30.61 22.47
CA ASP D 35 8.34 29.27 22.20
C ASP D 35 6.86 29.35 21.83
N ILE D 36 6.57 29.08 20.56
CA ILE D 36 5.22 29.14 20.01
C ILE D 36 4.93 27.98 19.07
N GLU D 37 3.65 27.63 18.99
CA GLU D 37 3.10 26.62 18.09
C GLU D 37 2.10 27.32 17.20
N VAL D 38 2.32 27.25 15.88
CA VAL D 38 1.42 27.84 14.90
C VAL D 38 1.40 26.96 13.67
N ASP D 39 0.18 26.65 13.24
CA ASP D 39 -0.11 25.85 12.06
C ASP D 39 -0.95 26.64 11.09
N LEU D 40 -1.04 26.13 9.87
CA LEU D 40 -1.89 26.68 8.83
C LEU D 40 -2.87 25.58 8.51
N LEU D 41 -4.16 25.94 8.46
CA LEU D 41 -5.25 24.97 8.27
C LEU D 41 -5.98 25.14 6.92
N LYS D 42 -6.37 24.00 6.34
CA LYS D 42 -7.19 23.90 5.13
C LYS D 42 -8.36 23.00 5.49
N ASN D 43 -9.54 23.60 5.72
CA ASN D 43 -10.80 22.93 6.10
C ASN D 43 -10.63 22.18 7.44
N GLY D 44 -9.94 22.82 8.39
CA GLY D 44 -9.68 22.29 9.73
C GLY D 44 -8.52 21.31 9.84
N GLU D 45 -7.84 21.02 8.71
CA GLU D 45 -6.71 20.10 8.64
C GLU D 45 -5.39 20.86 8.39
N ARG D 46 -4.36 20.54 9.20
CA ARG D 46 -3.02 21.11 9.17
C ARG D 46 -2.33 20.87 7.79
N ILE D 47 -1.66 21.91 7.23
CA ILE D 47 -0.92 21.79 5.96
C ILE D 47 0.54 21.47 6.32
N GLU D 48 1.13 20.47 5.63
CA GLU D 48 2.45 19.88 5.83
C GLU D 48 3.63 20.88 5.65
N LYS D 49 3.93 21.24 4.39
CA LYS D 49 5.07 22.10 4.05
C LYS D 49 4.78 23.56 4.38
N VAL D 50 5.08 23.95 5.64
CA VAL D 50 4.88 25.31 6.17
C VAL D 50 6.25 25.87 6.60
N GLU D 51 6.79 26.81 5.79
CA GLU D 51 8.07 27.49 6.06
C GLU D 51 7.82 28.71 6.94
N HIS D 52 8.80 29.09 7.75
CA HIS D 52 8.67 30.28 8.60
C HIS D 52 9.94 31.15 8.56
N SER D 53 9.78 32.45 8.90
CA SER D 53 10.85 33.45 8.94
C SER D 53 11.79 33.20 10.10
N ASP D 54 12.93 33.91 10.14
CA ASP D 54 13.89 33.77 11.23
C ASP D 54 13.43 34.60 12.41
N LEU D 55 13.47 34.03 13.64
CA LEU D 55 13.02 34.68 14.88
C LEU D 55 13.75 36.01 15.13
N SER D 56 12.94 37.08 15.31
CA SER D 56 13.42 38.44 15.56
C SER D 56 12.51 39.10 16.60
N PHE D 57 12.85 40.34 17.03
CA PHE D 57 12.03 41.01 18.05
C PHE D 57 11.92 42.53 17.84
N SER D 58 10.93 43.13 18.54
CA SER D 58 10.63 44.56 18.55
C SER D 58 11.49 45.29 19.59
N LYS D 59 11.36 46.64 19.68
CA LYS D 59 12.06 47.51 20.63
C LYS D 59 11.70 47.17 22.09
N ASP D 60 10.43 46.73 22.32
CA ASP D 60 9.88 46.34 23.62
C ASP D 60 10.26 44.89 24.00
N TRP D 61 11.09 44.24 23.14
CA TRP D 61 11.69 42.89 23.24
C TRP D 61 10.75 41.76 22.79
N SER D 62 9.47 42.06 22.54
CA SER D 62 8.50 41.03 22.13
C SER D 62 8.85 40.48 20.76
N PHE D 63 8.71 39.15 20.61
CA PHE D 63 9.05 38.41 19.40
C PHE D 63 7.99 38.48 18.30
N TYR D 64 8.45 38.23 17.05
CA TYR D 64 7.58 38.19 15.88
C TYR D 64 8.08 37.15 14.86
N LEU D 65 7.13 36.45 14.24
CA LEU D 65 7.38 35.44 13.21
C LEU D 65 6.32 35.46 12.14
N LEU D 66 6.74 35.16 10.89
CA LEU D 66 5.85 35.02 9.75
C LEU D 66 5.90 33.57 9.29
N TYR D 67 4.75 32.91 9.30
CA TYR D 67 4.56 31.53 8.84
C TYR D 67 3.86 31.62 7.49
N TYR D 68 4.40 30.95 6.48
CA TYR D 68 3.86 31.08 5.12
C TYR D 68 3.87 29.74 4.38
N THR D 69 2.99 29.60 3.36
CA THR D 69 2.86 28.41 2.52
C THR D 69 2.15 28.75 1.21
N GLU D 70 2.37 27.93 0.15
CA GLU D 70 1.71 28.08 -1.15
C GLU D 70 0.28 27.55 -1.06
N PHE D 71 -0.70 28.30 -1.60
CA PHE D 71 -2.10 27.89 -1.59
C PHE D 71 -2.85 28.50 -2.79
N THR D 72 -3.92 27.82 -3.24
CA THR D 72 -4.75 28.28 -4.35
C THR D 72 -6.16 28.56 -3.79
N PRO D 73 -6.53 29.84 -3.59
CA PRO D 73 -7.86 30.14 -3.03
C PRO D 73 -9.00 29.83 -3.99
N THR D 74 -10.19 29.62 -3.41
CA THR D 74 -11.46 29.38 -4.10
C THR D 74 -12.60 29.77 -3.15
N GLU D 75 -13.76 30.13 -3.71
CA GLU D 75 -14.93 30.56 -2.92
C GLU D 75 -15.74 29.35 -2.41
N LYS D 76 -15.06 28.46 -1.65
CA LYS D 76 -15.60 27.25 -1.00
C LYS D 76 -14.61 26.71 0.04
N ASP D 77 -13.29 26.60 -0.31
CA ASP D 77 -12.24 26.12 0.59
C ASP D 77 -12.00 27.12 1.73
N GLU D 78 -11.96 26.59 2.97
CA GLU D 78 -11.78 27.37 4.21
C GLU D 78 -10.35 27.27 4.73
N TYR D 79 -9.70 28.43 4.93
CA TYR D 79 -8.35 28.52 5.43
C TYR D 79 -8.33 29.21 6.78
N ALA D 80 -7.44 28.76 7.68
CA ALA D 80 -7.31 29.28 9.04
C ALA D 80 -5.91 29.08 9.59
N CYS D 81 -5.63 29.66 10.79
CA CYS D 81 -4.35 29.51 11.48
C CYS D 81 -4.58 29.15 12.96
N ARG D 82 -3.86 28.12 13.43
CA ARG D 82 -3.93 27.58 14.79
C ARG D 82 -2.71 28.03 15.62
N VAL D 83 -2.90 28.96 16.56
CA VAL D 83 -1.81 29.47 17.40
C VAL D 83 -2.00 29.04 18.87
N ASN D 84 -0.91 28.59 19.53
CA ASN D 84 -0.89 28.25 20.95
C ASN D 84 0.43 28.72 21.58
N HIS D 85 0.32 29.28 22.79
CA HIS D 85 1.38 29.92 23.55
C HIS D 85 1.06 29.77 25.03
N VAL D 86 2.08 29.86 25.90
CA VAL D 86 1.95 29.73 27.36
C VAL D 86 0.92 30.73 27.95
N THR D 87 0.69 31.88 27.28
CA THR D 87 -0.29 32.91 27.68
C THR D 87 -1.73 32.47 27.33
N LEU D 88 -1.88 31.51 26.39
CA LEU D 88 -3.17 30.99 25.97
C LEU D 88 -3.46 29.62 26.60
N SER D 89 -4.59 29.52 27.32
CA SER D 89 -5.05 28.28 27.95
C SER D 89 -5.37 27.20 26.89
N GLN D 90 -5.99 27.63 25.77
CA GLN D 90 -6.36 26.80 24.63
C GLN D 90 -5.78 27.35 23.34
N PRO D 91 -5.62 26.54 22.26
CA PRO D 91 -5.14 27.11 20.98
C PRO D 91 -6.14 28.15 20.43
N LYS D 92 -5.61 29.20 19.79
CA LYS D 92 -6.38 30.27 19.17
C LYS D 92 -6.55 29.94 17.67
N ILE D 93 -7.80 29.96 17.19
CA ILE D 93 -8.09 29.65 15.78
C ILE D 93 -8.57 30.94 15.12
N VAL D 94 -7.88 31.36 14.05
CA VAL D 94 -8.23 32.59 13.33
C VAL D 94 -8.40 32.23 11.85
N LYS D 95 -9.63 32.38 11.35
CA LYS D 95 -9.99 32.02 9.98
C LYS D 95 -9.56 33.10 9.00
N TRP D 96 -9.07 32.67 7.83
CA TRP D 96 -8.63 33.57 6.78
C TRP D 96 -9.83 34.19 6.06
N ASP D 97 -9.80 35.52 5.99
CA ASP D 97 -10.81 36.33 5.36
C ASP D 97 -10.13 37.29 4.38
N ARG D 98 -10.56 37.23 3.13
CA ARG D 98 -10.07 38.11 2.08
C ARG D 98 -11.07 39.22 1.86
N ASP D 99 -12.40 38.88 2.00
CA ASP D 99 -13.63 39.67 1.82
C ASP D 99 -13.60 41.04 2.53
N MET D 100 -12.39 41.46 2.94
CA MET D 100 -12.08 42.72 3.61
C MET D 100 -12.28 43.88 2.61
N GLY E 1 -30.99 -23.72 0.76
CA GLY E 1 -30.31 -24.17 -0.45
C GLY E 1 -28.96 -24.78 -0.16
N SER E 2 -28.11 -24.88 -1.20
CA SER E 2 -26.76 -25.45 -1.09
C SER E 2 -25.77 -24.40 -0.52
N HIS E 3 -24.79 -24.87 0.27
CA HIS E 3 -23.78 -24.00 0.89
C HIS E 3 -22.35 -24.50 0.66
N SER E 4 -21.35 -23.61 0.87
CA SER E 4 -19.93 -23.95 0.68
C SER E 4 -19.02 -23.30 1.72
N MET E 5 -17.95 -24.01 2.07
CA MET E 5 -16.89 -23.53 2.95
C MET E 5 -15.60 -23.57 2.16
N ARG E 6 -14.95 -22.41 1.94
CA ARG E 6 -13.70 -22.33 1.18
C ARG E 6 -12.62 -21.62 1.97
N TYR E 7 -11.39 -22.18 1.94
CA TYR E 7 -10.20 -21.66 2.61
C TYR E 7 -9.21 -21.22 1.54
N PHE E 8 -8.77 -19.95 1.60
CA PHE E 8 -7.85 -19.37 0.62
C PHE E 8 -6.56 -18.98 1.29
N PHE E 9 -5.46 -19.65 0.90
CA PHE E 9 -4.12 -19.48 1.46
C PHE E 9 -3.17 -18.85 0.45
N THR E 10 -2.40 -17.86 0.90
CA THR E 10 -1.43 -17.21 0.03
C THR E 10 -0.10 -17.09 0.76
N SER E 11 0.97 -17.54 0.09
CA SER E 11 2.35 -17.50 0.59
C SER E 11 3.23 -16.83 -0.47
N VAL E 12 3.84 -15.67 -0.10
CA VAL E 12 4.68 -14.88 -1.00
C VAL E 12 6.10 -14.79 -0.43
N SER E 13 7.08 -15.28 -1.21
CA SER E 13 8.50 -15.24 -0.82
C SER E 13 9.03 -13.79 -0.93
N ARG E 14 9.73 -13.34 0.13
CA ARG E 14 10.32 -12.01 0.22
C ARG E 14 11.86 -12.12 0.17
N PRO E 15 12.49 -12.04 -1.04
CA PRO E 15 13.97 -12.13 -1.11
C PRO E 15 14.71 -10.92 -0.51
N GLY E 16 14.04 -9.78 -0.47
CA GLY E 16 14.56 -8.51 0.05
C GLY E 16 15.06 -8.57 1.47
N ARG E 17 14.15 -8.86 2.42
CA ARG E 17 14.46 -8.99 3.86
C ARG E 17 13.30 -9.67 4.61
N GLY E 18 13.52 -10.90 5.06
CA GLY E 18 12.55 -11.64 5.85
C GLY E 18 11.95 -12.91 5.25
N GLU E 19 11.30 -13.68 6.14
CA GLU E 19 10.61 -14.94 5.86
C GLU E 19 9.35 -14.70 4.99
N PRO E 20 8.87 -15.68 4.18
CA PRO E 20 7.69 -15.43 3.33
C PRO E 20 6.41 -15.09 4.09
N ARG E 21 5.65 -14.10 3.56
CA ARG E 21 4.38 -13.66 4.15
C ARG E 21 3.29 -14.68 3.86
N PHE E 22 2.60 -15.12 4.91
CA PHE E 22 1.52 -16.09 4.80
C PHE E 22 0.21 -15.46 5.24
N ILE E 23 -0.77 -15.43 4.33
CA ILE E 23 -2.11 -14.93 4.60
C ILE E 23 -3.11 -16.06 4.38
N ALA E 24 -3.99 -16.25 5.35
CA ALA E 24 -5.05 -17.26 5.30
C ALA E 24 -6.40 -16.61 5.58
N VAL E 25 -7.43 -16.99 4.80
CA VAL E 25 -8.81 -16.51 4.97
C VAL E 25 -9.78 -17.70 4.85
N GLY E 26 -10.88 -17.62 5.59
CA GLY E 26 -11.92 -18.63 5.61
C GLY E 26 -13.27 -18.04 5.29
N TYR E 27 -14.00 -18.65 4.33
CA TYR E 27 -15.31 -18.18 3.91
C TYR E 27 -16.37 -19.26 4.04
N VAL E 28 -17.57 -18.83 4.41
CA VAL E 28 -18.80 -19.63 4.43
C VAL E 28 -19.67 -18.89 3.44
N ASP E 29 -19.74 -19.45 2.21
CA ASP E 29 -20.40 -18.85 1.06
C ASP E 29 -19.62 -17.55 0.72
N ASP E 30 -20.25 -16.39 0.78
CA ASP E 30 -19.62 -15.11 0.46
C ASP E 30 -19.28 -14.30 1.72
N THR E 31 -19.31 -14.95 2.89
CA THR E 31 -18.97 -14.24 4.11
C THR E 31 -17.79 -14.92 4.77
N GLN E 32 -16.80 -14.07 5.05
CA GLN E 32 -15.55 -14.38 5.73
C GLN E 32 -15.84 -14.68 7.22
N PHE E 33 -14.97 -15.47 7.90
CA PHE E 33 -15.18 -15.78 9.32
C PHE E 33 -13.87 -15.90 10.11
N VAL E 34 -12.77 -16.30 9.45
CA VAL E 34 -11.47 -16.44 10.11
C VAL E 34 -10.35 -15.78 9.28
N ARG E 35 -9.22 -15.46 9.94
CA ARG E 35 -8.04 -14.87 9.33
C ARG E 35 -6.76 -15.18 10.12
N PHE E 36 -5.66 -15.33 9.40
CA PHE E 36 -4.34 -15.52 9.98
C PHE E 36 -3.36 -14.74 9.13
N ASP E 37 -2.65 -13.82 9.76
CA ASP E 37 -1.65 -12.98 9.10
C ASP E 37 -0.30 -13.20 9.80
N SER E 38 0.73 -13.58 9.02
CA SER E 38 2.08 -13.83 9.55
C SER E 38 2.76 -12.53 10.00
N ASP E 39 2.39 -11.39 9.39
CA ASP E 39 2.93 -10.08 9.70
C ASP E 39 2.25 -9.45 10.94
N ALA E 40 0.98 -9.84 11.25
CA ALA E 40 0.20 -9.35 12.41
C ALA E 40 0.87 -9.74 13.74
N ALA E 41 0.73 -8.87 14.75
CA ALA E 41 1.30 -9.07 16.09
C ALA E 41 0.56 -10.17 16.90
N SER E 42 -0.66 -10.58 16.45
CA SER E 42 -1.48 -11.59 17.12
C SER E 42 -0.85 -12.98 17.10
N GLN E 43 -0.47 -13.48 15.89
CA GLN E 43 0.11 -14.80 15.61
C GLN E 43 -0.85 -15.95 16.01
N LYS E 44 -2.15 -15.73 15.82
CA LYS E 44 -3.25 -16.66 16.09
C LYS E 44 -4.36 -16.53 15.03
N MET E 45 -5.21 -17.57 14.90
CA MET E 45 -6.36 -17.55 13.99
C MET E 45 -7.37 -16.59 14.62
N GLU E 46 -7.63 -15.46 13.93
CA GLU E 46 -8.48 -14.38 14.44
C GLU E 46 -9.91 -14.45 13.89
N PRO E 47 -10.95 -14.20 14.74
CA PRO E 47 -12.33 -14.20 14.22
C PRO E 47 -12.66 -12.91 13.43
N ARG E 48 -13.41 -13.02 12.33
CA ARG E 48 -13.81 -11.85 11.54
C ARG E 48 -15.32 -11.92 11.19
N ALA E 49 -16.09 -12.71 11.97
CA ALA E 49 -17.54 -12.89 11.92
C ALA E 49 -18.07 -13.04 13.37
N PRO E 50 -19.29 -12.56 13.70
CA PRO E 50 -19.75 -12.64 15.09
C PRO E 50 -20.18 -14.04 15.57
N TRP E 51 -20.77 -14.86 14.66
CA TRP E 51 -21.28 -16.21 14.96
C TRP E 51 -20.19 -17.26 15.17
N ILE E 52 -18.90 -16.92 14.91
CA ILE E 52 -17.78 -17.86 15.07
C ILE E 52 -17.06 -17.57 16.41
N GLU E 53 -17.33 -16.38 17.00
CA GLU E 53 -16.79 -15.94 18.29
C GLU E 53 -17.29 -16.80 19.46
N GLN E 54 -18.38 -17.59 19.30
CA GLN E 54 -18.89 -18.45 20.38
C GLN E 54 -18.04 -19.74 20.52
N GLU E 55 -17.16 -20.04 19.54
CA GLU E 55 -16.26 -21.20 19.60
C GLU E 55 -15.32 -21.08 20.80
N GLY E 56 -15.01 -22.23 21.40
CA GLY E 56 -14.17 -22.30 22.59
C GLY E 56 -12.71 -21.93 22.39
N PRO E 57 -11.93 -21.75 23.49
CA PRO E 57 -10.51 -21.40 23.32
C PRO E 57 -9.66 -22.57 22.78
N GLU E 58 -10.16 -23.81 22.93
CA GLU E 58 -9.48 -25.00 22.42
C GLU E 58 -9.57 -25.04 20.88
N TYR E 59 -10.63 -24.42 20.29
CA TYR E 59 -10.84 -24.30 18.84
C TYR E 59 -9.79 -23.35 18.25
N TRP E 60 -9.64 -22.15 18.85
CA TRP E 60 -8.70 -21.11 18.42
C TRP E 60 -7.26 -21.57 18.56
N ASP E 61 -6.96 -22.36 19.60
CA ASP E 61 -5.64 -22.94 19.86
C ASP E 61 -5.29 -23.98 18.77
N GLN E 62 -6.29 -24.81 18.37
CA GLN E 62 -6.17 -25.86 17.35
C GLN E 62 -5.96 -25.26 15.97
N GLU E 63 -6.77 -24.24 15.63
CA GLU E 63 -6.75 -23.56 14.33
C GLU E 63 -5.44 -22.81 14.10
N THR E 64 -4.84 -22.26 15.18
CA THR E 64 -3.56 -21.56 15.17
C THR E 64 -2.43 -22.56 14.86
N ARG E 65 -2.48 -23.76 15.47
CA ARG E 65 -1.52 -24.85 15.26
C ARG E 65 -1.49 -25.26 13.80
N ASN E 66 -2.71 -25.33 13.19
CA ASN E 66 -2.97 -25.66 11.79
C ASN E 66 -2.37 -24.63 10.85
N MET E 67 -2.41 -23.34 11.22
CA MET E 67 -1.91 -22.20 10.44
C MET E 67 -0.39 -22.05 10.49
N LYS E 68 0.22 -22.40 11.64
CA LYS E 68 1.67 -22.38 11.81
C LYS E 68 2.30 -23.49 10.96
N ALA E 69 1.68 -24.69 10.98
CA ALA E 69 2.10 -25.86 10.20
C ALA E 69 1.92 -25.59 8.71
N HIS E 70 0.83 -24.87 8.34
CA HIS E 70 0.50 -24.45 6.97
C HIS E 70 1.57 -23.51 6.42
N SER E 71 1.97 -22.49 7.22
CA SER E 71 2.96 -21.49 6.82
C SER E 71 4.36 -22.10 6.66
N GLN E 72 4.79 -22.97 7.60
CA GLN E 72 6.09 -23.63 7.57
C GLN E 72 6.22 -24.56 6.36
N THR E 73 5.14 -25.31 6.03
CA THR E 73 5.10 -26.22 4.89
C THR E 73 5.24 -25.41 3.59
N ASP E 74 4.59 -24.25 3.48
CA ASP E 74 4.66 -23.40 2.29
C ASP E 74 6.05 -22.74 2.14
N ARG E 75 6.65 -22.29 3.25
CA ARG E 75 7.97 -21.67 3.30
C ARG E 75 9.01 -22.55 2.59
N ALA E 76 9.02 -23.85 2.95
CA ALA E 76 9.91 -24.87 2.42
C ALA E 76 9.48 -25.34 1.02
N ASN E 77 8.16 -25.36 0.74
CA ASN E 77 7.63 -25.75 -0.56
C ASN E 77 7.96 -24.69 -1.61
N LEU E 78 8.15 -23.41 -1.18
CA LEU E 78 8.59 -22.29 -2.03
C LEU E 78 10.00 -22.58 -2.55
N GLY E 79 10.84 -23.13 -1.66
CA GLY E 79 12.21 -23.54 -1.94
C GLY E 79 12.30 -24.74 -2.87
N THR E 80 11.43 -25.75 -2.65
CA THR E 80 11.35 -26.97 -3.46
C THR E 80 10.93 -26.61 -4.92
N LEU E 81 9.95 -25.69 -5.09
CA LEU E 81 9.46 -25.27 -6.41
C LEU E 81 10.49 -24.45 -7.19
N ARG E 82 11.34 -23.68 -6.48
CA ARG E 82 12.42 -22.90 -7.09
C ARG E 82 13.39 -23.83 -7.84
N GLY E 83 13.67 -24.98 -7.22
CA GLY E 83 14.53 -26.01 -7.76
C GLY E 83 13.91 -26.76 -8.92
N TYR E 84 12.60 -27.02 -8.83
CA TYR E 84 11.80 -27.72 -9.84
C TYR E 84 11.76 -26.95 -11.17
N TYR E 85 11.63 -25.62 -11.10
CA TYR E 85 11.54 -24.75 -12.25
C TYR E 85 12.89 -24.08 -12.58
N ASN E 86 13.97 -24.43 -11.84
CA ASN E 86 15.34 -23.94 -11.97
C ASN E 86 15.40 -22.40 -11.94
N GLN E 87 14.81 -21.81 -10.88
CA GLN E 87 14.73 -20.37 -10.69
C GLN E 87 15.70 -19.89 -9.59
N SER E 88 16.13 -18.63 -9.70
CA SER E 88 17.07 -17.98 -8.79
C SER E 88 16.40 -17.51 -7.48
N GLU E 89 17.23 -17.26 -6.45
CA GLU E 89 16.88 -16.83 -5.10
C GLU E 89 16.38 -15.38 -5.02
N ASP E 90 16.76 -14.54 -6.00
CA ASP E 90 16.46 -13.11 -6.03
C ASP E 90 15.01 -12.77 -6.42
N GLY E 91 14.31 -13.69 -7.07
CA GLY E 91 12.93 -13.52 -7.50
C GLY E 91 11.90 -13.86 -6.44
N SER E 92 10.80 -13.09 -6.40
CA SER E 92 9.68 -13.29 -5.48
C SER E 92 8.65 -14.19 -6.13
N HIS E 93 8.25 -15.27 -5.45
CA HIS E 93 7.30 -16.26 -5.98
C HIS E 93 6.13 -16.48 -5.02
N THR E 94 5.00 -16.99 -5.56
CA THR E 94 3.77 -17.18 -4.79
C THR E 94 3.20 -18.60 -4.90
N ILE E 95 2.73 -19.14 -3.74
CA ILE E 95 2.02 -20.40 -3.65
C ILE E 95 0.61 -20.06 -3.17
N GLN E 96 -0.41 -20.51 -3.90
CA GLN E 96 -1.79 -20.31 -3.54
C GLN E 96 -2.48 -21.66 -3.41
N ILE E 97 -3.28 -21.82 -2.34
CA ILE E 97 -4.02 -23.05 -2.05
C ILE E 97 -5.49 -22.69 -1.82
N MET E 98 -6.38 -23.55 -2.33
CA MET E 98 -7.83 -23.42 -2.29
C MET E 98 -8.42 -24.81 -1.96
N TYR E 99 -9.04 -24.96 -0.77
CA TYR E 99 -9.71 -26.18 -0.37
C TYR E 99 -10.99 -25.89 0.40
N GLY E 100 -11.92 -26.82 0.33
CA GLY E 100 -13.22 -26.74 0.98
C GLY E 100 -14.21 -27.77 0.52
N CYS E 101 -15.45 -27.63 0.96
CA CYS E 101 -16.50 -28.58 0.63
C CYS E 101 -17.83 -27.89 0.38
N ASP E 102 -18.73 -28.60 -0.30
CA ASP E 102 -20.08 -28.15 -0.59
C ASP E 102 -21.07 -29.11 0.05
N VAL E 103 -22.12 -28.55 0.65
CA VAL E 103 -23.20 -29.35 1.25
C VAL E 103 -24.52 -28.96 0.59
N GLY E 104 -25.44 -29.91 0.55
CA GLY E 104 -26.77 -29.70 -0.01
C GLY E 104 -27.70 -29.03 0.97
N PRO E 105 -28.99 -28.86 0.61
CA PRO E 105 -29.95 -28.23 1.54
C PRO E 105 -30.20 -29.06 2.79
N ASP E 106 -30.04 -30.41 2.67
CA ASP E 106 -30.22 -31.38 3.76
C ASP E 106 -28.95 -31.49 4.65
N GLY E 107 -27.85 -30.89 4.21
CA GLY E 107 -26.57 -30.91 4.90
C GLY E 107 -25.64 -32.04 4.48
N ARG E 108 -25.99 -32.72 3.36
CA ARG E 108 -25.25 -33.85 2.78
C ARG E 108 -24.14 -33.37 1.88
N PHE E 109 -22.95 -34.03 1.96
CA PHE E 109 -21.76 -33.75 1.16
C PHE E 109 -22.10 -33.75 -0.34
N LEU E 110 -21.58 -32.75 -1.05
CA LEU E 110 -21.82 -32.59 -2.49
C LEU E 110 -20.52 -32.82 -3.29
N ARG E 111 -19.49 -31.96 -3.11
CA ARG E 111 -18.21 -32.13 -3.79
C ARG E 111 -17.06 -31.55 -2.96
N GLY E 112 -15.89 -32.20 -3.08
CA GLY E 112 -14.64 -31.83 -2.44
C GLY E 112 -13.76 -30.97 -3.33
N TYR E 113 -13.02 -30.04 -2.70
CA TYR E 113 -12.17 -29.03 -3.32
C TYR E 113 -10.72 -29.06 -2.82
N ARG E 114 -9.71 -29.24 -3.71
CA ARG E 114 -8.30 -29.11 -3.33
C ARG E 114 -7.51 -28.72 -4.58
N GLN E 115 -7.06 -27.46 -4.62
CA GLN E 115 -6.34 -26.87 -5.74
C GLN E 115 -5.14 -26.04 -5.29
N ASP E 116 -4.00 -26.19 -6.00
CA ASP E 116 -2.76 -25.46 -5.73
C ASP E 116 -2.24 -24.71 -6.96
N ALA E 117 -1.62 -23.54 -6.74
CA ALA E 117 -1.07 -22.72 -7.81
C ALA E 117 0.33 -22.20 -7.50
N TYR E 118 1.16 -22.10 -8.54
CA TYR E 118 2.48 -21.51 -8.44
C TYR E 118 2.56 -20.36 -9.43
N ASP E 119 2.77 -19.14 -8.90
CA ASP E 119 2.84 -17.87 -9.62
C ASP E 119 1.56 -17.64 -10.48
N GLY E 120 0.41 -17.89 -9.86
CA GLY E 120 -0.91 -17.69 -10.44
C GLY E 120 -1.30 -18.64 -11.56
N LYS E 121 -0.57 -19.74 -11.68
CA LYS E 121 -0.79 -20.79 -12.66
C LYS E 121 -1.00 -22.11 -11.96
N ASP E 122 -1.93 -22.92 -12.49
CA ASP E 122 -2.27 -24.25 -11.96
C ASP E 122 -1.02 -25.08 -11.76
N TYR E 123 -0.93 -25.75 -10.60
CA TYR E 123 0.19 -26.62 -10.28
C TYR E 123 -0.36 -28.05 -10.13
N ILE E 124 -1.06 -28.33 -9.03
CA ILE E 124 -1.66 -29.63 -8.75
C ILE E 124 -3.10 -29.44 -8.21
N ALA E 125 -4.00 -30.35 -8.58
CA ALA E 125 -5.40 -30.31 -8.16
C ALA E 125 -5.97 -31.72 -7.94
N LEU E 126 -6.84 -31.85 -6.94
CA LEU E 126 -7.53 -33.10 -6.66
C LEU E 126 -8.78 -33.17 -7.53
N ASN E 127 -9.01 -34.30 -8.21
CA ASN E 127 -10.19 -34.49 -9.09
C ASN E 127 -11.48 -34.63 -8.28
N GLU E 128 -12.63 -34.51 -8.94
CA GLU E 128 -13.95 -34.64 -8.32
C GLU E 128 -14.22 -36.06 -7.77
N ASP E 129 -13.40 -37.06 -8.19
CA ASP E 129 -13.49 -38.45 -7.72
C ASP E 129 -12.83 -38.56 -6.32
N LEU E 130 -12.01 -37.55 -5.98
CA LEU E 130 -11.24 -37.34 -4.74
C LEU E 130 -10.29 -38.54 -4.48
N ARG E 131 -9.81 -39.20 -5.55
CA ARG E 131 -8.90 -40.34 -5.47
C ARG E 131 -7.67 -40.11 -6.34
N SER E 132 -7.79 -39.28 -7.39
CA SER E 132 -6.71 -38.97 -8.31
C SER E 132 -6.35 -37.49 -8.32
N TRP E 133 -5.18 -37.16 -8.89
CA TRP E 133 -4.68 -35.80 -9.01
C TRP E 133 -4.53 -35.40 -10.47
N THR E 134 -4.56 -34.07 -10.71
CA THR E 134 -4.34 -33.47 -12.02
C THR E 134 -3.09 -32.60 -11.89
N ALA E 135 -2.00 -33.04 -12.55
CA ALA E 135 -0.70 -32.36 -12.58
C ALA E 135 -0.67 -31.49 -13.84
N ALA E 136 -0.49 -30.17 -13.66
CA ALA E 136 -0.50 -29.21 -14.77
C ALA E 136 0.73 -29.31 -15.67
N ASP E 137 1.93 -29.40 -15.09
CA ASP E 137 3.17 -29.49 -15.85
C ASP E 137 4.03 -30.68 -15.39
N MET E 138 5.24 -30.81 -15.98
CA MET E 138 6.25 -31.84 -15.70
C MET E 138 6.68 -31.81 -14.22
N ALA E 139 6.86 -30.59 -13.65
CA ALA E 139 7.26 -30.35 -12.26
C ALA E 139 6.18 -30.84 -11.29
N ALA E 140 4.90 -30.68 -11.66
CA ALA E 140 3.76 -31.10 -10.84
C ALA E 140 3.62 -32.63 -10.80
N GLN E 141 4.09 -33.34 -11.86
CA GLN E 141 4.07 -34.79 -11.96
C GLN E 141 4.94 -35.46 -10.90
N ILE E 142 6.07 -34.82 -10.52
CA ILE E 142 6.96 -35.38 -9.49
C ILE E 142 6.26 -35.28 -8.11
N THR E 143 5.50 -34.17 -7.88
CA THR E 143 4.69 -33.97 -6.67
C THR E 143 3.57 -35.03 -6.63
N LYS E 144 2.90 -35.26 -7.79
CA LYS E 144 1.81 -36.22 -7.98
C LYS E 144 2.24 -37.64 -7.59
N ARG E 145 3.43 -38.08 -8.06
CA ARG E 145 4.00 -39.39 -7.77
C ARG E 145 4.29 -39.56 -6.27
N LYS E 146 4.82 -38.49 -5.63
CA LYS E 146 5.13 -38.44 -4.21
C LYS E 146 3.85 -38.54 -3.37
N TRP E 147 2.78 -37.87 -3.82
CA TRP E 147 1.49 -37.83 -3.14
C TRP E 147 0.72 -39.13 -3.33
N GLU E 148 0.91 -39.82 -4.46
CA GLU E 148 0.28 -41.12 -4.73
C GLU E 148 0.92 -42.20 -3.84
N ALA E 149 2.25 -42.11 -3.67
CA ALA E 149 3.05 -43.01 -2.84
C ALA E 149 2.76 -42.86 -1.34
N VAL E 150 2.34 -41.66 -0.91
CA VAL E 150 2.02 -41.33 0.49
C VAL E 150 0.47 -41.31 0.74
N HIS E 151 -0.33 -41.66 -0.31
CA HIS E 151 -1.79 -41.76 -0.31
C HIS E 151 -2.45 -40.47 0.21
N ALA E 152 -2.05 -39.31 -0.36
CA ALA E 152 -2.53 -37.97 0.03
C ALA E 152 -4.01 -37.74 -0.30
N ALA E 153 -4.49 -38.27 -1.45
CA ALA E 153 -5.88 -38.13 -1.91
C ALA E 153 -6.87 -38.68 -0.89
N GLU E 154 -6.55 -39.83 -0.25
CA GLU E 154 -7.37 -40.47 0.78
C GLU E 154 -7.45 -39.59 2.03
N GLN E 155 -6.32 -38.94 2.40
CA GLN E 155 -6.25 -38.06 3.56
C GLN E 155 -7.02 -36.76 3.33
N ARG E 156 -7.12 -36.28 2.06
CA ARG E 156 -7.90 -35.07 1.72
C ARG E 156 -9.39 -35.35 1.82
N ARG E 157 -9.82 -36.50 1.28
CA ARG E 157 -11.21 -36.98 1.27
C ARG E 157 -11.72 -37.21 2.71
N VAL E 158 -10.88 -37.82 3.61
CA VAL E 158 -11.23 -38.06 5.02
C VAL E 158 -11.56 -36.70 5.71
N TYR E 159 -10.79 -35.64 5.39
CA TYR E 159 -11.01 -34.29 5.90
C TYR E 159 -12.25 -33.68 5.27
N LEU E 160 -12.33 -33.69 3.91
CA LEU E 160 -13.41 -33.09 3.15
C LEU E 160 -14.77 -33.69 3.48
N GLU E 161 -14.84 -35.01 3.54
CA GLU E 161 -16.07 -35.75 3.83
C GLU E 161 -16.33 -35.91 5.34
N GLY E 162 -15.41 -35.44 6.18
CA GLY E 162 -15.51 -35.55 7.63
C GLY E 162 -15.62 -34.22 8.35
N ARG E 163 -14.49 -33.79 8.95
CA ARG E 163 -14.37 -32.56 9.73
C ARG E 163 -14.81 -31.31 8.95
N CYS E 164 -14.49 -31.22 7.64
CA CYS E 164 -14.84 -30.10 6.77
C CYS E 164 -16.36 -29.90 6.71
N VAL E 165 -17.13 -31.00 6.42
CA VAL E 165 -18.59 -30.94 6.33
C VAL E 165 -19.21 -30.74 7.72
N ASP E 166 -18.63 -31.39 8.77
CA ASP E 166 -19.06 -31.28 10.16
C ASP E 166 -18.89 -29.87 10.71
N GLY E 167 -17.82 -29.20 10.25
CA GLY E 167 -17.51 -27.83 10.61
C GLY E 167 -18.47 -26.87 9.95
N LEU E 168 -18.67 -27.04 8.62
CA LEU E 168 -19.60 -26.24 7.81
C LEU E 168 -21.04 -26.35 8.35
N ARG E 169 -21.49 -27.57 8.70
CA ARG E 169 -22.82 -27.85 9.27
C ARG E 169 -23.03 -27.08 10.57
N ARG E 170 -22.00 -27.09 11.46
CA ARG E 170 -22.00 -26.42 12.77
C ARG E 170 -22.07 -24.89 12.59
N TYR E 171 -21.29 -24.33 11.63
CA TYR E 171 -21.22 -22.89 11.34
C TYR E 171 -22.58 -22.36 10.82
N LEU E 172 -23.25 -23.14 9.96
CA LEU E 172 -24.55 -22.81 9.37
C LEU E 172 -25.66 -22.77 10.41
N GLU E 173 -25.55 -23.61 11.47
CA GLU E 173 -26.53 -23.66 12.57
C GLU E 173 -26.28 -22.49 13.52
N ASN E 174 -25.02 -22.26 13.92
CA ASN E 174 -24.63 -21.19 14.85
C ASN E 174 -24.71 -19.78 14.20
N GLY E 175 -24.75 -19.74 12.87
CA GLY E 175 -24.87 -18.51 12.12
C GLY E 175 -26.11 -18.45 11.25
N LYS E 176 -27.18 -19.20 11.66
CA LYS E 176 -28.47 -19.34 10.96
C LYS E 176 -29.21 -18.02 10.68
N GLU E 177 -29.01 -16.97 11.50
CA GLU E 177 -29.67 -15.66 11.32
C GLU E 177 -28.95 -14.80 10.25
N THR E 178 -27.68 -15.12 9.93
CA THR E 178 -26.85 -14.40 8.95
C THR E 178 -26.66 -15.24 7.67
N LEU E 179 -26.02 -16.41 7.81
CA LEU E 179 -25.62 -17.34 6.74
C LEU E 179 -26.76 -17.94 5.92
N GLN E 180 -27.94 -18.11 6.54
CA GLN E 180 -29.09 -18.71 5.85
C GLN E 180 -30.03 -17.64 5.30
N ARG E 181 -29.71 -16.35 5.54
CA ARG E 181 -30.51 -15.20 5.10
C ARG E 181 -30.16 -14.81 3.64
N THR E 182 -31.18 -14.43 2.86
CA THR E 182 -31.02 -13.94 1.49
C THR E 182 -31.52 -12.49 1.44
N ASP E 183 -30.59 -11.55 1.24
CA ASP E 183 -30.88 -10.13 1.15
C ASP E 183 -31.14 -9.76 -0.32
N PRO E 184 -32.37 -9.31 -0.68
CA PRO E 184 -32.63 -8.97 -2.09
C PRO E 184 -32.00 -7.62 -2.49
N PRO E 185 -31.68 -7.39 -3.80
CA PRO E 185 -31.09 -6.09 -4.18
C PRO E 185 -32.08 -4.93 -4.18
N LYS E 186 -31.61 -3.77 -3.70
CA LYS E 186 -32.40 -2.54 -3.77
C LYS E 186 -32.04 -1.97 -5.14
N THR E 187 -33.03 -1.87 -6.00
CA THR E 187 -32.85 -1.42 -7.37
C THR E 187 -33.39 -0.01 -7.62
N HIS E 188 -32.64 0.76 -8.42
CA HIS E 188 -32.99 2.10 -8.88
C HIS E 188 -32.32 2.35 -10.25
N MET E 189 -32.81 3.34 -10.99
CA MET E 189 -32.32 3.68 -12.31
C MET E 189 -32.03 5.17 -12.44
N THR E 190 -30.94 5.48 -13.17
CA THR E 190 -30.51 6.86 -13.44
C THR E 190 -30.55 7.11 -14.95
N HIS E 191 -30.74 8.38 -15.32
CA HIS E 191 -30.81 8.85 -16.70
C HIS E 191 -29.91 10.08 -16.82
N HIS E 192 -28.94 10.02 -17.74
CA HIS E 192 -27.96 11.08 -17.95
C HIS E 192 -27.75 11.34 -19.43
N PRO E 193 -28.14 12.52 -19.95
CA PRO E 193 -27.94 12.79 -21.39
C PRO E 193 -26.50 13.18 -21.71
N ILE E 194 -25.98 12.69 -22.85
CA ILE E 194 -24.63 13.01 -23.30
C ILE E 194 -24.73 14.13 -24.35
N SER E 195 -25.90 14.22 -24.99
CA SER E 195 -26.27 15.22 -26.00
C SER E 195 -27.80 15.34 -26.03
N ASP E 196 -28.36 16.07 -27.02
CA ASP E 196 -29.80 16.23 -27.19
C ASP E 196 -30.44 14.99 -27.82
N HIS E 197 -29.62 14.12 -28.47
CA HIS E 197 -30.09 12.92 -29.16
C HIS E 197 -29.60 11.61 -28.52
N GLU E 198 -28.62 11.67 -27.58
CA GLU E 198 -28.06 10.51 -26.88
C GLU E 198 -28.23 10.63 -25.36
N ALA E 199 -28.49 9.50 -24.68
CA ALA E 199 -28.65 9.46 -23.22
C ALA E 199 -28.17 8.13 -22.64
N THR E 200 -27.62 8.15 -21.39
CA THR E 200 -27.13 6.97 -20.67
C THR E 200 -28.14 6.55 -19.58
N LEU E 201 -28.58 5.30 -19.67
CA LEU E 201 -29.47 4.68 -18.69
C LEU E 201 -28.66 3.70 -17.86
N ARG E 202 -28.69 3.83 -16.54
CA ARG E 202 -27.94 2.95 -15.65
C ARG E 202 -28.85 2.36 -14.58
N CYS E 203 -28.94 1.04 -14.51
CA CYS E 203 -29.76 0.46 -13.46
C CYS E 203 -28.85 -0.19 -12.43
N TRP E 204 -29.21 0.05 -11.20
CA TRP E 204 -28.47 -0.33 -10.01
C TRP E 204 -29.07 -1.49 -9.26
N ALA E 205 -28.20 -2.22 -8.55
CA ALA E 205 -28.51 -3.32 -7.64
C ALA E 205 -27.59 -3.19 -6.45
N LEU E 206 -28.14 -2.82 -5.28
CA LEU E 206 -27.35 -2.59 -4.06
C LEU E 206 -27.88 -3.40 -2.89
N GLY E 207 -27.05 -3.53 -1.85
CA GLY E 207 -27.39 -4.20 -0.59
C GLY E 207 -27.87 -5.63 -0.67
N PHE E 208 -27.36 -6.42 -1.65
CA PHE E 208 -27.75 -7.81 -1.81
C PHE E 208 -26.72 -8.82 -1.29
N TYR E 209 -27.21 -9.96 -0.82
CA TYR E 209 -26.45 -11.11 -0.37
C TYR E 209 -27.24 -12.40 -0.72
N PRO E 210 -26.64 -13.44 -1.34
CA PRO E 210 -25.22 -13.58 -1.75
C PRO E 210 -24.84 -12.72 -2.97
N ALA E 211 -23.55 -12.77 -3.39
CA ALA E 211 -22.99 -11.96 -4.48
C ALA E 211 -23.56 -12.32 -5.87
N GLU E 212 -23.94 -13.60 -6.07
CA GLU E 212 -24.46 -14.12 -7.34
C GLU E 212 -25.70 -13.36 -7.80
N ILE E 213 -25.59 -12.77 -9.01
CA ILE E 213 -26.64 -12.03 -9.71
C ILE E 213 -26.38 -11.93 -11.20
N THR E 214 -27.42 -11.60 -11.93
CA THR E 214 -27.37 -11.34 -13.35
C THR E 214 -28.07 -10.01 -13.58
N LEU E 215 -27.40 -9.11 -14.29
CA LEU E 215 -27.92 -7.82 -14.69
C LEU E 215 -27.93 -7.78 -16.21
N THR E 216 -29.11 -7.65 -16.79
CA THR E 216 -29.22 -7.68 -18.25
C THR E 216 -30.17 -6.57 -18.72
N TRP E 217 -29.88 -6.02 -19.92
CA TRP E 217 -30.64 -4.98 -20.59
C TRP E 217 -31.32 -5.55 -21.81
N GLN E 218 -32.59 -5.18 -22.02
CA GLN E 218 -33.38 -5.62 -23.16
C GLN E 218 -33.95 -4.43 -23.91
N ARG E 219 -34.09 -4.59 -25.23
CA ARG E 219 -34.71 -3.60 -26.11
C ARG E 219 -35.81 -4.33 -26.84
N ASP E 220 -37.08 -3.97 -26.55
CA ASP E 220 -38.31 -4.58 -27.06
C ASP E 220 -38.33 -6.09 -26.70
N GLY E 221 -37.87 -6.40 -25.47
CA GLY E 221 -37.81 -7.75 -24.92
C GLY E 221 -36.75 -8.64 -25.54
N GLU E 222 -35.72 -8.04 -26.16
CA GLU E 222 -34.62 -8.78 -26.78
C GLU E 222 -33.32 -8.33 -26.15
N ASP E 223 -32.51 -9.28 -25.67
CA ASP E 223 -31.22 -9.06 -25.00
C ASP E 223 -30.34 -8.07 -25.77
N GLN E 224 -29.88 -7.03 -25.06
CA GLN E 224 -29.04 -5.94 -25.57
C GLN E 224 -27.67 -6.05 -24.91
N THR E 225 -26.64 -6.40 -25.71
CA THR E 225 -25.24 -6.52 -25.28
C THR E 225 -24.41 -5.38 -25.87
N GLN E 226 -24.80 -4.94 -27.07
CA GLN E 226 -24.16 -3.84 -27.79
C GLN E 226 -24.50 -2.50 -27.14
N ASP E 227 -23.51 -1.58 -27.05
CA ASP E 227 -23.61 -0.24 -26.44
C ASP E 227 -23.94 -0.35 -24.93
N THR E 228 -23.44 -1.41 -24.26
CA THR E 228 -23.67 -1.65 -22.84
C THR E 228 -22.38 -1.75 -22.04
N GLU E 229 -22.48 -1.48 -20.73
CA GLU E 229 -21.38 -1.62 -19.79
C GLU E 229 -21.89 -2.30 -18.53
N LEU E 230 -21.30 -3.44 -18.20
CA LEU E 230 -21.65 -4.23 -17.03
C LEU E 230 -20.42 -4.33 -16.15
N VAL E 231 -20.43 -3.63 -15.00
CA VAL E 231 -19.29 -3.66 -14.08
C VAL E 231 -19.32 -4.96 -13.26
N GLU E 232 -18.15 -5.35 -12.75
CA GLU E 232 -17.96 -6.54 -11.92
C GLU E 232 -18.68 -6.36 -10.57
N THR E 233 -19.23 -7.46 -10.00
CA THR E 233 -19.92 -7.41 -8.70
C THR E 233 -18.87 -6.99 -7.67
N ARG E 234 -19.19 -5.95 -6.88
CA ARG E 234 -18.24 -5.39 -5.91
C ARG E 234 -18.78 -5.42 -4.45
N PRO E 235 -17.89 -5.60 -3.45
CA PRO E 235 -18.36 -5.58 -2.04
C PRO E 235 -18.63 -4.16 -1.56
N ALA E 236 -19.79 -3.94 -0.90
CA ALA E 236 -20.16 -2.63 -0.36
C ALA E 236 -19.35 -2.27 0.88
N GLY E 237 -18.92 -3.28 1.64
CA GLY E 237 -18.11 -3.10 2.84
C GLY E 237 -18.81 -3.46 4.13
N ASP E 238 -20.13 -3.71 4.06
CA ASP E 238 -20.95 -4.08 5.22
C ASP E 238 -21.50 -5.53 5.09
N GLY E 239 -20.82 -6.34 4.28
CA GLY E 239 -21.18 -7.73 4.02
C GLY E 239 -22.18 -7.90 2.89
N THR E 240 -22.51 -6.79 2.19
CA THR E 240 -23.45 -6.78 1.09
C THR E 240 -22.69 -6.45 -0.23
N PHE E 241 -23.36 -6.68 -1.39
CA PHE E 241 -22.75 -6.49 -2.70
C PHE E 241 -23.48 -5.47 -3.59
N GLN E 242 -22.74 -4.93 -4.60
CA GLN E 242 -23.23 -3.95 -5.57
C GLN E 242 -22.87 -4.36 -7.01
N LYS E 243 -23.70 -3.93 -7.98
CA LYS E 243 -23.50 -4.15 -9.41
C LYS E 243 -24.39 -3.19 -10.20
N TRP E 244 -23.88 -2.67 -11.32
CA TRP E 244 -24.68 -1.85 -12.20
C TRP E 244 -24.44 -2.22 -13.66
N ALA E 245 -25.46 -1.97 -14.49
CA ALA E 245 -25.47 -2.22 -15.93
C ALA E 245 -25.99 -0.96 -16.60
N ALA E 246 -25.21 -0.38 -17.53
CA ALA E 246 -25.59 0.84 -18.24
C ALA E 246 -25.68 0.62 -19.75
N VAL E 247 -26.58 1.38 -20.43
CA VAL E 247 -26.81 1.33 -21.87
C VAL E 247 -27.00 2.78 -22.40
N VAL E 248 -26.41 3.10 -23.56
CA VAL E 248 -26.54 4.41 -24.20
C VAL E 248 -27.66 4.29 -25.27
N VAL E 249 -28.78 4.98 -25.03
CA VAL E 249 -30.01 4.91 -25.82
C VAL E 249 -30.30 6.25 -26.56
N PRO E 250 -31.02 6.22 -27.70
CA PRO E 250 -31.37 7.50 -28.36
C PRO E 250 -32.45 8.22 -27.53
N SER E 251 -32.35 9.56 -27.41
CA SER E 251 -33.31 10.38 -26.66
C SER E 251 -34.71 10.23 -27.26
N GLY E 252 -35.66 9.84 -26.40
CA GLY E 252 -37.04 9.60 -26.78
C GLY E 252 -37.42 8.13 -26.79
N GLU E 253 -36.41 7.23 -26.90
CA GLU E 253 -36.60 5.78 -26.97
C GLU E 253 -36.32 5.05 -25.63
N GLU E 254 -36.16 5.80 -24.52
CA GLU E 254 -35.87 5.28 -23.17
C GLU E 254 -36.77 4.13 -22.72
N GLN E 255 -38.10 4.25 -22.96
CA GLN E 255 -39.12 3.30 -22.53
C GLN E 255 -39.11 1.98 -23.34
N ARG E 256 -38.30 1.89 -24.41
CA ARG E 256 -38.15 0.65 -25.21
C ARG E 256 -37.15 -0.31 -24.56
N TYR E 257 -36.47 0.16 -23.51
CA TYR E 257 -35.44 -0.57 -22.81
C TYR E 257 -35.89 -1.01 -21.41
N THR E 258 -35.55 -2.26 -21.05
CA THR E 258 -35.86 -2.84 -19.74
C THR E 258 -34.65 -3.53 -19.16
N CYS E 259 -34.61 -3.52 -17.82
CA CYS E 259 -33.58 -4.18 -17.05
C CYS E 259 -34.16 -5.37 -16.34
N HIS E 260 -33.46 -6.50 -16.41
CA HIS E 260 -33.86 -7.73 -15.75
C HIS E 260 -32.82 -8.07 -14.68
N VAL E 261 -33.27 -8.12 -13.40
CA VAL E 261 -32.39 -8.43 -12.28
C VAL E 261 -32.82 -9.78 -11.68
N GLN E 262 -31.91 -10.78 -11.69
CA GLN E 262 -32.20 -12.10 -11.15
C GLN E 262 -31.33 -12.39 -9.95
N HIS E 263 -31.94 -12.51 -8.77
CA HIS E 263 -31.29 -12.81 -7.49
C HIS E 263 -32.10 -13.88 -6.76
N GLU E 264 -31.43 -14.74 -5.95
CA GLU E 264 -32.13 -15.80 -5.20
C GLU E 264 -32.99 -15.23 -4.04
N GLY E 265 -32.71 -13.98 -3.64
CA GLY E 265 -33.46 -13.26 -2.61
C GLY E 265 -34.73 -12.62 -3.15
N LEU E 266 -34.93 -12.68 -4.47
CA LEU E 266 -36.11 -12.15 -5.15
C LEU E 266 -37.08 -13.29 -5.48
N PRO E 267 -38.38 -13.18 -5.11
CA PRO E 267 -39.34 -14.26 -5.44
C PRO E 267 -39.49 -14.41 -6.96
N LYS E 268 -39.57 -13.28 -7.67
CA LYS E 268 -39.67 -13.17 -9.11
C LYS E 268 -38.64 -12.16 -9.63
N PRO E 269 -37.93 -12.46 -10.75
CA PRO E 269 -36.97 -11.47 -11.28
C PRO E 269 -37.65 -10.15 -11.64
N LEU E 270 -36.99 -9.04 -11.30
CA LEU E 270 -37.50 -7.69 -11.54
C LEU E 270 -37.29 -7.25 -12.99
N THR E 271 -38.15 -6.33 -13.45
CA THR E 271 -38.11 -5.70 -14.77
C THR E 271 -38.26 -4.20 -14.52
N LEU E 272 -37.15 -3.45 -14.66
CA LEU E 272 -37.12 -1.99 -14.44
C LEU E 272 -37.16 -1.24 -15.75
N ARG E 273 -37.88 -0.11 -15.77
CA ARG E 273 -38.07 0.76 -16.95
C ARG E 273 -38.02 2.24 -16.55
N TRP E 274 -37.46 3.10 -17.43
CA TRP E 274 -37.39 4.54 -17.18
C TRP E 274 -38.66 5.21 -17.70
N ILE F 2 2.75 -15.13 -16.96
CA ILE F 2 2.40 -13.74 -17.27
C ILE F 2 1.83 -13.04 -16.03
N GLN F 3 2.13 -11.75 -15.89
CA GLN F 3 1.57 -10.93 -14.82
C GLN F 3 0.23 -10.37 -15.29
N ARG F 4 -0.69 -10.18 -14.36
CA ARG F 4 -2.01 -9.64 -14.62
C ARG F 4 -2.14 -8.26 -14.00
N THR F 5 -2.64 -7.29 -14.79
CA THR F 5 -2.85 -5.89 -14.39
C THR F 5 -4.19 -5.78 -13.60
N PRO F 6 -4.22 -5.00 -12.50
CA PRO F 6 -5.47 -4.89 -11.72
C PRO F 6 -6.57 -4.06 -12.35
N LYS F 7 -7.81 -4.43 -12.01
CA LYS F 7 -9.04 -3.73 -12.37
C LYS F 7 -9.37 -2.86 -11.17
N ILE F 8 -9.79 -1.60 -11.40
CA ILE F 8 -10.06 -0.67 -10.30
C ILE F 8 -11.51 -0.15 -10.37
N GLN F 9 -12.17 -0.06 -9.19
CA GLN F 9 -13.53 0.48 -9.05
C GLN F 9 -13.61 1.35 -7.80
N VAL F 10 -13.74 2.66 -7.98
CA VAL F 10 -13.86 3.54 -6.82
C VAL F 10 -15.36 3.80 -6.66
N TYR F 11 -15.89 3.69 -5.43
CA TYR F 11 -17.33 3.86 -5.18
C TYR F 11 -17.66 4.15 -3.71
N SER F 12 -18.97 4.37 -3.41
CA SER F 12 -19.52 4.64 -2.09
C SER F 12 -20.33 3.44 -1.60
N ARG F 13 -20.29 3.17 -0.27
CA ARG F 13 -20.99 2.04 0.40
C ARG F 13 -22.51 2.22 0.33
N HIS F 14 -23.00 3.47 0.48
CA HIS F 14 -24.40 3.84 0.45
C HIS F 14 -24.63 4.97 -0.57
N PRO F 15 -25.89 5.35 -0.92
CA PRO F 15 -26.08 6.46 -1.88
C PRO F 15 -25.49 7.77 -1.38
N ALA F 16 -24.84 8.51 -2.31
CA ALA F 16 -24.13 9.79 -2.19
C ALA F 16 -24.68 10.75 -1.10
N GLU F 17 -25.48 11.78 -1.50
CA GLU F 17 -26.09 12.83 -0.65
C GLU F 17 -25.03 13.67 0.11
N ASN F 18 -24.96 14.98 -0.20
CA ASN F 18 -24.01 15.91 0.44
C ASN F 18 -24.38 16.19 1.90
N GLY F 19 -23.37 16.15 2.76
CA GLY F 19 -23.52 16.37 4.18
C GLY F 19 -22.90 15.26 5.00
N LYS F 20 -23.59 14.11 5.06
CA LYS F 20 -23.19 12.90 5.80
C LYS F 20 -23.65 11.62 5.02
N SER F 21 -23.05 10.41 5.18
CA SER F 21 -21.97 9.96 6.10
C SER F 21 -21.24 8.70 5.61
N ASN F 22 -21.74 8.04 4.53
CA ASN F 22 -21.29 6.76 3.93
C ASN F 22 -19.76 6.62 3.68
N PHE F 23 -19.31 5.36 3.47
CA PHE F 23 -17.91 4.96 3.28
C PHE F 23 -17.45 5.01 1.83
N LEU F 24 -16.19 5.45 1.61
CA LEU F 24 -15.54 5.52 0.30
C LEU F 24 -14.77 4.21 0.09
N ASN F 25 -15.25 3.40 -0.86
CA ASN F 25 -14.66 2.11 -1.20
C ASN F 25 -13.83 2.18 -2.48
N CYS F 26 -12.83 1.28 -2.54
CA CYS F 26 -11.93 1.09 -3.67
C CYS F 26 -11.68 -0.39 -3.81
N TYR F 27 -12.11 -0.96 -4.91
CA TYR F 27 -11.98 -2.38 -5.18
C TYR F 27 -10.96 -2.62 -6.26
N VAL F 28 -9.93 -3.41 -5.93
CA VAL F 28 -8.87 -3.78 -6.84
C VAL F 28 -8.97 -5.31 -7.00
N SER F 29 -8.96 -5.78 -8.25
CA SER F 29 -9.13 -7.19 -8.57
C SER F 29 -8.38 -7.56 -9.85
N GLY F 30 -8.22 -8.87 -10.07
CA GLY F 30 -7.58 -9.44 -11.25
C GLY F 30 -6.09 -9.20 -11.40
N PHE F 31 -5.39 -8.87 -10.29
CA PHE F 31 -3.97 -8.54 -10.30
C PHE F 31 -3.09 -9.69 -9.84
N HIS F 32 -1.95 -9.87 -10.51
CA HIS F 32 -0.98 -10.89 -10.13
C HIS F 32 0.42 -10.38 -10.43
N PRO F 33 1.38 -10.37 -9.48
CA PRO F 33 1.31 -10.88 -8.09
C PRO F 33 0.46 -10.02 -7.13
N SER F 34 0.32 -10.49 -5.87
CA SER F 34 -0.45 -9.86 -4.79
C SER F 34 0.14 -8.52 -4.30
N ASP F 35 1.45 -8.29 -4.55
CA ASP F 35 2.15 -7.06 -4.16
C ASP F 35 1.53 -5.86 -4.89
N ILE F 36 0.71 -5.09 -4.16
CA ILE F 36 0.00 -3.92 -4.66
C ILE F 36 -0.03 -2.85 -3.57
N GLU F 37 0.13 -1.57 -3.94
CA GLU F 37 0.10 -0.49 -2.97
C GLU F 37 -0.84 0.61 -3.41
N VAL F 38 -1.80 0.95 -2.52
CA VAL F 38 -2.79 2.01 -2.68
C VAL F 38 -2.16 3.39 -2.28
N ASP F 39 -2.82 4.50 -2.67
CA ASP F 39 -2.42 5.88 -2.38
C ASP F 39 -3.64 6.79 -2.59
N LEU F 40 -4.48 6.92 -1.55
CA LEU F 40 -5.73 7.71 -1.55
C LEU F 40 -5.53 9.20 -1.86
N LEU F 41 -6.64 9.91 -2.17
CA LEU F 41 -6.57 11.34 -2.46
C LEU F 41 -7.93 12.06 -2.30
N LYS F 42 -7.94 13.05 -1.38
CA LYS F 42 -9.05 13.96 -1.06
C LYS F 42 -8.54 15.37 -1.41
N ASN F 43 -8.94 15.88 -2.60
CA ASN F 43 -8.49 17.15 -3.19
C ASN F 43 -7.02 16.97 -3.65
N GLY F 44 -6.62 15.69 -3.75
CA GLY F 44 -5.29 15.24 -4.13
C GLY F 44 -4.41 14.84 -2.97
N GLU F 45 -4.99 14.65 -1.76
CA GLU F 45 -4.24 14.33 -0.55
C GLU F 45 -4.62 12.98 0.08
N ARG F 46 -3.59 12.17 0.40
CA ARG F 46 -3.68 10.83 0.97
C ARG F 46 -4.37 10.79 2.35
N ILE F 47 -5.42 9.95 2.48
CA ILE F 47 -6.18 9.70 3.72
C ILE F 47 -5.46 8.55 4.45
N GLU F 48 -5.14 8.75 5.74
CA GLU F 48 -4.36 7.82 6.55
C GLU F 48 -5.15 6.62 7.09
N LYS F 49 -5.04 5.45 6.39
CA LYS F 49 -5.59 4.12 6.71
C LYS F 49 -5.50 3.15 5.51
N VAL F 50 -4.55 2.18 5.62
CA VAL F 50 -4.31 1.11 4.64
C VAL F 50 -5.26 -0.05 5.03
N GLU F 51 -6.21 -0.37 4.15
CA GLU F 51 -7.20 -1.40 4.40
C GLU F 51 -6.89 -2.70 3.65
N HIS F 52 -6.07 -3.56 4.29
CA HIS F 52 -5.65 -4.88 3.80
C HIS F 52 -6.87 -5.77 3.56
N SER F 53 -7.98 -5.54 4.33
CA SER F 53 -9.28 -6.23 4.26
C SER F 53 -9.14 -7.77 4.14
N ASP F 54 -7.91 -8.26 4.34
CA ASP F 54 -7.44 -9.65 4.28
C ASP F 54 -7.52 -10.15 2.85
N LEU F 55 -6.33 -10.21 2.21
CA LEU F 55 -6.06 -10.66 0.84
C LEU F 55 -6.69 -12.03 0.54
N SER F 56 -7.41 -12.10 -0.58
CA SER F 56 -8.08 -13.31 -1.07
C SER F 56 -7.94 -13.38 -2.60
N PHE F 57 -8.43 -14.47 -3.23
CA PHE F 57 -8.32 -14.60 -4.68
C PHE F 57 -9.57 -15.25 -5.29
N SER F 58 -9.90 -14.80 -6.52
CA SER F 58 -11.09 -15.23 -7.25
C SER F 58 -10.97 -14.94 -8.75
N LYS F 59 -11.41 -15.87 -9.61
CA LYS F 59 -11.85 -17.22 -9.26
C LYS F 59 -10.82 -18.20 -9.82
N ASP F 60 -9.92 -17.64 -10.63
CA ASP F 60 -8.77 -18.33 -11.21
C ASP F 60 -7.72 -18.32 -10.11
N TRP F 61 -6.77 -17.38 -10.17
CA TRP F 61 -5.69 -17.17 -9.21
C TRP F 61 -5.34 -15.66 -9.18
N SER F 62 -6.29 -14.84 -9.66
CA SER F 62 -6.24 -13.39 -9.80
C SER F 62 -5.68 -12.65 -8.57
N PHE F 63 -6.51 -12.39 -7.53
CA PHE F 63 -6.29 -11.63 -6.27
C PHE F 63 -7.22 -10.43 -6.26
N TYR F 64 -7.74 -10.08 -5.08
CA TYR F 64 -8.66 -8.95 -4.90
C TYR F 64 -8.60 -8.37 -3.48
N LEU F 65 -8.73 -7.04 -3.39
CA LEU F 65 -8.71 -6.30 -2.13
C LEU F 65 -9.69 -5.14 -2.16
N LEU F 66 -10.33 -4.87 -1.02
CA LEU F 66 -11.20 -3.70 -0.88
C LEU F 66 -10.47 -2.71 0.03
N TYR F 67 -10.46 -1.43 -0.35
CA TYR F 67 -9.86 -0.37 0.44
C TYR F 67 -10.98 0.59 0.81
N TYR F 68 -11.16 0.81 2.12
CA TYR F 68 -12.23 1.66 2.63
C TYR F 68 -11.72 2.68 3.64
N THR F 69 -12.39 3.84 3.66
CA THR F 69 -12.11 4.99 4.55
C THR F 69 -13.40 5.79 4.76
N GLU F 70 -13.60 6.29 5.99
CA GLU F 70 -14.76 7.10 6.35
C GLU F 70 -14.71 8.44 5.64
N PHE F 71 -15.85 8.87 5.06
CA PHE F 71 -15.90 10.17 4.38
C PHE F 71 -17.21 10.90 4.64
N THR F 72 -17.07 12.17 4.99
CA THR F 72 -18.16 13.11 5.23
C THR F 72 -18.34 13.85 3.90
N PRO F 73 -19.41 13.55 3.10
CA PRO F 73 -19.57 14.16 1.76
C PRO F 73 -19.49 15.70 1.71
N THR F 74 -18.24 16.20 1.62
CA THR F 74 -17.82 17.60 1.52
C THR F 74 -16.65 17.68 0.55
N GLU F 75 -16.78 18.52 -0.50
CA GLU F 75 -15.83 18.72 -1.60
C GLU F 75 -15.90 17.50 -2.56
N LYS F 76 -16.53 17.61 -3.78
CA LYS F 76 -17.10 18.77 -4.52
C LYS F 76 -15.92 19.66 -5.03
N ASP F 77 -14.77 18.99 -5.27
CA ASP F 77 -13.51 19.53 -5.80
C ASP F 77 -12.72 18.43 -6.54
N GLU F 78 -12.27 17.41 -5.78
CA GLU F 78 -11.48 16.26 -6.25
C GLU F 78 -11.52 15.16 -5.19
N TYR F 79 -11.77 13.89 -5.61
CA TYR F 79 -11.85 12.76 -4.68
C TYR F 79 -11.64 11.42 -5.41
N ALA F 80 -10.38 11.12 -5.81
CA ALA F 80 -10.02 9.92 -6.58
C ALA F 80 -9.40 8.78 -5.76
N CYS F 81 -8.78 7.82 -6.48
CA CYS F 81 -8.05 6.66 -5.98
C CYS F 81 -6.84 6.42 -6.86
N ARG F 82 -5.70 6.07 -6.24
CA ARG F 82 -4.45 5.78 -6.92
C ARG F 82 -3.88 4.49 -6.34
N VAL F 83 -3.45 3.59 -7.23
CA VAL F 83 -2.87 2.30 -6.84
C VAL F 83 -1.73 1.98 -7.83
N ASN F 84 -0.67 1.32 -7.34
CA ASN F 84 0.47 0.93 -8.17
C ASN F 84 0.74 -0.57 -8.06
N HIS F 85 1.05 -1.19 -9.22
CA HIS F 85 1.36 -2.60 -9.40
C HIS F 85 2.65 -2.76 -10.21
N VAL F 86 3.15 -1.63 -10.79
CA VAL F 86 4.37 -1.44 -11.60
C VAL F 86 4.13 -1.80 -13.09
N THR F 87 3.04 -2.54 -13.41
CA THR F 87 2.64 -2.96 -14.77
C THR F 87 2.64 -1.79 -15.78
N LEU F 88 2.33 -0.57 -15.31
CA LEU F 88 2.34 0.66 -16.11
C LEU F 88 3.21 1.73 -15.41
N SER F 89 3.92 2.54 -16.19
CA SER F 89 4.85 3.58 -15.70
C SER F 89 4.16 4.94 -15.46
N GLN F 90 3.07 4.98 -14.66
CA GLN F 90 2.36 6.22 -14.38
C GLN F 90 2.41 6.53 -12.84
N PRO F 91 1.57 6.00 -11.88
CA PRO F 91 0.41 5.10 -12.00
C PRO F 91 -0.89 5.85 -12.33
N LYS F 92 -1.86 5.13 -12.93
CA LYS F 92 -3.16 5.64 -13.37
C LYS F 92 -4.06 6.02 -12.18
N ILE F 93 -4.82 7.13 -12.34
CA ILE F 93 -5.76 7.68 -11.36
C ILE F 93 -7.22 7.46 -11.84
N VAL F 94 -8.19 7.54 -10.90
CA VAL F 94 -9.62 7.37 -11.19
C VAL F 94 -10.42 8.48 -10.45
N LYS F 95 -10.45 9.70 -11.05
CA LYS F 95 -11.08 10.93 -10.53
C LYS F 95 -12.55 10.77 -10.11
N TRP F 96 -13.09 11.75 -9.35
CA TRP F 96 -14.46 11.67 -8.84
C TRP F 96 -15.48 12.48 -9.63
N ASP F 97 -16.69 11.93 -9.69
CA ASP F 97 -17.89 12.48 -10.30
C ASP F 97 -19.10 11.95 -9.52
N ARG F 98 -19.69 12.78 -8.64
CA ARG F 98 -20.82 12.39 -7.81
C ARG F 98 -22.10 12.15 -8.64
N ASP F 99 -22.10 12.58 -9.93
CA ASP F 99 -23.21 12.40 -10.88
C ASP F 99 -23.01 11.14 -11.76
N MET F 100 -22.24 10.15 -11.25
CA MET F 100 -21.98 8.86 -11.89
C MET F 100 -22.39 7.72 -10.95
N GLY G 1 14.97 -7.85 -31.81
CA GLY G 1 14.48 -6.48 -31.91
C GLY G 1 13.02 -6.35 -31.54
N SER G 2 12.40 -5.22 -31.94
CA SER G 2 10.99 -4.93 -31.67
C SER G 2 10.08 -5.63 -32.69
N HIS G 3 8.90 -6.09 -32.25
CA HIS G 3 7.92 -6.80 -33.10
C HIS G 3 6.51 -6.21 -32.99
N SER G 4 5.64 -6.53 -33.96
CA SER G 4 4.27 -6.02 -34.01
C SER G 4 3.27 -7.04 -34.56
N MET G 5 2.03 -6.97 -34.05
CA MET G 5 0.90 -7.77 -34.51
C MET G 5 -0.18 -6.81 -34.94
N ARG G 6 -0.64 -6.94 -36.19
CA ARG G 6 -1.67 -6.06 -36.74
C ARG G 6 -2.80 -6.84 -37.35
N TYR G 7 -4.02 -6.33 -37.20
CA TYR G 7 -5.22 -6.92 -37.76
C TYR G 7 -5.90 -5.87 -38.65
N PHE G 8 -6.11 -6.22 -39.93
CA PHE G 8 -6.70 -5.33 -40.92
C PHE G 8 -8.03 -5.89 -41.38
N PHE G 9 -9.12 -5.15 -41.08
CA PHE G 9 -10.49 -5.50 -41.40
C PHE G 9 -11.09 -4.58 -42.43
N THR G 10 -11.71 -5.14 -43.47
CA THR G 10 -12.34 -4.35 -44.51
C THR G 10 -13.75 -4.87 -44.75
N SER G 11 -14.71 -3.95 -44.73
CA SER G 11 -16.13 -4.21 -44.92
C SER G 11 -16.66 -3.27 -46.00
N VAL G 12 -17.17 -3.84 -47.11
CA VAL G 12 -17.70 -3.09 -48.26
C VAL G 12 -19.19 -3.41 -48.47
N SER G 13 -20.04 -2.37 -48.41
CA SER G 13 -21.48 -2.48 -48.63
C SER G 13 -21.77 -2.70 -50.13
N ARG G 14 -22.71 -3.62 -50.44
CA ARG G 14 -23.09 -3.94 -51.82
C ARG G 14 -24.46 -3.33 -52.20
N PRO G 15 -24.54 -2.65 -53.37
CA PRO G 15 -25.81 -2.04 -53.78
C PRO G 15 -26.88 -3.07 -54.15
N GLY G 16 -26.44 -4.26 -54.58
CA GLY G 16 -27.32 -5.36 -54.95
C GLY G 16 -27.65 -6.27 -53.76
N ARG G 17 -28.06 -5.64 -52.62
CA ARG G 17 -28.45 -6.18 -51.30
C ARG G 17 -27.42 -7.14 -50.68
N GLY G 18 -26.54 -7.72 -51.52
CA GLY G 18 -25.51 -8.67 -51.13
C GLY G 18 -24.93 -8.34 -49.79
N GLU G 19 -25.14 -9.24 -48.81
CA GLU G 19 -24.67 -9.06 -47.43
C GLU G 19 -23.23 -8.54 -47.47
N PRO G 20 -22.99 -7.29 -46.99
CA PRO G 20 -21.66 -6.67 -47.11
C PRO G 20 -20.47 -7.62 -46.96
N ARG G 21 -19.52 -7.55 -47.93
CA ARG G 21 -18.31 -8.38 -47.93
C ARG G 21 -17.37 -7.94 -46.82
N PHE G 22 -16.90 -8.90 -46.03
CA PHE G 22 -15.99 -8.68 -44.92
C PHE G 22 -14.71 -9.50 -45.13
N ILE G 23 -13.58 -8.81 -45.26
CA ILE G 23 -12.26 -9.45 -45.41
C ILE G 23 -11.43 -9.08 -44.17
N ALA G 24 -10.81 -10.08 -43.54
CA ALA G 24 -9.97 -9.90 -42.37
C ALA G 24 -8.62 -10.59 -42.56
N VAL G 25 -7.53 -9.88 -42.25
CA VAL G 25 -6.16 -10.40 -42.35
C VAL G 25 -5.39 -10.10 -41.04
N GLY G 26 -4.49 -11.01 -40.70
CA GLY G 26 -3.65 -10.92 -39.52
C GLY G 26 -2.19 -11.01 -39.86
N TYR G 27 -1.39 -10.06 -39.34
CA TYR G 27 0.04 -9.99 -39.59
C TYR G 27 0.86 -9.99 -38.32
N VAL G 28 2.00 -10.68 -38.37
CA VAL G 28 3.05 -10.67 -37.36
C VAL G 28 4.21 -10.08 -38.12
N ASP G 29 4.47 -8.79 -37.86
CA ASP G 29 5.45 -7.97 -38.57
C ASP G 29 4.99 -7.88 -40.03
N ASP G 30 5.76 -8.43 -40.99
CA ASP G 30 5.41 -8.41 -42.41
C ASP G 30 4.92 -9.78 -42.91
N THR G 31 4.54 -10.69 -41.99
CA THR G 31 4.09 -12.04 -42.33
C THR G 31 2.63 -12.27 -41.98
N GLN G 32 1.82 -12.61 -43.01
CA GLN G 32 0.39 -12.93 -42.89
C GLN G 32 0.26 -14.32 -42.29
N PHE G 33 -0.63 -14.50 -41.29
CA PHE G 33 -0.81 -15.79 -40.63
C PHE G 33 -2.27 -16.28 -40.62
N VAL G 34 -3.26 -15.35 -40.64
CA VAL G 34 -4.68 -15.72 -40.63
C VAL G 34 -5.46 -14.93 -41.70
N ARG G 35 -6.64 -15.46 -42.10
CA ARG G 35 -7.55 -14.83 -43.06
C ARG G 35 -9.00 -15.27 -42.85
N PHE G 36 -9.93 -14.35 -43.16
CA PHE G 36 -11.36 -14.60 -43.10
C PHE G 36 -12.03 -13.86 -44.26
N ASP G 37 -12.72 -14.62 -45.12
CA ASP G 37 -13.45 -14.05 -46.26
C ASP G 37 -14.90 -14.52 -46.21
N SER G 38 -15.83 -13.55 -46.16
CA SER G 38 -17.29 -13.77 -46.11
C SER G 38 -17.80 -14.45 -47.40
N ASP G 39 -17.12 -14.24 -48.53
CA ASP G 39 -17.47 -14.82 -49.83
C ASP G 39 -16.95 -16.25 -50.00
N ALA G 40 -15.87 -16.61 -49.27
CA ALA G 40 -15.26 -17.94 -49.31
C ALA G 40 -16.22 -19.02 -48.78
N ALA G 41 -16.13 -20.23 -49.34
CA ALA G 41 -16.97 -21.38 -48.98
C ALA G 41 -16.63 -21.95 -47.59
N SER G 42 -15.46 -21.60 -47.03
CA SER G 42 -14.96 -22.08 -45.72
C SER G 42 -15.81 -21.57 -44.56
N GLN G 43 -16.01 -20.22 -44.47
CA GLN G 43 -16.77 -19.51 -43.42
C GLN G 43 -16.11 -19.71 -42.02
N LYS G 44 -14.76 -19.75 -42.01
CA LYS G 44 -13.92 -19.93 -40.82
C LYS G 44 -12.63 -19.15 -40.93
N MET G 45 -11.94 -18.89 -39.79
CA MET G 45 -10.64 -18.21 -39.76
C MET G 45 -9.64 -19.25 -40.31
N GLU G 46 -9.06 -18.96 -41.47
CA GLU G 46 -8.17 -19.87 -42.18
C GLU G 46 -6.68 -19.58 -41.95
N PRO G 47 -5.84 -20.64 -41.76
CA PRO G 47 -4.39 -20.41 -41.57
C PRO G 47 -3.67 -20.06 -42.89
N ARG G 48 -2.67 -19.16 -42.81
CA ARG G 48 -1.88 -18.72 -43.96
C ARG G 48 -0.37 -18.88 -43.69
N ALA G 49 -0.02 -19.36 -42.48
CA ALA G 49 1.35 -19.62 -42.05
C ALA G 49 1.46 -21.05 -41.50
N PRO G 50 2.58 -21.79 -41.75
CA PRO G 50 2.68 -23.17 -41.23
C PRO G 50 2.76 -23.28 -39.70
N TRP G 51 3.32 -22.27 -39.01
CA TRP G 51 3.46 -22.27 -37.54
C TRP G 51 2.14 -22.02 -36.82
N ILE G 52 1.13 -21.39 -37.47
CA ILE G 52 -0.17 -21.14 -36.81
C ILE G 52 -1.03 -22.41 -36.88
N GLU G 53 -0.71 -23.34 -37.79
CA GLU G 53 -1.41 -24.62 -37.97
C GLU G 53 -1.25 -25.50 -36.71
N GLN G 54 -0.22 -25.19 -35.89
CA GLN G 54 0.17 -25.84 -34.63
C GLN G 54 -0.85 -25.57 -33.50
N GLU G 55 -1.86 -24.73 -33.76
CA GLU G 55 -2.90 -24.41 -32.78
C GLU G 55 -4.05 -25.42 -32.86
N GLY G 56 -4.68 -25.67 -31.70
CA GLY G 56 -5.80 -26.60 -31.57
C GLY G 56 -7.11 -26.13 -32.19
N PRO G 57 -8.12 -27.02 -32.32
CA PRO G 57 -9.42 -26.60 -32.90
C PRO G 57 -10.15 -25.60 -31.99
N GLU G 58 -9.70 -25.55 -30.71
CA GLU G 58 -10.08 -24.70 -29.57
C GLU G 58 -9.75 -23.22 -29.86
N TYR G 59 -8.84 -22.96 -30.80
CA TYR G 59 -8.39 -21.64 -31.21
C TYR G 59 -9.16 -21.17 -32.46
N TRP G 60 -9.28 -22.06 -33.48
CA TRP G 60 -9.95 -21.79 -34.75
C TRP G 60 -11.46 -21.55 -34.61
N ASP G 61 -12.13 -22.25 -33.66
CA ASP G 61 -13.56 -22.08 -33.43
C ASP G 61 -13.84 -20.73 -32.73
N GLN G 62 -12.90 -20.31 -31.85
CA GLN G 62 -12.96 -19.06 -31.08
C GLN G 62 -12.69 -17.85 -31.97
N GLU G 63 -11.75 -17.98 -32.93
CA GLU G 63 -11.36 -16.94 -33.89
C GLU G 63 -12.44 -16.72 -34.96
N THR G 64 -13.16 -17.80 -35.35
CA THR G 64 -14.26 -17.75 -36.32
C THR G 64 -15.46 -17.01 -35.71
N ARG G 65 -15.76 -17.27 -34.42
CA ARG G 65 -16.84 -16.65 -33.65
C ARG G 65 -16.63 -15.12 -33.60
N ASN G 66 -15.38 -14.70 -33.39
CA ASN G 66 -14.97 -13.29 -33.34
C ASN G 66 -15.15 -12.62 -34.70
N MET G 67 -14.85 -13.34 -35.80
CA MET G 67 -14.96 -12.85 -37.17
C MET G 67 -16.40 -12.67 -37.63
N LYS G 68 -17.31 -13.56 -37.17
CA LYS G 68 -18.74 -13.49 -37.46
C LYS G 68 -19.35 -12.28 -36.74
N ALA G 69 -18.96 -12.07 -35.48
CA ALA G 69 -19.38 -10.94 -34.64
C ALA G 69 -18.83 -9.62 -35.21
N HIS G 70 -17.59 -9.67 -35.76
CA HIS G 70 -16.89 -8.54 -36.40
C HIS G 70 -17.62 -8.10 -37.66
N SER G 71 -18.04 -9.08 -38.51
CA SER G 71 -18.75 -8.80 -39.76
C SER G 71 -20.15 -8.24 -39.51
N GLN G 72 -20.91 -8.81 -38.55
CA GLN G 72 -22.26 -8.37 -38.21
C GLN G 72 -22.25 -6.94 -37.66
N THR G 73 -21.27 -6.60 -36.80
CA THR G 73 -21.11 -5.26 -36.23
C THR G 73 -20.81 -4.27 -37.36
N ASP G 74 -19.92 -4.67 -38.29
CA ASP G 74 -19.53 -3.89 -39.46
C ASP G 74 -20.73 -3.63 -40.38
N ARG G 75 -21.62 -4.64 -40.58
CA ARG G 75 -22.84 -4.53 -41.38
C ARG G 75 -23.82 -3.53 -40.77
N ALA G 76 -23.90 -3.50 -39.43
CA ALA G 76 -24.77 -2.58 -38.69
C ALA G 76 -24.19 -1.17 -38.70
N ASN G 77 -22.84 -1.06 -38.57
CA ASN G 77 -22.12 0.21 -38.55
C ASN G 77 -22.15 0.90 -39.90
N LEU G 78 -22.24 0.13 -41.00
CA LEU G 78 -22.35 0.65 -42.37
C LEU G 78 -23.64 1.45 -42.52
N GLY G 79 -24.71 0.91 -41.95
CA GLY G 79 -26.04 1.53 -41.92
C GLY G 79 -26.10 2.73 -41.02
N THR G 80 -25.43 2.66 -39.85
CA THR G 80 -25.36 3.74 -38.85
C THR G 80 -24.65 4.96 -39.43
N LEU G 81 -23.55 4.73 -40.18
CA LEU G 81 -22.75 5.79 -40.80
C LEU G 81 -23.43 6.45 -41.99
N ARG G 82 -24.28 5.70 -42.72
CA ARG G 82 -25.06 6.22 -43.85
C ARG G 82 -25.98 7.35 -43.37
N GLY G 83 -26.57 7.15 -42.19
CA GLY G 83 -27.47 8.09 -41.53
C GLY G 83 -26.75 9.30 -40.98
N TYR G 84 -25.54 9.08 -40.44
CA TYR G 84 -24.69 10.11 -39.85
C TYR G 84 -24.24 11.13 -40.90
N TYR G 85 -23.91 10.65 -42.11
CA TYR G 85 -23.42 11.50 -43.20
C TYR G 85 -24.54 11.83 -44.22
N ASN G 86 -25.79 11.40 -43.94
CA ASN G 86 -27.00 11.60 -44.74
C ASN G 86 -26.79 11.13 -46.20
N GLN G 87 -26.35 9.88 -46.35
CA GLN G 87 -26.07 9.26 -47.65
C GLN G 87 -27.16 8.25 -48.03
N SER G 88 -27.35 8.03 -49.34
CA SER G 88 -28.33 7.10 -49.90
C SER G 88 -27.79 5.65 -49.91
N GLU G 89 -28.69 4.65 -50.03
CA GLU G 89 -28.39 3.21 -50.09
C GLU G 89 -27.71 2.83 -51.42
N ASP G 90 -27.90 3.67 -52.45
CA ASP G 90 -27.38 3.53 -53.82
C ASP G 90 -25.88 3.32 -53.86
N GLY G 91 -25.16 4.15 -53.10
CA GLY G 91 -23.71 4.15 -53.03
C GLY G 91 -23.11 3.03 -52.21
N SER G 92 -21.94 2.55 -52.64
CA SER G 92 -21.17 1.52 -51.94
C SER G 92 -20.17 2.20 -51.02
N HIS G 93 -20.16 1.82 -49.74
CA HIS G 93 -19.29 2.44 -48.75
C HIS G 93 -18.40 1.41 -48.03
N THR G 94 -17.28 1.87 -47.46
CA THR G 94 -16.30 1.00 -46.83
C THR G 94 -15.96 1.43 -45.39
N ILE G 95 -15.89 0.46 -44.50
CA ILE G 95 -15.44 0.68 -43.13
C ILE G 95 -14.18 -0.20 -42.93
N GLN G 96 -13.07 0.45 -42.55
CA GLN G 96 -11.77 -0.17 -42.33
C GLN G 96 -11.36 -0.01 -40.87
N ILE G 97 -10.83 -1.10 -40.29
CA ILE G 97 -10.39 -1.11 -38.91
C ILE G 97 -8.98 -1.66 -38.87
N MET G 98 -8.15 -0.99 -38.04
CA MET G 98 -6.75 -1.29 -37.70
C MET G 98 -6.61 -1.40 -36.17
N TYR G 99 -6.12 -2.56 -35.68
CA TYR G 99 -5.78 -2.72 -34.28
C TYR G 99 -4.67 -3.75 -34.14
N GLY G 100 -3.86 -3.54 -33.11
CA GLY G 100 -2.71 -4.37 -32.77
C GLY G 100 -1.84 -3.77 -31.68
N CYS G 101 -0.65 -4.37 -31.47
CA CYS G 101 0.24 -3.96 -30.38
C CYS G 101 1.73 -4.03 -30.74
N ASP G 102 2.53 -3.13 -30.12
CA ASP G 102 3.99 -3.06 -30.26
C ASP G 102 4.65 -3.72 -29.05
N VAL G 103 5.64 -4.59 -29.30
CA VAL G 103 6.38 -5.34 -28.29
C VAL G 103 7.90 -5.07 -28.48
N GLY G 104 8.62 -4.88 -27.36
CA GLY G 104 10.05 -4.62 -27.39
C GLY G 104 10.90 -5.87 -27.54
N PRO G 105 12.25 -5.76 -27.52
CA PRO G 105 13.10 -6.96 -27.63
C PRO G 105 12.96 -7.89 -26.43
N ASP G 106 12.62 -7.34 -25.25
CA ASP G 106 12.42 -8.08 -24.00
C ASP G 106 11.01 -8.71 -23.90
N GLY G 107 10.11 -8.31 -24.82
CA GLY G 107 8.73 -8.80 -24.89
C GLY G 107 7.73 -7.91 -24.16
N ARG G 108 8.17 -6.69 -23.77
CA ARG G 108 7.40 -5.69 -23.04
C ARG G 108 6.55 -4.84 -23.99
N PHE G 109 5.31 -4.51 -23.57
CA PHE G 109 4.38 -3.66 -24.32
C PHE G 109 5.00 -2.27 -24.60
N LEU G 110 4.86 -1.72 -25.83
CA LEU G 110 5.41 -0.40 -26.18
C LEU G 110 4.29 0.62 -26.47
N ARG G 111 3.52 0.41 -27.54
CA ARG G 111 2.40 1.25 -27.96
C ARG G 111 1.21 0.37 -28.31
N GLY G 112 0.01 0.89 -28.07
CA GLY G 112 -1.25 0.23 -28.40
C GLY G 112 -1.95 0.98 -29.51
N TYR G 113 -2.65 0.27 -30.42
CA TYR G 113 -3.31 0.93 -31.55
C TYR G 113 -4.74 0.43 -31.80
N ARG G 114 -5.62 1.35 -32.19
CA ARG G 114 -7.03 1.15 -32.55
C ARG G 114 -7.46 2.33 -33.40
N GLN G 115 -7.67 2.07 -34.70
CA GLN G 115 -8.01 3.09 -35.70
C GLN G 115 -9.12 2.61 -36.64
N ASP G 116 -10.08 3.52 -36.93
CA ASP G 116 -11.23 3.25 -37.81
C ASP G 116 -11.34 4.28 -38.93
N ALA G 117 -11.79 3.83 -40.10
CA ALA G 117 -11.95 4.69 -41.26
C ALA G 117 -13.26 4.47 -41.99
N TYR G 118 -13.81 5.55 -42.55
CA TYR G 118 -15.00 5.48 -43.37
C TYR G 118 -14.66 6.10 -44.71
N ASP G 119 -14.77 5.27 -45.77
CA ASP G 119 -14.46 5.60 -47.17
C ASP G 119 -13.01 6.11 -47.33
N GLY G 120 -12.08 5.42 -46.65
CA GLY G 120 -10.65 5.72 -46.69
C GLY G 120 -10.21 7.00 -46.01
N LYS G 121 -11.07 7.55 -45.16
CA LYS G 121 -10.85 8.77 -44.40
C LYS G 121 -11.00 8.45 -42.93
N ASP G 122 -10.14 9.04 -42.08
CA ASP G 122 -10.15 8.86 -40.63
C ASP G 122 -11.54 9.10 -40.05
N TYR G 123 -11.97 8.23 -39.14
CA TYR G 123 -13.27 8.36 -38.48
C TYR G 123 -13.01 8.56 -36.99
N ILE G 124 -12.64 7.47 -36.29
CA ILE G 124 -12.34 7.48 -34.86
C ILE G 124 -11.04 6.70 -34.62
N ALA G 125 -10.23 7.17 -33.67
CA ALA G 125 -8.97 6.54 -33.31
C ALA G 125 -8.70 6.67 -31.83
N LEU G 126 -8.09 5.63 -31.24
CA LEU G 126 -7.68 5.64 -29.84
C LEU G 126 -6.30 6.29 -29.78
N ASN G 127 -6.10 7.25 -28.85
CA ASN G 127 -4.84 7.96 -28.72
C ASN G 127 -3.74 7.09 -28.11
N GLU G 128 -2.48 7.60 -28.19
CA GLU G 128 -1.25 7.04 -27.62
C GLU G 128 -1.42 6.91 -26.10
N ASP G 129 -2.27 7.78 -25.51
CA ASP G 129 -2.64 7.83 -24.10
C ASP G 129 -3.42 6.57 -23.70
N LEU G 130 -4.20 6.01 -24.67
CA LEU G 130 -5.10 4.84 -24.53
C LEU G 130 -6.25 5.16 -23.56
N ARG G 131 -6.41 6.45 -23.22
CA ARG G 131 -7.44 6.99 -22.32
C ARG G 131 -8.54 7.69 -23.10
N SER G 132 -8.15 8.36 -24.19
CA SER G 132 -9.03 9.20 -24.98
C SER G 132 -9.13 8.75 -26.44
N TRP G 133 -10.10 9.36 -27.16
CA TRP G 133 -10.37 9.12 -28.57
C TRP G 133 -10.15 10.40 -29.39
N THR G 134 -9.82 10.25 -30.68
CA THR G 134 -9.60 11.36 -31.61
C THR G 134 -10.71 11.37 -32.67
N ALA G 135 -11.63 12.33 -32.57
CA ALA G 135 -12.76 12.43 -33.50
C ALA G 135 -12.34 13.22 -34.74
N ALA G 136 -12.37 12.57 -35.91
CA ALA G 136 -11.99 13.27 -37.14
C ALA G 136 -13.01 14.33 -37.54
N ASP G 137 -14.31 13.99 -37.50
CA ASP G 137 -15.38 14.90 -37.87
C ASP G 137 -16.48 14.93 -36.79
N MET G 138 -17.54 15.72 -37.06
CA MET G 138 -18.71 15.91 -36.22
C MET G 138 -19.46 14.60 -35.99
N ALA G 139 -19.55 13.74 -37.04
CA ALA G 139 -20.23 12.44 -37.00
C ALA G 139 -19.49 11.46 -36.06
N ALA G 140 -18.15 11.56 -36.01
CA ALA G 140 -17.30 10.75 -35.13
C ALA G 140 -17.53 11.11 -33.66
N GLN G 141 -17.76 12.40 -33.38
CA GLN G 141 -18.01 12.92 -32.03
C GLN G 141 -19.21 12.24 -31.36
N ILE G 142 -20.23 11.87 -32.17
CA ILE G 142 -21.43 11.16 -31.72
C ILE G 142 -21.01 9.76 -31.17
N THR G 143 -20.14 9.05 -31.92
CA THR G 143 -19.60 7.73 -31.57
C THR G 143 -18.71 7.86 -30.31
N LYS G 144 -17.87 8.92 -30.27
CA LYS G 144 -16.94 9.24 -29.21
C LYS G 144 -17.66 9.37 -27.86
N ARG G 145 -18.78 10.12 -27.83
CA ARG G 145 -19.62 10.34 -26.64
C ARG G 145 -20.21 9.02 -26.13
N LYS G 146 -20.68 8.15 -27.05
CA LYS G 146 -21.26 6.84 -26.77
C LYS G 146 -20.22 5.90 -26.15
N TRP G 147 -18.98 5.96 -26.69
CA TRP G 147 -17.85 5.13 -26.27
C TRP G 147 -17.26 5.63 -24.94
N GLU G 148 -17.31 6.95 -24.68
CA GLU G 148 -16.85 7.53 -23.42
C GLU G 148 -17.80 7.16 -22.28
N ALA G 149 -19.11 7.14 -22.58
CA ALA G 149 -20.17 6.81 -21.64
C ALA G 149 -20.14 5.33 -21.24
N VAL G 150 -19.64 4.45 -22.13
CA VAL G 150 -19.57 3.01 -21.91
C VAL G 150 -18.11 2.57 -21.53
N HIS G 151 -17.17 3.54 -21.42
CA HIS G 151 -15.75 3.37 -21.07
C HIS G 151 -15.07 2.32 -21.97
N ALA G 152 -15.18 2.53 -23.30
CA ALA G 152 -14.64 1.66 -24.36
C ALA G 152 -13.12 1.68 -24.39
N ALA G 153 -12.49 2.86 -24.17
CA ALA G 153 -11.05 3.07 -24.16
C ALA G 153 -10.36 2.10 -23.20
N GLU G 154 -10.92 1.97 -21.98
CA GLU G 154 -10.42 1.13 -20.90
C GLU G 154 -10.50 -0.37 -21.24
N GLN G 155 -11.56 -0.80 -21.96
CA GLN G 155 -11.74 -2.20 -22.33
C GLN G 155 -10.88 -2.59 -23.53
N ARG G 156 -10.61 -1.65 -24.45
CA ARG G 156 -9.73 -1.90 -25.60
C ARG G 156 -8.31 -2.07 -25.09
N ARG G 157 -7.90 -1.20 -24.13
CA ARG G 157 -6.61 -1.21 -23.45
C ARG G 157 -6.34 -2.56 -22.77
N VAL G 158 -7.40 -3.20 -22.22
CA VAL G 158 -7.34 -4.52 -21.57
C VAL G 158 -6.94 -5.58 -22.62
N TYR G 159 -7.46 -5.46 -23.87
CA TYR G 159 -7.13 -6.39 -24.96
C TYR G 159 -5.70 -6.16 -25.46
N LEU G 160 -5.34 -4.88 -25.79
CA LEU G 160 -4.04 -4.49 -26.34
C LEU G 160 -2.89 -4.79 -25.39
N GLU G 161 -3.07 -4.54 -24.08
CA GLU G 161 -2.04 -4.78 -23.07
C GLU G 161 -2.12 -6.22 -22.50
N GLY G 162 -3.12 -7.00 -22.94
CA GLY G 162 -3.34 -8.36 -22.46
C GLY G 162 -3.18 -9.44 -23.49
N ARG G 163 -4.33 -10.01 -23.92
CA ARG G 163 -4.47 -11.10 -24.91
C ARG G 163 -3.73 -10.84 -26.23
N CYS G 164 -3.66 -9.57 -26.66
CA CYS G 164 -2.98 -9.16 -27.89
C CYS G 164 -1.46 -9.38 -27.79
N VAL G 165 -0.82 -8.87 -26.72
CA VAL G 165 0.62 -8.99 -26.47
C VAL G 165 0.97 -10.47 -26.17
N ASP G 166 0.14 -11.15 -25.34
CA ASP G 166 0.27 -12.56 -24.94
C ASP G 166 0.19 -13.50 -26.16
N GLY G 167 -0.65 -13.14 -27.13
CA GLY G 167 -0.82 -13.86 -28.39
C GLY G 167 0.39 -13.68 -29.28
N LEU G 168 0.84 -12.41 -29.46
CA LEU G 168 2.02 -12.04 -30.23
C LEU G 168 3.28 -12.73 -29.67
N ARG G 169 3.45 -12.75 -28.33
CA ARG G 169 4.59 -13.40 -27.65
C ARG G 169 4.64 -14.90 -27.97
N ARG G 170 3.47 -15.56 -27.93
CA ARG G 170 3.30 -16.99 -28.22
C ARG G 170 3.64 -17.31 -29.68
N TYR G 171 3.16 -16.45 -30.64
CA TYR G 171 3.38 -16.61 -32.08
C TYR G 171 4.87 -16.48 -32.44
N LEU G 172 5.59 -15.54 -31.79
CA LEU G 172 7.02 -15.29 -31.99
C LEU G 172 7.87 -16.47 -31.53
N GLU G 173 7.42 -17.21 -30.49
CA GLU G 173 8.11 -18.39 -29.97
C GLU G 173 7.86 -19.59 -30.88
N ASN G 174 6.58 -19.91 -31.19
CA ASN G 174 6.16 -21.04 -32.04
C ASN G 174 6.77 -21.02 -33.45
N GLY G 175 7.03 -19.81 -33.99
CA GLY G 175 7.62 -19.65 -35.32
C GLY G 175 8.88 -18.80 -35.37
N LYS G 176 9.74 -18.88 -34.34
CA LYS G 176 11.00 -18.13 -34.19
C LYS G 176 11.97 -18.34 -35.38
N GLU G 177 11.96 -19.54 -35.99
CA GLU G 177 12.78 -19.95 -37.13
C GLU G 177 12.45 -19.11 -38.39
N THR G 178 11.26 -18.45 -38.40
CA THR G 178 10.78 -17.63 -39.51
C THR G 178 10.50 -16.19 -39.09
N LEU G 179 9.99 -15.99 -37.86
CA LEU G 179 9.54 -14.68 -37.36
C LEU G 179 10.65 -13.81 -36.75
N GLN G 180 11.53 -14.38 -35.92
CA GLN G 180 12.61 -13.60 -35.30
C GLN G 180 13.86 -13.65 -36.19
N ARG G 181 13.82 -14.49 -37.23
CA ARG G 181 14.87 -14.68 -38.25
C ARG G 181 14.93 -13.45 -39.16
N THR G 182 16.14 -13.02 -39.52
CA THR G 182 16.36 -11.89 -40.42
C THR G 182 16.92 -12.42 -41.75
N ASP G 183 16.43 -11.86 -42.87
CA ASP G 183 16.83 -12.27 -44.22
C ASP G 183 17.51 -11.10 -44.92
N PRO G 184 18.79 -11.20 -45.30
CA PRO G 184 19.44 -10.03 -45.93
C PRO G 184 19.14 -9.91 -47.43
N PRO G 185 19.19 -8.70 -48.02
CA PRO G 185 18.91 -8.59 -49.46
C PRO G 185 20.05 -9.09 -50.36
N LYS G 186 19.67 -9.71 -51.49
CA LYS G 186 20.56 -10.20 -52.54
C LYS G 186 20.75 -9.04 -53.51
N THR G 187 21.86 -8.30 -53.35
CA THR G 187 22.11 -7.11 -54.15
C THR G 187 22.92 -7.38 -55.42
N HIS G 188 22.52 -6.69 -56.49
CA HIS G 188 23.17 -6.70 -57.81
C HIS G 188 22.89 -5.37 -58.51
N MET G 189 23.71 -5.04 -59.52
CA MET G 189 23.60 -3.80 -60.27
C MET G 189 23.61 -4.05 -61.77
N THR G 190 22.79 -3.27 -62.48
CA THR G 190 22.69 -3.31 -63.94
C THR G 190 23.13 -1.95 -64.52
N HIS G 191 23.65 -1.98 -65.75
CA HIS G 191 24.13 -0.83 -66.49
C HIS G 191 23.53 -0.90 -67.89
N HIS G 192 22.79 0.15 -68.26
CA HIS G 192 22.10 0.20 -69.54
C HIS G 192 22.27 1.59 -70.19
N PRO G 193 22.98 1.69 -71.33
CA PRO G 193 23.13 3.02 -71.96
C PRO G 193 21.89 3.42 -72.73
N ILE G 194 21.53 4.72 -72.65
CA ILE G 194 20.38 5.27 -73.38
C ILE G 194 20.90 5.95 -74.66
N SER G 195 22.19 6.37 -74.61
CA SER G 195 22.93 7.01 -75.69
C SER G 195 24.43 6.75 -75.47
N ASP G 196 25.30 7.41 -76.27
CA ASP G 196 26.76 7.27 -76.14
C ASP G 196 27.29 8.12 -74.97
N HIS G 197 26.50 9.10 -74.49
CA HIS G 197 26.90 10.02 -73.42
C HIS G 197 26.10 9.86 -72.11
N GLU G 198 25.04 9.01 -72.13
CA GLU G 198 24.17 8.77 -70.96
C GLU G 198 23.96 7.27 -70.73
N ALA G 199 23.86 6.85 -69.45
CA ALA G 199 23.62 5.46 -69.05
C ALA G 199 22.81 5.37 -67.75
N THR G 200 21.98 4.32 -67.65
CA THR G 200 21.14 4.05 -66.49
C THR G 200 21.80 2.98 -65.61
N LEU G 201 22.00 3.33 -64.34
CA LEU G 201 22.52 2.42 -63.33
C LEU G 201 21.38 2.05 -62.41
N ARG G 202 21.13 0.75 -62.23
CA ARG G 202 20.05 0.29 -61.35
C ARG G 202 20.58 -0.70 -60.33
N CYS G 203 20.38 -0.35 -59.05
CA CYS G 203 20.77 -1.14 -57.91
C CYS G 203 19.57 -1.91 -57.36
N TRP G 204 19.72 -3.24 -57.25
CA TRP G 204 18.69 -4.16 -56.79
C TRP G 204 18.87 -4.68 -55.39
N ALA G 205 17.75 -5.00 -54.74
CA ALA G 205 17.66 -5.62 -53.42
C ALA G 205 16.52 -6.62 -53.47
N LEU G 206 16.84 -7.92 -53.43
CA LEU G 206 15.84 -8.99 -53.53
C LEU G 206 15.95 -9.97 -52.37
N GLY G 207 14.89 -10.75 -52.17
CA GLY G 207 14.80 -11.81 -51.17
C GLY G 207 15.05 -11.42 -49.73
N PHE G 208 14.67 -10.19 -49.33
CA PHE G 208 14.89 -9.72 -47.96
C PHE G 208 13.63 -9.72 -47.10
N TYR G 209 13.83 -9.92 -45.79
CA TYR G 209 12.82 -9.91 -44.75
C TYR G 209 13.45 -9.38 -43.44
N PRO G 210 12.84 -8.40 -42.73
CA PRO G 210 11.56 -7.71 -43.00
C PRO G 210 11.63 -6.73 -44.18
N ALA G 211 10.48 -6.10 -44.49
CA ALA G 211 10.31 -5.16 -45.62
C ALA G 211 11.11 -3.85 -45.47
N GLU G 212 11.37 -3.38 -44.22
CA GLU G 212 12.11 -2.15 -43.90
C GLU G 212 13.52 -2.20 -44.49
N ILE G 213 13.80 -1.29 -45.45
CA ILE G 213 15.06 -1.19 -46.17
C ILE G 213 15.26 0.25 -46.65
N THR G 214 16.53 0.64 -46.87
CA THR G 214 16.93 1.95 -47.40
C THR G 214 17.86 1.71 -48.57
N LEU G 215 17.56 2.35 -49.70
CA LEU G 215 18.36 2.33 -50.93
C LEU G 215 18.67 3.78 -51.32
N THR G 216 19.90 4.23 -51.08
CA THR G 216 20.30 5.61 -51.38
C THR G 216 21.49 5.66 -52.32
N TRP G 217 21.35 6.41 -53.42
CA TRP G 217 22.39 6.65 -54.42
C TRP G 217 23.20 7.86 -54.05
N GLN G 218 24.52 7.75 -54.17
CA GLN G 218 25.45 8.84 -53.85
C GLN G 218 26.39 9.12 -55.01
N ARG G 219 26.85 10.39 -55.13
CA ARG G 219 27.83 10.84 -56.11
C ARG G 219 28.90 11.58 -55.35
N ASP G 220 30.12 10.99 -55.30
CA ASP G 220 31.28 11.47 -54.53
C ASP G 220 30.90 11.51 -53.02
N GLY G 221 30.11 10.53 -52.59
CA GLY G 221 29.65 10.39 -51.21
C GLY G 221 28.60 11.38 -50.77
N GLU G 222 27.88 11.99 -51.72
CA GLU G 222 26.82 12.94 -51.44
C GLU G 222 25.52 12.41 -52.02
N ASP G 223 24.47 12.34 -51.18
CA ASP G 223 23.14 11.84 -51.53
C ASP G 223 22.62 12.43 -52.83
N GLN G 224 22.16 11.56 -53.73
CA GLN G 224 21.64 11.92 -55.05
C GLN G 224 20.13 11.61 -55.14
N THR G 225 19.30 12.66 -55.09
CA THR G 225 17.84 12.54 -55.21
C THR G 225 17.45 12.92 -56.63
N GLN G 226 18.21 13.85 -57.21
CA GLN G 226 18.04 14.36 -58.57
C GLN G 226 18.46 13.30 -59.60
N ASP G 227 17.67 13.16 -60.69
CA ASP G 227 17.88 12.19 -61.78
C ASP G 227 17.82 10.73 -61.26
N THR G 228 16.99 10.46 -60.23
CA THR G 228 16.84 9.13 -59.63
C THR G 228 15.40 8.62 -59.69
N GLU G 229 15.21 7.31 -59.48
CA GLU G 229 13.92 6.65 -59.37
C GLU G 229 14.01 5.55 -58.33
N LEU G 230 13.17 5.66 -57.30
CA LEU G 230 13.13 4.70 -56.19
C LEU G 230 11.72 4.10 -56.15
N VAL G 231 11.59 2.82 -56.53
CA VAL G 231 10.28 2.17 -56.54
C VAL G 231 9.87 1.76 -55.13
N GLU G 232 8.57 1.59 -54.91
CA GLU G 232 7.97 1.16 -53.65
C GLU G 232 8.39 -0.28 -53.34
N THR G 233 8.57 -0.63 -52.03
CA THR G 233 8.96 -1.98 -51.63
C THR G 233 7.80 -2.89 -52.02
N ARG G 234 8.10 -3.96 -52.77
CA ARG G 234 7.06 -4.85 -53.29
C ARG G 234 7.22 -6.30 -52.82
N PRO G 235 6.10 -7.04 -52.58
CA PRO G 235 6.23 -8.44 -52.17
C PRO G 235 6.60 -9.36 -53.34
N ALA G 236 7.58 -10.24 -53.15
CA ALA G 236 7.99 -11.19 -54.17
C ALA G 236 6.97 -12.31 -54.35
N GLY G 237 6.23 -12.63 -53.29
CA GLY G 237 5.19 -13.66 -53.31
C GLY G 237 5.50 -14.90 -52.48
N ASP G 238 6.75 -15.01 -52.00
CA ASP G 238 7.23 -16.14 -51.19
C ASP G 238 7.59 -15.68 -49.75
N GLY G 239 7.01 -14.55 -49.34
CA GLY G 239 7.22 -13.96 -48.02
C GLY G 239 8.41 -13.04 -47.94
N THR G 240 9.05 -12.80 -49.10
CA THR G 240 10.23 -11.93 -49.20
C THR G 240 9.86 -10.66 -49.99
N PHE G 241 10.71 -9.63 -49.90
CA PHE G 241 10.43 -8.35 -50.55
C PHE G 241 11.52 -7.95 -51.56
N GLN G 242 11.14 -7.02 -52.46
CA GLN G 242 11.99 -6.47 -53.49
C GLN G 242 11.91 -4.94 -53.50
N LYS G 243 12.99 -4.29 -53.95
CA LYS G 243 13.10 -2.85 -54.11
C LYS G 243 14.29 -2.53 -55.02
N TRP G 244 14.15 -1.51 -55.88
CA TRP G 244 15.26 -1.06 -56.69
C TRP G 244 15.33 0.46 -56.73
N ALA G 245 16.55 0.99 -56.89
CA ALA G 245 16.88 2.41 -57.00
C ALA G 245 17.70 2.60 -58.27
N ALA G 246 17.32 3.56 -59.12
CA ALA G 246 18.04 3.81 -60.37
C ALA G 246 18.51 5.26 -60.51
N VAL G 247 19.57 5.48 -61.29
CA VAL G 247 20.11 6.82 -61.53
C VAL G 247 20.68 6.90 -62.97
N VAL G 248 20.44 8.04 -63.66
CA VAL G 248 20.94 8.34 -65.01
C VAL G 248 22.24 9.13 -64.84
N VAL G 249 23.35 8.52 -65.27
CA VAL G 249 24.69 9.08 -65.10
C VAL G 249 25.34 9.37 -66.46
N PRO G 250 26.30 10.34 -66.53
CA PRO G 250 27.02 10.55 -67.80
C PRO G 250 27.99 9.40 -68.04
N SER G 251 28.09 8.92 -69.31
CA SER G 251 28.99 7.83 -69.68
C SER G 251 30.43 8.20 -69.36
N GLY G 252 31.09 7.33 -68.59
CA GLY G 252 32.47 7.51 -68.14
C GLY G 252 32.57 7.88 -66.67
N GLU G 253 31.47 8.38 -66.07
CA GLU G 253 31.41 8.81 -64.67
C GLU G 253 30.73 7.78 -63.73
N GLU G 254 30.46 6.55 -64.22
CA GLU G 254 29.80 5.46 -63.49
C GLU G 254 30.38 5.19 -62.09
N GLN G 255 31.72 5.17 -61.97
CA GLN G 255 32.46 4.85 -60.74
C GLN G 255 32.39 5.96 -59.67
N ARG G 256 31.86 7.14 -60.00
CA ARG G 256 31.68 8.23 -59.03
C ARG G 256 30.41 8.00 -58.17
N TYR G 257 29.55 7.07 -58.62
CA TYR G 257 28.26 6.75 -58.01
C TYR G 257 28.30 5.47 -57.18
N THR G 258 27.64 5.51 -56.01
CA THR G 258 27.55 4.40 -55.07
C THR G 258 26.13 4.24 -54.55
N CYS G 259 25.69 3.00 -54.35
CA CYS G 259 24.37 2.75 -53.77
C CYS G 259 24.55 2.16 -52.38
N HIS G 260 23.93 2.81 -51.40
CA HIS G 260 24.00 2.41 -50.00
C HIS G 260 22.74 1.63 -49.61
N VAL G 261 22.94 0.37 -49.20
CA VAL G 261 21.87 -0.56 -48.83
C VAL G 261 21.87 -0.77 -47.31
N GLN G 262 20.80 -0.30 -46.63
CA GLN G 262 20.60 -0.48 -45.21
C GLN G 262 19.43 -1.44 -44.96
N HIS G 263 19.70 -2.51 -44.19
CA HIS G 263 18.75 -3.56 -43.79
C HIS G 263 19.24 -4.16 -42.48
N GLU G 264 18.32 -4.53 -41.56
CA GLU G 264 18.66 -5.09 -40.24
C GLU G 264 19.30 -6.49 -40.36
N GLY G 265 19.10 -7.16 -41.51
CA GLY G 265 19.67 -8.47 -41.82
C GLY G 265 21.10 -8.40 -42.29
N LEU G 266 21.62 -7.18 -42.50
CA LEU G 266 22.99 -6.93 -42.94
C LEU G 266 23.89 -6.58 -41.75
N PRO G 267 25.05 -7.26 -41.59
CA PRO G 267 25.96 -6.93 -40.46
C PRO G 267 26.51 -5.51 -40.59
N LYS G 268 26.88 -5.11 -41.82
CA LYS G 268 27.35 -3.78 -42.17
C LYS G 268 26.57 -3.27 -43.38
N PRO G 269 26.15 -1.97 -43.44
CA PRO G 269 25.46 -1.49 -44.66
C PRO G 269 26.36 -1.61 -45.89
N LEU G 270 25.80 -2.08 -47.00
CA LEU G 270 26.52 -2.28 -48.25
C LEU G 270 26.69 -0.99 -49.02
N THR G 271 27.77 -0.92 -49.81
CA THR G 271 28.12 0.17 -50.71
C THR G 271 28.50 -0.50 -52.02
N LEU G 272 27.61 -0.44 -53.01
CA LEU G 272 27.81 -1.06 -54.33
C LEU G 272 28.26 -0.03 -55.35
N ARG G 273 29.13 -0.46 -56.27
CA ARG G 273 29.74 0.38 -57.30
C ARG G 273 29.84 -0.37 -58.62
N TRP G 274 29.67 0.34 -59.76
CA TRP G 274 29.81 -0.27 -61.08
C TRP G 274 31.27 -0.16 -61.55
N MET H 1 -16.10 12.71 -51.59
CA MET H 1 -15.59 11.34 -51.56
C MET H 1 -14.24 11.28 -52.29
N ILE H 2 -13.16 11.03 -51.53
CA ILE H 2 -11.81 10.97 -52.09
C ILE H 2 -11.56 9.59 -52.72
N GLN H 3 -11.14 9.59 -53.99
CA GLN H 3 -10.81 8.38 -54.76
C GLN H 3 -9.33 8.41 -55.12
N ARG H 4 -8.63 7.34 -54.79
CA ARG H 4 -7.19 7.20 -55.01
C ARG H 4 -6.92 6.24 -56.17
N THR H 5 -6.06 6.66 -57.09
CA THR H 5 -5.70 5.87 -58.26
C THR H 5 -4.58 4.87 -57.90
N PRO H 6 -4.71 3.59 -58.33
CA PRO H 6 -3.69 2.61 -57.97
C PRO H 6 -2.34 2.76 -58.68
N LYS H 7 -1.29 2.32 -57.97
CA LYS H 7 0.08 2.22 -58.44
C LYS H 7 0.23 0.79 -58.90
N ILE H 8 0.91 0.56 -60.05
CA ILE H 8 1.03 -0.79 -60.61
C ILE H 8 2.50 -1.17 -60.79
N GLN H 9 2.84 -2.43 -60.45
CA GLN H 9 4.20 -2.99 -60.61
C GLN H 9 4.12 -4.43 -61.14
N VAL H 10 4.61 -4.65 -62.37
CA VAL H 10 4.67 -5.97 -63.02
C VAL H 10 6.14 -6.42 -62.97
N TYR H 11 6.35 -7.58 -62.37
CA TYR H 11 7.68 -8.15 -62.13
C TYR H 11 7.59 -9.66 -61.95
N SER H 12 8.74 -10.33 -61.86
CA SER H 12 8.90 -11.76 -61.66
C SER H 12 9.32 -12.05 -60.21
N ARG H 13 8.96 -13.23 -59.67
CA ARG H 13 9.28 -13.67 -58.30
C ARG H 13 10.79 -13.77 -58.10
N HIS H 14 11.50 -14.39 -59.07
CA HIS H 14 12.95 -14.57 -59.06
C HIS H 14 13.57 -13.92 -60.31
N PRO H 15 14.91 -13.62 -60.34
CA PRO H 15 15.50 -13.02 -61.55
C PRO H 15 15.29 -13.92 -62.77
N ALA H 16 14.75 -13.30 -63.85
CA ALA H 16 14.38 -13.90 -65.13
C ALA H 16 15.52 -14.68 -65.80
N GLU H 17 15.17 -15.87 -66.28
CA GLU H 17 16.02 -16.83 -66.97
C GLU H 17 15.19 -17.47 -68.07
N ASN H 18 15.66 -17.39 -69.33
CA ASN H 18 14.92 -17.92 -70.47
C ASN H 18 14.80 -19.45 -70.42
N GLY H 19 13.58 -19.94 -70.56
CA GLY H 19 13.26 -21.37 -70.55
C GLY H 19 13.03 -21.98 -69.18
N LYS H 20 13.25 -21.19 -68.10
CA LYS H 20 13.08 -21.63 -66.71
C LYS H 20 11.79 -21.03 -66.13
N SER H 21 10.89 -21.91 -65.62
CA SER H 21 9.59 -21.55 -65.02
C SER H 21 9.73 -20.54 -63.88
N ASN H 22 8.84 -19.53 -63.86
CA ASN H 22 8.81 -18.44 -62.89
C ASN H 22 7.37 -18.01 -62.56
N PHE H 23 7.22 -16.94 -61.74
CA PHE H 23 5.92 -16.38 -61.35
C PHE H 23 5.81 -14.92 -61.79
N LEU H 24 4.76 -14.60 -62.56
CA LEU H 24 4.51 -13.23 -63.01
C LEU H 24 3.62 -12.55 -61.99
N ASN H 25 4.17 -11.53 -61.29
CA ASN H 25 3.48 -10.76 -60.24
C ASN H 25 2.99 -9.42 -60.73
N CYS H 26 1.83 -9.00 -60.23
CA CYS H 26 1.32 -7.67 -60.45
C CYS H 26 0.82 -7.11 -59.14
N TYR H 27 1.59 -6.17 -58.59
CA TYR H 27 1.30 -5.50 -57.33
C TYR H 27 0.55 -4.20 -57.59
N VAL H 28 -0.65 -4.11 -57.00
CA VAL H 28 -1.50 -2.93 -57.09
C VAL H 28 -1.61 -2.37 -55.68
N SER H 29 -1.36 -1.06 -55.53
CA SER H 29 -1.37 -0.38 -54.24
C SER H 29 -1.80 1.07 -54.36
N GLY H 30 -2.11 1.68 -53.22
CA GLY H 30 -2.49 3.08 -53.12
C GLY H 30 -3.84 3.46 -53.69
N PHE H 31 -4.78 2.51 -53.73
CA PHE H 31 -6.09 2.75 -54.32
C PHE H 31 -7.24 2.73 -53.30
N HIS H 32 -8.34 3.40 -53.68
CA HIS H 32 -9.58 3.49 -52.93
C HIS H 32 -10.72 3.87 -53.88
N PRO H 33 -11.85 3.13 -53.93
CA PRO H 33 -12.24 1.96 -53.12
C PRO H 33 -11.49 0.67 -53.48
N SER H 34 -11.75 -0.40 -52.70
CA SER H 34 -11.14 -1.73 -52.83
C SER H 34 -11.54 -2.48 -54.11
N ASP H 35 -12.68 -2.09 -54.73
CA ASP H 35 -13.19 -2.72 -55.95
C ASP H 35 -12.18 -2.50 -57.12
N ILE H 36 -11.41 -3.55 -57.47
CA ILE H 36 -10.39 -3.50 -58.52
C ILE H 36 -10.46 -4.73 -59.44
N GLU H 37 -9.94 -4.58 -60.67
CA GLU H 37 -9.86 -5.60 -61.72
C GLU H 37 -8.41 -5.66 -62.26
N VAL H 38 -7.71 -6.78 -62.02
CA VAL H 38 -6.31 -6.98 -62.47
C VAL H 38 -6.23 -8.24 -63.34
N ASP H 39 -5.72 -8.08 -64.58
CA ASP H 39 -5.52 -9.20 -65.51
C ASP H 39 -4.07 -9.25 -65.98
N LEU H 40 -3.56 -10.47 -66.19
CA LEU H 40 -2.19 -10.68 -66.66
C LEU H 40 -2.25 -11.15 -68.12
N LEU H 41 -1.30 -10.70 -68.95
CA LEU H 41 -1.32 -10.97 -70.39
C LEU H 41 -0.05 -11.65 -70.93
N LYS H 42 -0.24 -12.45 -72.01
CA LYS H 42 0.82 -13.12 -72.76
C LYS H 42 0.58 -12.82 -74.24
N ASN H 43 1.31 -11.83 -74.78
CA ASN H 43 1.24 -11.32 -76.16
C ASN H 43 -0.21 -10.86 -76.50
N GLY H 44 -0.80 -10.11 -75.58
CA GLY H 44 -2.15 -9.56 -75.73
C GLY H 44 -3.28 -10.47 -75.31
N GLU H 45 -2.99 -11.75 -75.04
CA GLU H 45 -4.00 -12.73 -74.62
C GLU H 45 -4.15 -12.75 -73.10
N ARG H 46 -5.39 -12.81 -72.63
CA ARG H 46 -5.76 -12.83 -71.22
C ARG H 46 -5.60 -14.23 -70.62
N ILE H 47 -4.97 -14.33 -69.43
CA ILE H 47 -4.81 -15.58 -68.68
C ILE H 47 -5.80 -15.53 -67.50
N GLU H 48 -6.64 -16.58 -67.36
CA GLU H 48 -7.74 -16.66 -66.39
C GLU H 48 -7.37 -17.25 -65.02
N LYS H 49 -6.70 -18.41 -64.98
CA LYS H 49 -6.38 -19.16 -63.75
C LYS H 49 -5.44 -18.41 -62.75
N VAL H 50 -5.26 -17.08 -62.93
CA VAL H 50 -4.42 -16.21 -62.10
C VAL H 50 -5.00 -16.09 -60.67
N GLU H 51 -4.14 -16.32 -59.66
CA GLU H 51 -4.46 -16.23 -58.23
C GLU H 51 -4.07 -14.86 -57.65
N HIS H 52 -4.72 -14.45 -56.54
CA HIS H 52 -4.45 -13.17 -55.88
C HIS H 52 -4.41 -13.30 -54.35
N SER H 53 -3.77 -12.32 -53.68
CA SER H 53 -3.62 -12.27 -52.23
C SER H 53 -4.92 -11.78 -51.56
N ASP H 54 -4.97 -11.85 -50.21
CA ASP H 54 -6.13 -11.38 -49.45
C ASP H 54 -5.99 -9.88 -49.23
N LEU H 55 -7.09 -9.14 -49.46
CA LEU H 55 -7.15 -7.69 -49.36
C LEU H 55 -6.69 -7.14 -48.00
N SER H 56 -5.74 -6.20 -48.05
CA SER H 56 -5.18 -5.51 -46.87
C SER H 56 -4.97 -4.01 -47.20
N PHE H 57 -4.54 -3.19 -46.23
CA PHE H 57 -4.35 -1.77 -46.49
C PHE H 57 -3.17 -1.15 -45.74
N SER H 58 -2.74 0.05 -46.21
CA SER H 58 -1.65 0.86 -45.63
C SER H 58 -2.17 1.71 -44.46
N LYS H 59 -1.28 2.46 -43.79
CA LYS H 59 -1.62 3.31 -42.64
C LYS H 59 -2.47 4.51 -43.08
N ASP H 60 -2.32 4.94 -44.36
CA ASP H 60 -3.08 6.03 -44.96
C ASP H 60 -4.45 5.55 -45.49
N TRP H 61 -4.77 4.23 -45.23
CA TRP H 61 -6.00 3.47 -45.54
C TRP H 61 -6.07 2.93 -46.98
N SER H 62 -5.10 3.29 -47.84
CA SER H 62 -5.03 2.83 -49.24
C SER H 62 -4.87 1.31 -49.31
N PHE H 63 -5.65 0.64 -50.19
CA PHE H 63 -5.59 -0.83 -50.34
C PHE H 63 -4.43 -1.31 -51.20
N TYR H 64 -4.05 -2.60 -51.01
CA TYR H 64 -3.02 -3.26 -51.80
C TYR H 64 -3.32 -4.75 -52.02
N LEU H 65 -3.01 -5.25 -53.23
CA LEU H 65 -3.20 -6.63 -53.64
C LEU H 65 -2.07 -7.15 -54.52
N LEU H 66 -1.76 -8.47 -54.45
CA LEU H 66 -0.77 -9.13 -55.30
C LEU H 66 -1.43 -10.22 -56.14
N TYR H 67 -1.45 -10.02 -57.48
CA TYR H 67 -1.99 -10.96 -58.46
C TYR H 67 -0.81 -11.76 -59.03
N TYR H 68 -0.87 -13.11 -58.99
CA TYR H 68 0.27 -13.95 -59.41
C TYR H 68 -0.13 -15.19 -60.25
N THR H 69 0.71 -15.56 -61.25
CA THR H 69 0.50 -16.74 -62.11
C THR H 69 1.85 -17.35 -62.55
N GLU H 70 1.84 -18.67 -62.87
CA GLU H 70 3.04 -19.36 -63.35
C GLU H 70 3.28 -19.00 -64.82
N PHE H 71 4.55 -18.73 -65.19
CA PHE H 71 4.94 -18.40 -66.56
C PHE H 71 6.39 -18.81 -66.82
N THR H 72 6.71 -19.08 -68.10
CA THR H 72 8.07 -19.47 -68.50
C THR H 72 8.64 -18.35 -69.39
N PRO H 73 9.47 -17.43 -68.82
CA PRO H 73 10.01 -16.32 -69.63
C PRO H 73 10.90 -16.79 -70.77
N THR H 74 10.72 -16.17 -71.93
CA THR H 74 11.46 -16.47 -73.15
C THR H 74 11.86 -15.16 -73.83
N GLU H 75 13.09 -15.11 -74.40
CA GLU H 75 13.58 -13.91 -75.08
C GLU H 75 12.93 -13.81 -76.49
N LYS H 76 11.57 -13.79 -76.51
CA LYS H 76 10.71 -13.74 -77.70
C LYS H 76 9.25 -13.38 -77.32
N ASP H 77 8.71 -14.00 -76.25
CA ASP H 77 7.33 -13.76 -75.79
C ASP H 77 7.21 -12.53 -74.89
N GLU H 78 6.15 -11.74 -75.14
CA GLU H 78 5.80 -10.51 -74.43
C GLU H 78 4.80 -10.77 -73.28
N TYR H 79 4.98 -10.05 -72.14
CA TYR H 79 4.12 -10.13 -70.97
C TYR H 79 3.73 -8.73 -70.51
N ALA H 80 2.45 -8.56 -70.13
CA ALA H 80 1.90 -7.29 -69.68
C ALA H 80 0.77 -7.49 -68.66
N CYS H 81 0.30 -6.38 -68.06
CA CYS H 81 -0.79 -6.38 -67.10
C CYS H 81 -1.82 -5.33 -67.47
N ARG H 82 -3.12 -5.64 -67.24
CA ARG H 82 -4.25 -4.75 -67.51
C ARG H 82 -5.02 -4.55 -66.21
N VAL H 83 -5.08 -3.29 -65.75
CA VAL H 83 -5.75 -2.95 -64.49
C VAL H 83 -6.89 -1.97 -64.75
N ASN H 84 -8.08 -2.27 -64.17
CA ASN H 84 -9.25 -1.43 -64.26
C ASN H 84 -9.75 -1.08 -62.86
N HIS H 85 -10.03 0.22 -62.65
CA HIS H 85 -10.51 0.80 -61.40
C HIS H 85 -11.39 2.00 -61.73
N VAL H 86 -12.30 2.38 -60.81
CA VAL H 86 -13.23 3.50 -60.96
C VAL H 86 -12.48 4.83 -61.26
N THR H 87 -11.20 4.94 -60.85
CA THR H 87 -10.36 6.13 -61.09
C THR H 87 -9.84 6.15 -62.51
N LEU H 88 -9.84 4.98 -63.19
CA LEU H 88 -9.36 4.84 -64.56
C LEU H 88 -10.52 4.77 -65.56
N SER H 89 -10.56 5.73 -66.49
CA SER H 89 -11.55 5.80 -67.55
C SER H 89 -11.25 4.74 -68.59
N GLN H 90 -9.95 4.52 -68.82
CA GLN H 90 -9.39 3.59 -69.79
C GLN H 90 -8.55 2.52 -69.05
N PRO H 91 -8.55 1.22 -69.46
CA PRO H 91 -7.71 0.23 -68.76
C PRO H 91 -6.22 0.49 -68.99
N LYS H 92 -5.44 0.49 -67.91
CA LYS H 92 -4.00 0.77 -67.96
C LYS H 92 -3.20 -0.53 -68.11
N ILE H 93 -2.52 -0.66 -69.27
CA ILE H 93 -1.66 -1.79 -69.62
C ILE H 93 -0.20 -1.41 -69.35
N VAL H 94 0.46 -2.19 -68.49
CA VAL H 94 1.85 -2.02 -68.09
C VAL H 94 2.61 -3.30 -68.50
N LYS H 95 3.58 -3.17 -69.41
CA LYS H 95 4.38 -4.28 -69.90
C LYS H 95 5.46 -4.66 -68.90
N TRP H 96 5.77 -5.97 -68.82
CA TRP H 96 6.81 -6.54 -67.97
C TRP H 96 8.18 -6.34 -68.59
N ASP H 97 9.11 -5.85 -67.77
CA ASP H 97 10.49 -5.61 -68.17
C ASP H 97 11.37 -6.50 -67.32
N ARG H 98 11.95 -7.51 -67.96
CA ARG H 98 12.84 -8.49 -67.36
C ARG H 98 14.15 -7.79 -66.96
N ASP H 99 14.94 -7.35 -67.98
CA ASP H 99 16.26 -6.69 -67.91
C ASP H 99 16.39 -5.82 -66.65
N MET H 100 15.65 -4.69 -66.60
CA MET H 100 15.60 -3.73 -65.50
C MET H 100 17.02 -3.53 -64.87
N GLY I 1 7.83 23.50 -5.30
CA GLY I 1 6.83 24.38 -5.91
C GLY I 1 7.37 25.22 -7.06
N SER I 2 8.69 25.48 -7.06
CA SER I 2 9.38 26.28 -8.08
C SER I 2 9.87 25.42 -9.26
N HIS I 3 9.86 25.96 -10.48
CA HIS I 3 10.28 25.25 -11.70
C HIS I 3 11.29 26.04 -12.52
N SER I 4 12.01 25.34 -13.45
CA SER I 4 13.03 25.95 -14.30
C SER I 4 13.06 25.40 -15.74
N MET I 5 13.44 26.27 -16.70
CA MET I 5 13.62 25.93 -18.11
C MET I 5 15.03 26.34 -18.52
N ARG I 6 15.82 25.39 -18.97
CA ARG I 6 17.21 25.66 -19.37
C ARG I 6 17.48 25.19 -20.77
N TYR I 7 18.34 25.93 -21.48
CA TYR I 7 18.77 25.61 -22.83
C TYR I 7 20.30 25.51 -22.84
N PHE I 8 20.83 24.35 -23.29
CA PHE I 8 22.26 24.07 -23.33
C PHE I 8 22.71 23.88 -24.77
N PHE I 9 23.58 24.79 -25.24
CA PHE I 9 24.11 24.84 -26.60
C PHE I 9 25.60 24.52 -26.65
N THR I 10 25.96 23.62 -27.55
CA THR I 10 27.35 23.18 -27.73
C THR I 10 27.76 23.35 -29.20
N SER I 11 28.92 23.99 -29.41
CA SER I 11 29.52 24.19 -30.74
C SER I 11 31.00 23.82 -30.69
N VAL I 12 31.41 22.79 -31.47
CA VAL I 12 32.79 22.31 -31.50
C VAL I 12 33.36 22.48 -32.92
N SER I 13 34.45 23.26 -33.04
CA SER I 13 35.13 23.50 -34.30
C SER I 13 35.89 22.26 -34.76
N ARG I 14 35.72 21.89 -36.05
CA ARG I 14 36.39 20.76 -36.69
C ARG I 14 37.42 21.30 -37.69
N PRO I 15 38.71 21.42 -37.29
CA PRO I 15 39.73 21.96 -38.21
C PRO I 15 39.94 21.11 -39.47
N GLY I 16 39.55 19.83 -39.39
CA GLY I 16 39.60 18.90 -40.50
C GLY I 16 38.56 19.26 -41.54
N ARG I 17 37.44 18.51 -41.60
CA ARG I 17 36.42 18.89 -42.56
C ARG I 17 35.03 18.90 -41.96
N GLY I 18 34.24 19.85 -42.44
CA GLY I 18 32.87 20.08 -42.04
C GLY I 18 32.77 21.33 -41.19
N GLU I 19 31.63 22.03 -41.31
CA GLU I 19 31.35 23.22 -40.50
C GLU I 19 31.23 22.74 -39.04
N PRO I 20 31.65 23.56 -38.04
CA PRO I 20 31.58 23.10 -36.64
C PRO I 20 30.25 22.44 -36.26
N ARG I 21 30.34 21.36 -35.44
CA ARG I 21 29.20 20.56 -34.96
C ARG I 21 28.43 21.33 -33.88
N PHE I 22 27.12 21.58 -34.11
CA PHE I 22 26.25 22.30 -33.18
C PHE I 22 25.16 21.38 -32.61
N ILE I 23 25.14 21.26 -31.27
CA ILE I 23 24.16 20.45 -30.53
C ILE I 23 23.41 21.38 -29.56
N ALA I 24 22.09 21.28 -29.53
CA ALA I 24 21.22 22.07 -28.66
C ALA I 24 20.22 21.16 -27.95
N VAL I 25 20.06 21.35 -26.63
CA VAL I 25 19.14 20.59 -25.79
C VAL I 25 18.31 21.56 -24.92
N GLY I 26 17.07 21.17 -24.64
CA GLY I 26 16.15 21.95 -23.84
C GLY I 26 15.60 21.12 -22.70
N TYR I 27 15.65 21.67 -21.48
CA TYR I 27 15.17 21.02 -20.27
C TYR I 27 14.12 21.82 -19.54
N VAL I 28 13.12 21.10 -18.99
CA VAL I 28 12.08 21.61 -18.09
C VAL I 28 12.36 20.82 -16.85
N ASP I 29 13.01 21.49 -15.88
CA ASP I 29 13.50 20.92 -14.63
C ASP I 29 14.57 19.86 -14.99
N ASP I 30 14.32 18.57 -14.75
CA ASP I 30 15.26 17.48 -15.07
C ASP I 30 14.79 16.64 -16.29
N THR I 31 13.84 17.18 -17.08
CA THR I 31 13.28 16.48 -18.24
C THR I 31 13.61 17.20 -19.56
N GLN I 32 14.28 16.46 -20.48
CA GLN I 32 14.62 16.95 -21.82
C GLN I 32 13.35 16.92 -22.67
N PHE I 33 13.13 17.97 -23.48
CA PHE I 33 11.94 18.06 -24.32
C PHE I 33 12.26 18.38 -25.79
N VAL I 34 13.36 19.08 -26.08
CA VAL I 34 13.75 19.41 -27.46
C VAL I 34 15.22 19.09 -27.72
N ARG I 35 15.58 18.96 -29.02
CA ARG I 35 16.95 18.68 -29.47
C ARG I 35 17.18 19.19 -30.91
N PHE I 36 18.42 19.62 -31.18
CA PHE I 36 18.86 20.05 -32.51
C PHE I 36 20.28 19.57 -32.72
N ASP I 37 20.51 18.77 -33.77
CA ASP I 37 21.83 18.28 -34.13
C ASP I 37 22.12 18.61 -35.58
N SER I 38 23.22 19.35 -35.81
CA SER I 38 23.69 19.79 -37.11
C SER I 38 24.11 18.61 -38.00
N ASP I 39 24.54 17.49 -37.39
CA ASP I 39 24.96 16.27 -38.08
C ASP I 39 23.77 15.37 -38.47
N ALA I 40 22.65 15.48 -37.72
CA ALA I 40 21.43 14.70 -37.96
C ALA I 40 20.80 15.05 -39.31
N ALA I 41 20.16 14.07 -39.95
CA ALA I 41 19.52 14.20 -41.26
C ALA I 41 18.23 15.04 -41.22
N SER I 42 17.67 15.28 -40.01
CA SER I 42 16.43 16.03 -39.82
C SER I 42 16.59 17.52 -40.17
N GLN I 43 17.60 18.20 -39.59
CA GLN I 43 17.92 19.64 -39.75
C GLN I 43 16.76 20.53 -39.23
N LYS I 44 16.11 20.08 -38.14
CA LYS I 44 14.98 20.74 -37.48
C LYS I 44 15.04 20.50 -35.96
N MET I 45 14.35 21.36 -35.17
CA MET I 45 14.21 21.20 -33.72
C MET I 45 13.30 19.99 -33.52
N GLU I 46 13.85 18.91 -32.95
CA GLU I 46 13.16 17.64 -32.78
C GLU I 46 12.55 17.46 -31.38
N PRO I 47 11.30 16.93 -31.29
CA PRO I 47 10.71 16.69 -29.95
C PRO I 47 11.33 15.48 -29.24
N ARG I 48 11.52 15.61 -27.91
CA ARG I 48 12.10 14.56 -27.07
C ARG I 48 11.20 14.21 -25.86
N ALA I 49 10.00 14.82 -25.81
CA ALA I 49 8.97 14.60 -24.80
C ALA I 49 7.59 14.45 -25.49
N PRO I 50 6.69 13.56 -25.01
CA PRO I 50 5.38 13.41 -25.68
C PRO I 50 4.47 14.63 -25.57
N TRP I 51 4.57 15.43 -24.48
CA TRP I 51 3.73 16.62 -24.27
C TRP I 51 4.13 17.79 -25.16
N ILE I 52 5.38 17.83 -25.64
CA ILE I 52 5.83 18.92 -26.49
C ILE I 52 5.38 18.69 -27.96
N GLU I 53 4.96 17.46 -28.29
CA GLU I 53 4.49 17.06 -29.62
C GLU I 53 3.14 17.72 -29.97
N GLN I 54 2.41 18.26 -28.98
CA GLN I 54 1.11 18.94 -29.17
C GLN I 54 1.27 20.32 -29.83
N GLU I 55 2.50 20.88 -29.82
CA GLU I 55 2.80 22.20 -30.39
C GLU I 55 2.59 22.20 -31.90
N GLY I 56 2.15 23.34 -32.42
CA GLY I 56 1.86 23.52 -33.85
C GLY I 56 3.07 23.50 -34.76
N PRO I 57 2.87 23.43 -36.11
CA PRO I 57 4.02 23.43 -37.02
C PRO I 57 4.71 24.81 -37.07
N GLU I 58 3.98 25.86 -36.64
CA GLU I 58 4.43 27.24 -36.52
C GLU I 58 5.54 27.34 -35.48
N TYR I 59 5.43 26.52 -34.42
CA TYR I 59 6.38 26.46 -33.32
C TYR I 59 7.69 25.79 -33.77
N TRP I 60 7.60 24.62 -34.42
CA TRP I 60 8.75 23.84 -34.90
C TRP I 60 9.54 24.54 -35.99
N ASP I 61 8.84 25.20 -36.95
CA ASP I 61 9.51 25.91 -38.04
C ASP I 61 10.20 27.18 -37.56
N GLN I 62 9.72 27.78 -36.43
CA GLN I 62 10.30 28.97 -35.79
C GLN I 62 11.53 28.57 -34.94
N GLU I 63 11.40 27.52 -34.09
CA GLU I 63 12.46 26.98 -33.23
C GLU I 63 13.66 26.52 -34.05
N THR I 64 13.43 26.01 -35.27
CA THR I 64 14.46 25.56 -36.22
C THR I 64 15.22 26.80 -36.75
N ARG I 65 14.49 27.90 -37.05
CA ARG I 65 15.04 29.17 -37.54
C ARG I 65 16.02 29.75 -36.53
N ASN I 66 15.65 29.67 -35.24
CA ASN I 66 16.44 30.13 -34.11
C ASN I 66 17.73 29.34 -33.99
N MET I 67 17.67 27.99 -34.18
CA MET I 67 18.81 27.07 -34.08
C MET I 67 19.80 27.25 -35.22
N LYS I 68 19.30 27.54 -36.44
CA LYS I 68 20.14 27.80 -37.60
C LYS I 68 20.93 29.10 -37.39
N ALA I 69 20.24 30.14 -36.88
CA ALA I 69 20.83 31.44 -36.57
C ALA I 69 21.83 31.30 -35.38
N HIS I 70 21.52 30.41 -34.42
CA HIS I 70 22.35 30.08 -33.25
C HIS I 70 23.64 29.42 -33.70
N SER I 71 23.56 28.43 -34.62
CA SER I 71 24.72 27.69 -35.14
C SER I 71 25.64 28.58 -35.97
N GLN I 72 25.08 29.42 -36.87
CA GLN I 72 25.84 30.33 -37.74
C GLN I 72 26.60 31.38 -36.91
N THR I 73 25.96 31.93 -35.86
CA THR I 73 26.57 32.90 -34.96
C THR I 73 27.72 32.22 -34.19
N ASP I 74 27.50 30.97 -33.74
CA ASP I 74 28.49 30.15 -33.03
C ASP I 74 29.70 29.87 -33.89
N ARG I 75 29.46 29.58 -35.20
CA ARG I 75 30.47 29.32 -36.22
C ARG I 75 31.37 30.55 -36.39
N ALA I 76 30.76 31.75 -36.40
CA ALA I 76 31.45 33.02 -36.55
C ALA I 76 32.19 33.41 -35.29
N ASN I 77 31.58 33.14 -34.12
CA ASN I 77 32.15 33.43 -32.80
C ASN I 77 33.37 32.57 -32.51
N LEU I 78 33.44 31.35 -33.10
CA LEU I 78 34.58 30.43 -32.95
C LEU I 78 35.81 31.06 -33.58
N GLY I 79 35.62 31.69 -34.74
CA GLY I 79 36.65 32.41 -35.46
C GLY I 79 37.07 33.70 -34.78
N THR I 80 36.09 34.43 -34.20
CA THR I 80 36.31 35.70 -33.47
C THR I 80 37.17 35.45 -32.21
N LEU I 81 36.89 34.36 -31.49
CA LEU I 81 37.60 33.99 -30.27
C LEU I 81 39.01 33.48 -30.52
N ARG I 82 39.26 32.86 -31.69
CA ARG I 82 40.58 32.38 -32.10
C ARG I 82 41.55 33.56 -32.18
N GLY I 83 41.05 34.68 -32.72
CA GLY I 83 41.80 35.92 -32.87
C GLY I 83 42.03 36.63 -31.55
N TYR I 84 41.03 36.58 -30.67
CA TYR I 84 41.07 37.21 -29.33
C TYR I 84 42.13 36.58 -28.44
N TYR I 85 42.28 35.25 -28.51
CA TYR I 85 43.23 34.49 -27.70
C TYR I 85 44.52 34.15 -28.48
N ASN I 86 44.63 34.66 -29.73
CA ASN I 86 45.77 34.48 -30.65
C ASN I 86 46.12 33.00 -30.83
N GLN I 87 45.10 32.20 -31.21
CA GLN I 87 45.21 30.75 -31.42
C GLN I 87 45.20 30.41 -32.91
N SER I 88 45.83 29.27 -33.27
CA SER I 88 45.92 28.79 -34.66
C SER I 88 44.63 28.04 -35.07
N GLU I 89 44.44 27.88 -36.39
CA GLU I 89 43.32 27.21 -37.05
C GLU I 89 43.36 25.66 -36.87
N ASP I 90 44.53 25.07 -36.54
CA ASP I 90 44.71 23.61 -36.41
C ASP I 90 44.05 23.03 -35.17
N GLY I 91 43.84 23.85 -34.15
CA GLY I 91 43.23 23.42 -32.89
C GLY I 91 41.72 23.42 -32.89
N SER I 92 41.11 22.42 -32.21
CA SER I 92 39.66 22.29 -32.05
C SER I 92 39.22 22.98 -30.77
N HIS I 93 38.25 23.89 -30.87
CA HIS I 93 37.76 24.68 -29.74
C HIS I 93 36.25 24.54 -29.56
N THR I 94 35.76 24.85 -28.35
CA THR I 94 34.34 24.73 -28.00
C THR I 94 33.73 26.01 -27.42
N ILE I 95 32.49 26.31 -27.84
CA ILE I 95 31.65 27.39 -27.31
C ILE I 95 30.45 26.73 -26.68
N GLN I 96 30.21 27.04 -25.40
CA GLN I 96 29.04 26.56 -24.67
C GLN I 96 28.21 27.73 -24.19
N ILE I 97 26.88 27.63 -24.32
CA ILE I 97 25.93 28.66 -23.91
C ILE I 97 24.85 28.02 -23.06
N MET I 98 24.46 28.73 -22.00
CA MET I 98 23.39 28.38 -21.09
C MET I 98 22.50 29.61 -20.89
N TYR I 99 21.20 29.42 -21.03
CA TYR I 99 20.21 30.44 -20.74
C TYR I 99 18.87 29.78 -20.40
N GLY I 100 18.11 30.49 -19.59
CA GLY I 100 16.79 30.08 -19.12
C GLY I 100 16.24 30.94 -18.01
N CYS I 101 15.16 30.46 -17.39
CA CYS I 101 14.46 31.19 -16.33
C CYS I 101 13.87 30.26 -15.28
N ASP I 102 13.65 30.84 -14.08
CA ASP I 102 13.04 30.23 -12.91
C ASP I 102 11.68 30.87 -12.63
N VAL I 103 10.66 30.06 -12.35
CA VAL I 103 9.34 30.55 -11.98
C VAL I 103 8.98 29.99 -10.61
N GLY I 104 8.17 30.73 -9.87
CA GLY I 104 7.69 30.31 -8.56
C GLY I 104 6.52 29.36 -8.65
N PRO I 105 5.93 28.98 -7.50
CA PRO I 105 4.77 28.06 -7.53
C PRO I 105 3.54 28.69 -8.19
N ASP I 106 3.42 30.03 -8.14
CA ASP I 106 2.33 30.81 -8.72
C ASP I 106 2.56 31.08 -10.23
N GLY I 107 3.76 30.80 -10.72
CA GLY I 107 4.15 30.99 -12.12
C GLY I 107 4.82 32.33 -12.39
N ARG I 108 5.22 33.04 -11.31
CA ARG I 108 5.87 34.35 -11.32
C ARG I 108 7.37 34.22 -11.50
N PHE I 109 7.97 35.11 -12.33
CA PHE I 109 9.41 35.16 -12.60
C PHE I 109 10.21 35.25 -11.31
N LEU I 110 11.28 34.46 -11.23
CA LEU I 110 12.15 34.40 -10.06
C LEU I 110 13.55 34.87 -10.41
N ARG I 111 14.18 34.20 -11.39
CA ARG I 111 15.53 34.49 -11.86
C ARG I 111 15.67 34.16 -13.34
N GLY I 112 16.57 34.88 -13.99
CA GLY I 112 16.93 34.76 -15.38
C GLY I 112 18.42 34.53 -15.45
N TYR I 113 18.86 33.74 -16.46
CA TYR I 113 20.26 33.35 -16.63
C TYR I 113 20.72 33.46 -18.07
N ARG I 114 21.98 33.80 -18.28
CA ARG I 114 22.69 33.88 -19.55
C ARG I 114 24.18 33.76 -19.27
N GLN I 115 24.78 32.63 -19.68
CA GLN I 115 26.18 32.28 -19.42
C GLN I 115 26.85 31.66 -20.64
N ASP I 116 28.10 32.11 -20.94
CA ASP I 116 28.89 31.62 -22.09
C ASP I 116 30.26 31.12 -21.67
N ALA I 117 30.74 30.06 -22.33
CA ALA I 117 32.04 29.48 -22.04
C ALA I 117 32.87 29.23 -23.28
N TYR I 118 34.19 29.38 -23.14
CA TYR I 118 35.13 29.06 -24.21
C TYR I 118 36.10 28.05 -23.65
N ASP I 119 36.14 26.85 -24.28
CA ASP I 119 36.96 25.70 -23.92
C ASP I 119 36.72 25.26 -22.44
N GLY I 120 35.45 25.25 -22.03
CA GLY I 120 35.03 24.85 -20.68
C GLY I 120 35.40 25.78 -19.56
N LYS I 121 35.70 27.03 -19.91
CA LYS I 121 36.06 28.10 -18.99
C LYS I 121 35.11 29.27 -19.20
N ASP I 122 34.70 29.94 -18.10
CA ASP I 122 33.84 31.13 -18.15
C ASP I 122 34.38 32.17 -19.12
N TYR I 123 33.51 32.73 -19.95
CA TYR I 123 33.85 33.78 -20.90
C TYR I 123 33.07 35.05 -20.49
N ILE I 124 31.76 35.07 -20.76
CA ILE I 124 30.89 36.20 -20.41
C ILE I 124 29.59 35.66 -19.77
N ALA I 125 29.06 36.40 -18.78
CA ALA I 125 27.83 36.04 -18.09
C ALA I 125 27.01 37.27 -17.72
N LEU I 126 25.68 37.14 -17.80
CA LEU I 126 24.75 38.19 -17.38
C LEU I 126 24.54 38.04 -15.88
N ASN I 127 24.63 39.15 -15.12
CA ASN I 127 24.47 39.13 -13.66
C ASN I 127 23.00 38.89 -13.26
N GLU I 128 22.77 38.53 -11.98
CA GLU I 128 21.44 38.25 -11.44
C GLU I 128 20.46 39.42 -11.64
N ASP I 129 20.98 40.67 -11.56
CA ASP I 129 20.20 41.91 -11.72
C ASP I 129 19.70 42.10 -13.17
N LEU I 130 20.34 41.39 -14.14
CA LEU I 130 20.06 41.35 -15.60
C LEU I 130 20.27 42.72 -16.29
N ARG I 131 21.16 43.54 -15.74
CA ARG I 131 21.52 44.89 -16.21
C ARG I 131 22.96 44.98 -16.66
N SER I 132 23.85 44.20 -16.01
CA SER I 132 25.28 44.20 -16.24
C SER I 132 25.83 42.83 -16.62
N TRP I 133 27.08 42.82 -17.10
CA TRP I 133 27.79 41.61 -17.52
C TRP I 133 29.02 41.37 -16.66
N THR I 134 29.44 40.09 -16.58
CA THR I 134 30.64 39.66 -15.89
C THR I 134 31.56 39.08 -16.95
N ALA I 135 32.66 39.79 -17.23
CA ALA I 135 33.69 39.40 -18.17
C ALA I 135 34.79 38.69 -17.39
N ALA I 136 35.05 37.41 -17.74
CA ALA I 136 36.03 36.56 -17.03
C ALA I 136 37.47 37.01 -17.27
N ASP I 137 37.85 37.29 -18.53
CA ASP I 137 39.20 37.71 -18.88
C ASP I 137 39.18 39.00 -19.71
N MET I 138 40.38 39.45 -20.16
CA MET I 138 40.61 40.64 -20.98
C MET I 138 39.87 40.56 -22.32
N ALA I 139 39.86 39.35 -22.94
CA ALA I 139 39.20 39.08 -24.22
C ALA I 139 37.69 39.22 -24.11
N ALA I 140 37.12 38.86 -22.95
CA ALA I 140 35.68 38.94 -22.67
C ALA I 140 35.23 40.37 -22.48
N GLN I 141 36.13 41.25 -22.00
CA GLN I 141 35.90 42.69 -21.80
C GLN I 141 35.62 43.40 -23.13
N ILE I 142 36.25 42.94 -24.24
CA ILE I 142 36.06 43.43 -25.61
C ILE I 142 34.59 43.17 -26.03
N THR I 143 34.08 41.96 -25.74
CA THR I 143 32.70 41.53 -26.02
C THR I 143 31.73 42.35 -25.16
N LYS I 144 32.06 42.53 -23.86
CA LYS I 144 31.30 43.28 -22.86
C LYS I 144 31.02 44.71 -23.32
N ARG I 145 32.06 45.41 -23.81
CA ARG I 145 31.97 46.79 -24.31
C ARG I 145 31.06 46.89 -25.53
N LYS I 146 31.16 45.91 -26.46
CA LYS I 146 30.34 45.81 -27.67
C LYS I 146 28.86 45.60 -27.30
N TRP I 147 28.61 44.76 -26.28
CA TRP I 147 27.28 44.41 -25.81
C TRP I 147 26.65 45.54 -24.98
N GLU I 148 27.47 46.33 -24.28
CA GLU I 148 27.00 47.49 -23.51
C GLU I 148 26.57 48.60 -24.47
N ALA I 149 27.33 48.77 -25.57
CA ALA I 149 27.09 49.76 -26.60
C ALA I 149 25.81 49.45 -27.41
N VAL I 150 25.45 48.16 -27.53
CA VAL I 150 24.28 47.69 -28.29
C VAL I 150 23.08 47.35 -27.33
N HIS I 151 23.27 47.56 -26.00
CA HIS I 151 22.29 47.35 -24.92
C HIS I 151 21.70 45.92 -24.98
N ALA I 152 22.61 44.93 -24.98
CA ALA I 152 22.31 43.50 -25.08
C ALA I 152 21.58 42.95 -23.84
N ALA I 153 21.97 43.44 -22.63
CA ALA I 153 21.40 43.06 -21.34
C ALA I 153 19.87 43.26 -21.29
N GLU I 154 19.39 44.39 -21.84
CA GLU I 154 17.98 44.74 -21.95
C GLU I 154 17.22 43.76 -22.87
N GLN I 155 17.86 43.34 -23.98
CA GLN I 155 17.27 42.41 -24.95
C GLN I 155 17.20 41.01 -24.39
N ARG I 156 18.15 40.66 -23.52
CA ARG I 156 18.18 39.35 -22.88
C ARG I 156 17.12 39.32 -21.80
N ARG I 157 16.98 40.40 -21.00
CA ARG I 157 15.95 40.55 -19.96
C ARG I 157 14.53 40.42 -20.55
N VAL I 158 14.25 41.09 -21.68
CA VAL I 158 12.95 41.08 -22.38
C VAL I 158 12.57 39.61 -22.74
N TYR I 159 13.55 38.79 -23.14
CA TYR I 159 13.34 37.37 -23.45
C TYR I 159 13.08 36.56 -22.18
N LEU I 160 13.98 36.69 -21.17
CA LEU I 160 13.94 35.98 -19.89
C LEU I 160 12.66 36.24 -19.11
N GLU I 161 12.21 37.50 -19.06
CA GLU I 161 11.01 37.94 -18.33
C GLU I 161 9.73 37.87 -19.19
N GLY I 162 9.84 37.39 -20.43
CA GLY I 162 8.70 37.30 -21.35
C GLY I 162 8.49 35.93 -21.96
N ARG I 163 8.90 35.77 -23.23
CA ARG I 163 8.76 34.54 -24.04
C ARG I 163 9.29 33.27 -23.33
N CYS I 164 10.35 33.43 -22.52
CA CYS I 164 10.97 32.37 -21.73
C CYS I 164 10.02 31.89 -20.62
N VAL I 165 9.47 32.83 -19.81
CA VAL I 165 8.55 32.50 -18.71
C VAL I 165 7.19 32.02 -19.26
N ASP I 166 6.71 32.65 -20.34
CA ASP I 166 5.46 32.34 -21.05
C ASP I 166 5.52 30.94 -21.65
N GLY I 167 6.69 30.54 -22.13
CA GLY I 167 6.93 29.22 -22.70
C GLY I 167 6.95 28.16 -21.61
N LEU I 168 7.70 28.41 -20.52
CA LEU I 168 7.81 27.53 -19.36
C LEU I 168 6.43 27.32 -18.72
N ARG I 169 5.62 28.39 -18.56
CA ARG I 169 4.27 28.34 -17.99
C ARG I 169 3.37 27.42 -18.81
N ARG I 170 3.43 27.54 -20.16
CA ARG I 170 2.65 26.76 -21.13
C ARG I 170 3.04 25.27 -21.05
N TYR I 171 4.35 24.96 -20.97
CA TYR I 171 4.89 23.61 -20.91
C TYR I 171 4.45 22.88 -19.64
N LEU I 172 4.43 23.60 -18.49
CA LEU I 172 4.04 23.08 -17.19
C LEU I 172 2.56 22.73 -17.13
N GLU I 173 1.72 23.46 -17.88
CA GLU I 173 0.29 23.18 -17.96
C GLU I 173 0.07 21.99 -18.89
N ASN I 174 0.86 21.97 -19.98
CA ASN I 174 0.93 20.97 -21.05
C ASN I 174 1.32 19.58 -20.51
N GLY I 175 2.45 19.50 -19.80
CA GLY I 175 2.94 18.25 -19.24
C GLY I 175 2.78 18.13 -17.74
N LYS I 176 1.70 18.69 -17.17
CA LYS I 176 1.37 18.71 -15.74
C LYS I 176 1.43 17.31 -15.11
N GLU I 177 0.82 16.29 -15.74
CA GLU I 177 0.78 14.91 -15.22
C GLU I 177 2.18 14.25 -15.14
N THR I 178 3.19 14.81 -15.86
CA THR I 178 4.57 14.28 -15.86
C THR I 178 5.58 15.26 -15.23
N LEU I 179 5.33 16.57 -15.35
CA LEU I 179 6.22 17.61 -14.84
C LEU I 179 5.88 18.02 -13.40
N GLN I 180 4.60 18.16 -13.05
CA GLN I 180 4.19 18.54 -11.69
C GLN I 180 4.19 17.31 -10.76
N ARG I 181 4.26 16.09 -11.34
CA ARG I 181 4.25 14.85 -10.59
C ARG I 181 5.63 14.54 -10.04
N THR I 182 5.65 14.20 -8.74
CA THR I 182 6.85 13.87 -7.97
C THR I 182 6.87 12.37 -7.68
N ASP I 183 7.85 11.69 -8.24
CA ASP I 183 8.05 10.24 -8.07
C ASP I 183 8.96 9.99 -6.88
N PRO I 184 8.48 9.32 -5.80
CA PRO I 184 9.35 9.08 -4.64
C PRO I 184 10.36 7.94 -4.89
N PRO I 185 11.52 7.92 -4.18
CA PRO I 185 12.48 6.83 -4.43
C PRO I 185 12.09 5.48 -3.81
N LYS I 186 12.42 4.40 -4.53
CA LYS I 186 12.23 3.01 -4.13
C LYS I 186 13.47 2.61 -3.36
N THR I 187 13.42 2.66 -2.03
CA THR I 187 14.57 2.42 -1.18
C THR I 187 14.68 0.96 -0.71
N HIS I 188 15.93 0.47 -0.71
CA HIS I 188 16.31 -0.86 -0.23
C HIS I 188 17.77 -0.81 0.25
N MET I 189 18.16 -1.79 1.07
CA MET I 189 19.48 -1.85 1.64
C MET I 189 20.12 -3.23 1.45
N THR I 190 21.43 -3.25 1.16
CA THR I 190 22.20 -4.47 0.99
C THR I 190 23.28 -4.55 2.07
N HIS I 191 23.66 -5.77 2.45
CA HIS I 191 24.68 -6.08 3.45
C HIS I 191 25.64 -7.10 2.85
N HIS I 192 26.93 -6.72 2.80
CA HIS I 192 27.97 -7.56 2.21
C HIS I 192 29.22 -7.57 3.08
N PRO I 193 29.60 -8.72 3.68
CA PRO I 193 30.82 -8.72 4.51
C PRO I 193 32.10 -8.78 3.65
N ILE I 194 33.13 -8.04 4.08
CA ILE I 194 34.43 -8.01 3.41
C ILE I 194 35.37 -8.96 4.16
N SER I 195 35.07 -9.20 5.44
CA SER I 195 35.78 -10.08 6.37
C SER I 195 34.82 -10.52 7.48
N ASP I 196 35.32 -11.21 8.52
CA ASP I 196 34.50 -11.64 9.66
C ASP I 196 34.23 -10.48 10.62
N HIS I 197 35.02 -9.39 10.53
CA HIS I 197 34.92 -8.24 11.44
C HIS I 197 34.45 -6.94 10.75
N GLU I 198 34.33 -6.95 9.41
CA GLU I 198 33.89 -5.79 8.62
C GLU I 198 32.81 -6.16 7.61
N ALA I 199 31.86 -5.24 7.36
CA ALA I 199 30.77 -5.42 6.41
C ALA I 199 30.36 -4.08 5.74
N THR I 200 29.95 -4.15 4.46
CA THR I 200 29.50 -3.01 3.66
C THR I 200 27.98 -2.95 3.70
N LEU I 201 27.45 -1.78 4.11
CA LEU I 201 26.02 -1.45 4.21
C LEU I 201 25.70 -0.43 3.12
N ARG I 202 24.92 -0.81 2.07
CA ARG I 202 24.61 0.09 0.95
C ARG I 202 23.12 0.37 0.86
N CYS I 203 22.78 1.66 0.95
CA CYS I 203 21.41 2.16 0.89
C CYS I 203 21.12 2.70 -0.51
N TRP I 204 20.05 2.18 -1.13
CA TRP I 204 19.64 2.54 -2.49
C TRP I 204 18.43 3.46 -2.56
N ALA I 205 18.37 4.25 -3.63
CA ALA I 205 17.27 5.14 -3.99
C ALA I 205 17.11 5.05 -5.50
N LEU I 206 16.01 4.46 -5.97
CA LEU I 206 15.75 4.24 -7.39
C LEU I 206 14.39 4.78 -7.81
N GLY I 207 14.23 4.98 -9.11
CA GLY I 207 13.00 5.43 -9.77
C GLY I 207 12.39 6.72 -9.26
N PHE I 208 13.23 7.69 -8.84
CA PHE I 208 12.74 8.97 -8.33
C PHE I 208 12.88 10.12 -9.34
N TYR I 209 11.96 11.09 -9.23
CA TYR I 209 11.91 12.32 -10.01
C TYR I 209 11.32 13.43 -9.12
N PRO I 210 11.93 14.63 -9.02
CA PRO I 210 13.15 15.11 -9.69
C PRO I 210 14.44 14.49 -9.13
N ALA I 211 15.60 14.87 -9.72
CA ALA I 211 16.93 14.38 -9.38
C ALA I 211 17.41 14.77 -7.98
N GLU I 212 16.95 15.95 -7.45
CA GLU I 212 17.33 16.47 -6.14
C GLU I 212 16.94 15.48 -5.04
N ILE I 213 17.96 14.94 -4.34
CA ILE I 213 17.82 13.95 -3.27
C ILE I 213 19.01 14.07 -2.30
N THR I 214 18.80 13.67 -1.05
CA THR I 214 19.83 13.63 -0.01
C THR I 214 19.84 12.22 0.59
N LEU I 215 21.03 11.62 0.65
CA LEU I 215 21.28 10.32 1.23
C LEU I 215 22.37 10.48 2.26
N THR I 216 21.99 10.48 3.56
CA THR I 216 22.94 10.67 4.66
C THR I 216 22.91 9.50 5.63
N TRP I 217 24.09 8.93 5.88
CA TRP I 217 24.30 7.84 6.82
C TRP I 217 24.56 8.40 8.20
N GLN I 218 23.95 7.79 9.22
CA GLN I 218 24.12 8.20 10.61
C GLN I 218 24.55 7.02 11.48
N ARG I 219 25.30 7.30 12.54
CA ARG I 219 25.71 6.31 13.55
C ARG I 219 25.35 6.90 14.89
N ASP I 220 24.39 6.26 15.59
CA ASP I 220 23.81 6.72 16.86
C ASP I 220 23.16 8.11 16.67
N GLY I 221 22.57 8.31 15.49
CA GLY I 221 21.91 9.56 15.11
C GLY I 221 22.83 10.74 14.85
N GLU I 222 24.10 10.45 14.53
CA GLU I 222 25.08 11.47 14.22
C GLU I 222 25.62 11.22 12.81
N ASP I 223 25.58 12.26 11.96
CA ASP I 223 26.01 12.21 10.55
C ASP I 223 27.39 11.57 10.39
N GLN I 224 27.47 10.59 9.46
CA GLN I 224 28.66 9.83 9.16
C GLN I 224 29.16 10.13 7.74
N THR I 225 30.25 10.91 7.66
CA THR I 225 30.91 11.25 6.39
C THR I 225 32.11 10.34 6.20
N GLN I 226 32.76 9.96 7.31
CA GLN I 226 33.91 9.07 7.36
C GLN I 226 33.50 7.63 7.06
N ASP I 227 34.33 6.92 6.27
CA ASP I 227 34.12 5.53 5.81
C ASP I 227 32.80 5.39 5.01
N THR I 228 32.46 6.43 4.20
CA THR I 228 31.27 6.47 3.38
C THR I 228 31.61 6.70 1.90
N GLU I 229 30.76 6.17 1.01
CA GLU I 229 30.83 6.39 -0.43
C GLU I 229 29.45 6.78 -0.93
N LEU I 230 29.35 7.97 -1.50
CA LEU I 230 28.14 8.53 -2.06
C LEU I 230 28.37 8.78 -3.53
N VAL I 231 27.73 7.97 -4.39
CA VAL I 231 27.88 8.13 -5.83
C VAL I 231 27.02 9.30 -6.33
N GLU I 232 27.41 9.88 -7.48
CA GLU I 232 26.70 10.97 -8.13
C GLU I 232 25.32 10.47 -8.62
N THR I 233 24.29 11.35 -8.59
CA THR I 233 22.95 11.00 -9.05
C THR I 233 23.05 10.67 -10.54
N ARG I 234 22.53 9.51 -10.94
CA ARG I 234 22.65 9.03 -12.31
C ARG I 234 21.30 8.76 -12.99
N PRO I 235 21.17 8.99 -14.31
CA PRO I 235 19.87 8.71 -14.96
C PRO I 235 19.66 7.22 -15.20
N ALA I 236 18.45 6.71 -14.88
CA ALA I 236 18.12 5.31 -15.11
C ALA I 236 17.91 5.02 -16.59
N GLY I 237 17.46 6.01 -17.35
CA GLY I 237 17.21 5.87 -18.79
C GLY I 237 15.76 5.99 -19.20
N ASP I 238 14.84 6.01 -18.21
CA ASP I 238 13.40 6.11 -18.44
C ASP I 238 12.84 7.43 -17.85
N GLY I 239 13.71 8.42 -17.66
CA GLY I 239 13.35 9.72 -17.11
C GLY I 239 13.42 9.79 -15.59
N THR I 240 13.85 8.68 -14.96
CA THR I 240 13.97 8.57 -13.51
C THR I 240 15.46 8.50 -13.13
N PHE I 241 15.76 8.69 -11.84
CA PHE I 241 17.16 8.70 -11.43
C PHE I 241 17.46 7.64 -10.40
N GLN I 242 18.77 7.48 -10.14
CA GLN I 242 19.33 6.55 -9.16
C GLN I 242 20.45 7.22 -8.37
N LYS I 243 20.66 6.75 -7.13
CA LYS I 243 21.72 7.19 -6.23
C LYS I 243 21.87 6.18 -5.10
N TRP I 244 23.10 5.91 -4.68
CA TRP I 244 23.34 5.03 -3.54
C TRP I 244 24.41 5.62 -2.64
N ALA I 245 24.31 5.28 -1.35
CA ALA I 245 25.24 5.69 -0.28
C ALA I 245 25.60 4.45 0.49
N ALA I 246 26.88 4.14 0.62
CA ALA I 246 27.32 2.95 1.34
C ALA I 246 28.25 3.31 2.50
N VAL I 247 28.25 2.48 3.54
CA VAL I 247 29.13 2.66 4.70
C VAL I 247 29.75 1.29 5.06
N VAL I 248 31.02 1.31 5.52
CA VAL I 248 31.76 0.14 6.00
C VAL I 248 31.66 0.14 7.53
N VAL I 249 30.97 -0.87 8.08
CA VAL I 249 30.68 -0.94 9.50
C VAL I 249 31.33 -2.18 10.16
N PRO I 250 31.63 -2.16 11.47
CA PRO I 250 32.17 -3.37 12.12
C PRO I 250 31.06 -4.40 12.27
N SER I 251 31.36 -5.70 12.03
CA SER I 251 30.39 -6.79 12.14
C SER I 251 29.83 -6.86 13.57
N GLY I 252 28.51 -6.79 13.68
CA GLY I 252 27.78 -6.79 14.93
C GLY I 252 27.18 -5.46 15.30
N GLU I 253 27.70 -4.35 14.69
CA GLU I 253 27.28 -2.97 14.96
C GLU I 253 26.34 -2.39 13.88
N GLU I 254 25.86 -3.22 12.94
CA GLU I 254 24.99 -2.86 11.81
C GLU I 254 23.79 -1.99 12.20
N GLN I 255 23.08 -2.34 13.30
CA GLN I 255 21.86 -1.69 13.77
C GLN I 255 22.11 -0.27 14.37
N ARG I 256 23.38 0.11 14.61
CA ARG I 256 23.70 1.44 15.12
C ARG I 256 23.64 2.50 13.99
N TYR I 257 23.60 2.03 12.73
CA TYR I 257 23.63 2.84 11.53
C TYR I 257 22.26 2.98 10.88
N THR I 258 21.94 4.23 10.44
CA THR I 258 20.69 4.58 9.76
C THR I 258 20.95 5.45 8.54
N CYS I 259 20.17 5.25 7.48
CA CYS I 259 20.29 6.06 6.29
C CYS I 259 19.06 6.95 6.16
N HIS I 260 19.29 8.26 6.05
CA HIS I 260 18.24 9.27 5.95
C HIS I 260 18.05 9.70 4.50
N VAL I 261 16.85 9.45 3.95
CA VAL I 261 16.51 9.75 2.56
C VAL I 261 15.57 10.96 2.50
N GLN I 262 16.05 12.06 1.92
CA GLN I 262 15.27 13.28 1.73
C GLN I 262 14.98 13.48 0.25
N HIS I 263 13.70 13.58 -0.11
CA HIS I 263 13.19 13.80 -1.47
C HIS I 263 11.85 14.53 -1.37
N GLU I 264 11.54 15.44 -2.30
CA GLU I 264 10.28 16.22 -2.28
C GLU I 264 9.03 15.32 -2.54
N GLY I 265 9.26 14.14 -3.12
CA GLY I 265 8.22 13.14 -3.39
C GLY I 265 7.86 12.31 -2.17
N LEU I 266 8.62 12.48 -1.07
CA LEU I 266 8.38 11.78 0.20
C LEU I 266 7.64 12.70 1.18
N PRO I 267 6.51 12.25 1.79
CA PRO I 267 5.79 13.12 2.74
C PRO I 267 6.64 13.42 3.97
N LYS I 268 7.35 12.39 4.48
CA LYS I 268 8.28 12.47 5.60
C LYS I 268 9.61 11.81 5.19
N PRO I 269 10.79 12.40 5.52
CA PRO I 269 12.05 11.75 5.19
C PRO I 269 12.16 10.36 5.82
N LEU I 270 12.66 9.39 5.04
CA LEU I 270 12.82 8.00 5.46
C LEU I 270 14.07 7.80 6.29
N THR I 271 14.03 6.79 7.17
CA THR I 271 15.12 6.36 8.03
C THR I 271 15.16 4.84 7.90
N LEU I 272 16.14 4.31 7.16
CA LEU I 272 16.30 2.88 6.92
C LEU I 272 17.37 2.29 7.82
N ARG I 273 17.14 1.04 8.27
CA ARG I 273 18.02 0.30 9.17
C ARG I 273 18.12 -1.16 8.73
N TRP I 274 19.31 -1.78 8.89
CA TRP I 274 19.54 -3.18 8.52
C TRP I 274 19.58 -4.07 9.75
N MET J 1 45.90 25.85 -19.79
CA MET J 1 44.67 25.17 -20.21
C MET J 1 44.37 23.99 -19.28
N ILE J 2 43.08 23.84 -18.89
CA ILE J 2 42.62 22.77 -18.01
C ILE J 2 41.62 21.88 -18.77
N GLN J 3 41.94 20.57 -18.81
CA GLN J 3 41.10 19.53 -19.41
C GLN J 3 40.49 18.70 -18.29
N ARG J 4 39.30 18.13 -18.50
CA ARG J 4 38.65 17.39 -17.42
C ARG J 4 38.47 15.92 -17.76
N THR J 5 38.86 15.04 -16.82
CA THR J 5 38.79 13.60 -17.00
C THR J 5 37.37 13.12 -16.61
N PRO J 6 36.74 12.26 -17.45
CA PRO J 6 35.39 11.80 -17.14
C PRO J 6 35.26 10.84 -15.97
N LYS J 7 34.09 10.90 -15.32
CA LYS J 7 33.62 10.00 -14.26
C LYS J 7 32.78 8.94 -14.97
N ILE J 8 32.96 7.66 -14.62
CA ILE J 8 32.26 6.57 -15.31
C ILE J 8 31.43 5.74 -14.32
N GLN J 9 30.20 5.37 -14.74
CA GLN J 9 29.28 4.54 -13.96
C GLN J 9 28.59 3.51 -14.86
N VAL J 10 28.84 2.21 -14.59
CA VAL J 10 28.24 1.09 -15.30
C VAL J 10 27.20 0.46 -14.37
N TYR J 11 25.96 0.40 -14.86
CA TYR J 11 24.80 -0.07 -14.11
C TYR J 11 23.68 -0.48 -15.07
N SER J 12 22.60 -1.06 -14.51
CA SER J 12 21.41 -1.54 -15.21
C SER J 12 20.26 -0.55 -15.02
N ARG J 13 19.30 -0.52 -16.00
CA ARG J 13 18.14 0.38 -15.96
C ARG J 13 17.22 0.05 -14.78
N HIS J 14 16.98 -1.25 -14.54
CA HIS J 14 16.12 -1.70 -13.44
C HIS J 14 16.91 -2.59 -12.47
N PRO J 15 16.41 -2.86 -11.21
CA PRO J 15 17.17 -3.73 -10.30
C PRO J 15 17.33 -5.13 -10.88
N ALA J 16 18.57 -5.65 -10.77
CA ALA J 16 19.00 -6.95 -11.28
C ALA J 16 18.01 -8.08 -10.99
N GLU J 17 17.68 -8.81 -12.05
CA GLU J 17 16.82 -9.99 -12.09
C GLU J 17 17.46 -10.89 -13.13
N ASN J 18 18.42 -11.72 -12.66
CA ASN J 18 19.22 -12.62 -13.48
C ASN J 18 18.36 -13.53 -14.36
N GLY J 19 18.59 -13.44 -15.66
CA GLY J 19 17.85 -14.20 -16.68
C GLY J 19 16.83 -13.36 -17.44
N LYS J 20 16.49 -12.17 -16.91
CA LYS J 20 15.51 -11.27 -17.52
C LYS J 20 16.20 -10.14 -18.28
N SER J 21 15.87 -9.99 -19.58
CA SER J 21 16.39 -9.00 -20.52
C SER J 21 16.20 -7.56 -20.02
N ASN J 22 17.32 -6.86 -19.82
CA ASN J 22 17.41 -5.48 -19.32
C ASN J 22 18.24 -4.58 -20.29
N PHE J 23 18.62 -3.37 -19.84
CA PHE J 23 19.44 -2.41 -20.58
C PHE J 23 20.66 -2.03 -19.74
N LEU J 24 21.86 -2.14 -20.35
CA LEU J 24 23.14 -1.84 -19.70
C LEU J 24 23.53 -0.39 -20.01
N ASN J 25 23.55 0.45 -18.95
CA ASN J 25 23.87 1.89 -19.05
C ASN J 25 25.29 2.23 -18.62
N CYS J 26 25.92 3.17 -19.35
CA CYS J 26 27.23 3.71 -19.01
C CYS J 26 27.14 5.22 -19.01
N TYR J 27 27.15 5.81 -17.81
CA TYR J 27 27.07 7.24 -17.60
C TYR J 27 28.44 7.83 -17.51
N VAL J 28 28.74 8.76 -18.40
CA VAL J 28 30.00 9.49 -18.45
C VAL J 28 29.68 10.95 -18.15
N SER J 29 30.42 11.54 -17.20
CA SER J 29 30.20 12.91 -16.76
C SER J 29 31.50 13.57 -16.31
N GLY J 30 31.47 14.90 -16.19
CA GLY J 30 32.59 15.70 -15.72
C GLY J 30 33.77 15.80 -16.64
N PHE J 31 33.55 15.66 -17.97
CA PHE J 31 34.64 15.70 -18.96
C PHE J 31 34.60 16.91 -19.88
N HIS J 32 35.78 17.24 -20.43
CA HIS J 32 36.02 18.31 -21.38
C HIS J 32 37.32 18.04 -22.15
N PRO J 33 37.33 18.06 -23.51
CA PRO J 33 36.24 18.37 -24.45
C PRO J 33 35.16 17.27 -24.55
N SER J 34 34.11 17.56 -25.34
CA SER J 34 32.96 16.69 -25.59
C SER J 34 33.30 15.43 -26.41
N ASP J 35 34.43 15.45 -27.16
CA ASP J 35 34.90 14.34 -27.99
C ASP J 35 35.21 13.14 -27.08
N ILE J 36 34.20 12.25 -26.95
CA ILE J 36 34.28 11.06 -26.10
C ILE J 36 33.93 9.79 -26.92
N GLU J 37 34.59 8.67 -26.55
CA GLU J 37 34.45 7.35 -27.15
C GLU J 37 34.03 6.36 -26.06
N VAL J 38 32.74 5.98 -26.03
CA VAL J 38 32.20 5.07 -25.03
C VAL J 38 31.76 3.77 -25.69
N ASP J 39 32.34 2.66 -25.21
CA ASP J 39 32.06 1.30 -25.66
C ASP J 39 31.51 0.44 -24.53
N LEU J 40 30.63 -0.50 -24.89
CA LEU J 40 30.01 -1.47 -23.98
C LEU J 40 30.48 -2.83 -24.45
N LEU J 41 31.00 -3.64 -23.50
CA LEU J 41 31.61 -4.92 -23.81
C LEU J 41 30.99 -6.11 -23.06
N LYS J 42 30.81 -7.22 -23.78
CA LYS J 42 30.29 -8.50 -23.26
C LYS J 42 31.39 -9.53 -23.44
N ASN J 43 32.10 -9.87 -22.33
CA ASN J 43 33.24 -10.79 -22.26
C ASN J 43 34.39 -10.34 -23.19
N GLY J 44 34.68 -9.04 -23.19
CA GLY J 44 35.74 -8.43 -23.99
C GLY J 44 35.37 -8.10 -25.43
N GLU J 45 34.14 -8.46 -25.84
CA GLU J 45 33.63 -8.24 -27.20
C GLU J 45 32.66 -7.06 -27.22
N ARG J 46 32.99 -6.07 -28.07
CA ARG J 46 32.27 -4.82 -28.29
C ARG J 46 30.94 -5.07 -29.01
N ILE J 47 29.86 -4.43 -28.52
CA ILE J 47 28.51 -4.54 -29.11
C ILE J 47 28.38 -3.43 -30.18
N GLU J 48 27.77 -3.78 -31.33
CA GLU J 48 27.57 -2.87 -32.47
C GLU J 48 26.25 -2.05 -32.38
N LYS J 49 25.36 -2.41 -31.43
CA LYS J 49 24.05 -1.77 -31.24
C LYS J 49 24.07 -0.62 -30.20
N VAL J 50 25.28 -0.08 -29.88
CA VAL J 50 25.49 0.99 -28.90
C VAL J 50 24.84 2.30 -29.38
N GLU J 51 23.96 2.84 -28.52
CA GLU J 51 23.22 4.11 -28.71
C GLU J 51 23.66 5.11 -27.62
N HIS J 52 23.24 6.40 -27.71
CA HIS J 52 23.60 7.42 -26.70
C HIS J 52 22.66 8.62 -26.69
N SER J 53 22.47 9.22 -25.49
CA SER J 53 21.65 10.41 -25.22
C SER J 53 22.19 11.64 -25.96
N ASP J 54 21.44 12.76 -25.92
CA ASP J 54 21.86 14.00 -26.55
C ASP J 54 22.83 14.74 -25.64
N LEU J 55 23.96 15.20 -26.20
CA LEU J 55 25.03 15.88 -25.46
C LEU J 55 24.52 17.13 -24.72
N SER J 56 24.81 17.19 -23.40
CA SER J 56 24.42 18.29 -22.52
C SER J 56 25.56 18.56 -21.53
N PHE J 57 25.42 19.60 -20.68
CA PHE J 57 26.50 19.89 -19.71
C PHE J 57 25.99 20.38 -18.35
N SER J 58 26.91 20.36 -17.35
CA SER J 58 26.68 20.80 -15.97
C SER J 58 26.90 22.32 -15.85
N LYS J 59 26.69 22.89 -14.65
CA LYS J 59 26.85 24.31 -14.37
C LYS J 59 28.34 24.71 -14.45
N ASP J 60 29.25 23.75 -14.15
CA ASP J 60 30.70 23.94 -14.20
C ASP J 60 31.24 23.74 -15.64
N TRP J 61 30.32 23.55 -16.62
CA TRP J 61 30.50 23.40 -18.08
C TRP J 61 30.89 21.98 -18.54
N SER J 62 31.23 21.09 -17.62
CA SER J 62 31.63 19.73 -17.97
C SER J 62 30.46 18.94 -18.59
N PHE J 63 30.75 18.15 -19.63
CA PHE J 63 29.76 17.39 -20.39
C PHE J 63 29.34 16.08 -19.74
N TYR J 64 28.15 15.58 -20.13
CA TYR J 64 27.62 14.32 -19.67
C TYR J 64 26.80 13.60 -20.75
N LEU J 65 26.95 12.26 -20.81
CA LEU J 65 26.27 11.40 -21.76
C LEU J 65 25.89 10.06 -21.15
N LEU J 66 24.76 9.51 -21.58
CA LEU J 66 24.30 8.19 -21.20
C LEU J 66 24.31 7.29 -22.45
N TYR J 67 25.08 6.20 -22.38
CA TYR J 67 25.18 5.19 -23.44
C TYR J 67 24.40 3.96 -22.97
N TYR J 68 23.59 3.34 -23.86
CA TYR J 68 22.78 2.16 -23.50
C TYR J 68 22.69 1.09 -24.62
N THR J 69 22.49 -0.18 -24.20
CA THR J 69 22.34 -1.39 -25.03
C THR J 69 21.48 -2.44 -24.33
N GLU J 70 20.68 -3.20 -25.12
CA GLU J 70 19.81 -4.28 -24.62
C GLU J 70 20.66 -5.50 -24.26
N PHE J 71 20.52 -6.01 -23.01
CA PHE J 71 21.29 -7.16 -22.53
C PHE J 71 20.44 -8.06 -21.61
N THR J 72 20.78 -9.35 -21.52
CA THR J 72 20.08 -10.31 -20.67
C THR J 72 21.07 -10.77 -19.58
N PRO J 73 20.98 -10.18 -18.36
CA PRO J 73 21.94 -10.54 -17.29
C PRO J 73 21.90 -12.02 -16.91
N THR J 74 23.09 -12.64 -16.90
CA THR J 74 23.34 -14.03 -16.55
C THR J 74 24.59 -14.08 -15.67
N GLU J 75 24.57 -14.86 -14.58
CA GLU J 75 25.71 -14.96 -13.67
C GLU J 75 26.76 -15.90 -14.25
N LYS J 76 27.32 -15.50 -15.41
CA LYS J 76 28.34 -16.25 -16.17
C LYS J 76 29.07 -15.32 -17.17
N ASP J 77 28.39 -14.24 -17.62
CA ASP J 77 28.92 -13.28 -18.60
C ASP J 77 29.49 -12.02 -17.93
N GLU J 78 30.70 -11.60 -18.36
CA GLU J 78 31.43 -10.43 -17.86
C GLU J 78 31.09 -9.16 -18.69
N TYR J 79 30.22 -8.32 -18.13
CA TYR J 79 29.79 -7.06 -18.74
C TYR J 79 30.68 -5.93 -18.23
N ALA J 80 31.17 -5.09 -19.15
CA ALA J 80 32.05 -3.97 -18.83
C ALA J 80 31.84 -2.79 -19.79
N CYS J 81 32.50 -1.64 -19.51
CA CYS J 81 32.42 -0.45 -20.36
C CYS J 81 33.82 0.12 -20.60
N ARG J 82 34.18 0.26 -21.89
CA ARG J 82 35.46 0.80 -22.35
C ARG J 82 35.25 2.26 -22.69
N VAL J 83 36.02 3.14 -22.08
CA VAL J 83 35.88 4.58 -22.31
C VAL J 83 37.23 5.18 -22.66
N ASN J 84 37.27 5.90 -23.80
CA ASN J 84 38.47 6.58 -24.27
C ASN J 84 38.19 8.07 -24.42
N HIS J 85 39.12 8.89 -23.91
CA HIS J 85 39.08 10.33 -23.93
C HIS J 85 40.50 10.85 -23.99
N VAL J 86 40.71 12.05 -24.52
CA VAL J 86 42.01 12.71 -24.65
C VAL J 86 42.77 12.82 -23.28
N THR J 87 42.02 12.80 -22.15
CA THR J 87 42.59 12.86 -20.80
C THR J 87 43.12 11.48 -20.37
N LEU J 88 42.68 10.41 -21.06
CA LEU J 88 43.08 9.04 -20.77
C LEU J 88 44.10 8.55 -21.79
N SER J 89 45.30 8.20 -21.28
CA SER J 89 46.40 7.65 -22.09
C SER J 89 46.04 6.23 -22.55
N GLN J 90 45.32 5.48 -21.69
CA GLN J 90 44.82 4.12 -21.90
C GLN J 90 43.28 4.12 -21.82
N PRO J 91 42.54 3.34 -22.64
CA PRO J 91 41.07 3.33 -22.51
C PRO J 91 40.64 2.58 -21.25
N LYS J 92 40.04 3.30 -20.28
CA LYS J 92 39.63 2.72 -18.99
C LYS J 92 38.46 1.73 -19.13
N ILE J 93 38.67 0.51 -18.62
CA ILE J 93 37.65 -0.53 -18.64
C ILE J 93 37.08 -0.70 -17.22
N VAL J 94 35.77 -0.40 -17.06
CA VAL J 94 35.06 -0.50 -15.79
C VAL J 94 34.02 -1.63 -15.92
N LYS J 95 34.20 -2.70 -15.13
CA LYS J 95 33.35 -3.88 -15.12
C LYS J 95 32.03 -3.61 -14.41
N TRP J 96 30.92 -4.20 -14.92
CA TRP J 96 29.58 -4.05 -14.33
C TRP J 96 29.45 -4.89 -13.07
N ASP J 97 28.83 -4.30 -12.04
CA ASP J 97 28.63 -4.98 -10.78
C ASP J 97 27.14 -4.98 -10.40
N ARG J 98 26.54 -6.17 -10.50
CA ARG J 98 25.15 -6.43 -10.15
C ARG J 98 25.02 -6.60 -8.63
N ASP J 99 26.11 -7.01 -7.94
CA ASP J 99 26.12 -7.23 -6.50
C ASP J 99 26.41 -5.94 -5.69
N MET J 100 25.96 -4.77 -6.18
CA MET J 100 26.13 -3.50 -5.48
C MET J 100 24.95 -3.31 -4.50
N GLY K 1 4.90 -50.47 34.51
CA GLY K 1 4.10 -51.69 34.54
C GLY K 1 2.66 -51.50 34.97
N SER K 2 2.02 -50.38 34.54
CA SER K 2 0.64 -50.05 34.86
C SER K 2 -0.33 -50.79 33.93
N HIS K 3 -1.50 -51.19 34.46
CA HIS K 3 -2.52 -51.94 33.72
C HIS K 3 -3.92 -51.31 33.84
N SER K 4 -4.83 -51.70 32.92
CA SER K 4 -6.18 -51.12 32.86
C SER K 4 -7.24 -52.13 32.44
N MET K 5 -8.45 -51.95 32.98
CA MET K 5 -9.64 -52.72 32.64
C MET K 5 -10.69 -51.75 32.12
N ARG K 6 -11.19 -51.98 30.89
CA ARG K 6 -12.20 -51.10 30.27
C ARG K 6 -13.37 -51.90 29.75
N TYR K 7 -14.57 -51.33 29.86
CA TYR K 7 -15.80 -51.92 29.36
C TYR K 7 -16.45 -50.94 28.38
N PHE K 8 -16.70 -51.39 27.13
CA PHE K 8 -17.29 -50.57 26.08
C PHE K 8 -18.65 -51.12 25.67
N PHE K 9 -19.70 -50.28 25.78
CA PHE K 9 -21.08 -50.67 25.45
C PHE K 9 -21.66 -49.70 24.45
N THR K 10 -22.42 -50.21 23.47
CA THR K 10 -23.05 -49.40 22.43
C THR K 10 -24.45 -49.95 22.08
N SER K 11 -25.46 -49.11 22.33
CA SER K 11 -26.86 -49.43 22.03
C SER K 11 -27.33 -48.57 20.88
N VAL K 12 -27.86 -49.21 19.83
CA VAL K 12 -28.37 -48.52 18.64
C VAL K 12 -29.89 -48.79 18.52
N SER K 13 -30.70 -47.72 18.41
CA SER K 13 -32.15 -47.84 18.26
C SER K 13 -32.51 -48.16 16.80
N ARG K 14 -33.39 -49.15 16.62
CA ARG K 14 -33.90 -49.60 15.32
C ARG K 14 -35.37 -49.17 15.19
N PRO K 15 -35.65 -48.00 14.54
CA PRO K 15 -37.05 -47.53 14.42
C PRO K 15 -37.99 -48.49 13.69
N GLY K 16 -37.45 -49.24 12.73
CA GLY K 16 -38.20 -50.22 11.96
C GLY K 16 -38.43 -51.52 12.73
N ARG K 17 -38.84 -52.58 12.01
CA ARG K 17 -39.10 -53.90 12.61
C ARG K 17 -37.77 -54.55 12.97
N GLY K 18 -37.64 -54.92 14.24
CA GLY K 18 -36.45 -55.54 14.81
C GLY K 18 -35.99 -54.80 16.05
N GLU K 19 -35.83 -55.55 17.15
CA GLU K 19 -35.40 -55.04 18.46
C GLU K 19 -34.02 -54.37 18.39
N PRO K 20 -33.79 -53.25 19.14
CA PRO K 20 -32.49 -52.56 19.09
C PRO K 20 -31.29 -53.46 19.44
N ARG K 21 -30.12 -53.18 18.83
CA ARG K 21 -28.89 -53.96 19.03
C ARG K 21 -28.04 -53.39 20.16
N PHE K 22 -27.68 -54.26 21.12
CA PHE K 22 -26.84 -53.98 22.28
C PHE K 22 -25.59 -54.86 22.24
N ILE K 23 -24.41 -54.23 22.11
CA ILE K 23 -23.11 -54.91 22.07
C ILE K 23 -22.29 -54.44 23.27
N ALA K 24 -21.63 -55.38 23.96
CA ALA K 24 -20.76 -55.12 25.12
C ALA K 24 -19.46 -55.87 24.99
N VAL K 25 -18.32 -55.19 25.22
CA VAL K 25 -16.97 -55.76 25.15
C VAL K 25 -16.18 -55.38 26.41
N GLY K 26 -15.30 -56.28 26.83
CA GLY K 26 -14.44 -56.09 27.99
C GLY K 26 -12.99 -56.27 27.62
N TYR K 27 -12.15 -55.30 28.01
CA TYR K 27 -10.73 -55.32 27.73
C TYR K 27 -9.88 -55.25 28.99
N VAL K 28 -8.78 -55.97 28.98
CA VAL K 28 -7.71 -55.95 29.97
C VAL K 28 -6.53 -55.51 29.14
N ASP K 29 -6.19 -54.21 29.25
CA ASP K 29 -5.19 -53.53 28.43
C ASP K 29 -5.70 -53.56 26.97
N ASP K 30 -4.98 -54.24 26.04
CA ASP K 30 -5.39 -54.34 24.63
C ASP K 30 -5.96 -55.74 24.30
N THR K 31 -6.35 -56.53 25.33
CA THR K 31 -6.87 -57.88 25.14
C THR K 31 -8.35 -57.99 25.57
N GLN K 32 -9.21 -58.46 24.65
CA GLN K 32 -10.63 -58.68 24.93
C GLN K 32 -10.81 -59.98 25.71
N PHE K 33 -11.62 -59.95 26.79
CA PHE K 33 -11.84 -61.15 27.60
C PHE K 33 -13.31 -61.57 27.66
N VAL K 34 -14.26 -60.63 27.44
CA VAL K 34 -15.71 -60.93 27.47
C VAL K 34 -16.47 -60.21 26.33
N ARG K 35 -17.68 -60.71 26.00
CA ARG K 35 -18.56 -60.16 24.97
C ARG K 35 -20.03 -60.51 25.22
N PHE K 36 -20.93 -59.60 24.82
CA PHE K 36 -22.38 -59.78 24.93
C PHE K 36 -23.07 -59.13 23.74
N ASP K 37 -23.97 -59.85 23.07
CA ASP K 37 -24.72 -59.28 21.95
C ASP K 37 -26.19 -59.65 22.11
N SER K 38 -27.07 -58.65 21.99
CA SER K 38 -28.52 -58.83 22.11
C SER K 38 -29.10 -59.58 20.89
N ASP K 39 -28.45 -59.46 19.72
CA ASP K 39 -28.85 -60.11 18.47
C ASP K 39 -28.37 -61.56 18.39
N ALA K 40 -27.28 -61.90 19.10
CA ALA K 40 -26.71 -63.25 19.12
C ALA K 40 -27.67 -64.25 19.78
N ALA K 41 -27.65 -65.50 19.30
CA ALA K 41 -28.51 -66.59 19.79
C ALA K 41 -28.11 -67.08 21.20
N SER K 42 -26.88 -66.74 21.66
CA SER K 42 -26.32 -67.13 22.97
C SER K 42 -27.11 -66.55 24.15
N GLN K 43 -27.29 -65.20 24.18
CA GLN K 43 -27.98 -64.42 25.21
C GLN K 43 -27.28 -64.55 26.58
N LYS K 44 -25.93 -64.64 26.55
CA LYS K 44 -25.06 -64.77 27.73
C LYS K 44 -23.75 -64.03 27.55
N MET K 45 -23.07 -63.66 28.68
CA MET K 45 -21.75 -63.03 28.64
C MET K 45 -20.79 -64.11 28.20
N GLU K 46 -20.35 -64.02 26.93
CA GLU K 46 -19.48 -65.00 26.31
C GLU K 46 -18.01 -64.61 26.47
N PRO K 47 -17.17 -65.52 26.99
CA PRO K 47 -15.74 -65.18 27.12
C PRO K 47 -15.02 -65.37 25.79
N ARG K 48 -14.79 -64.26 25.03
CA ARG K 48 -14.14 -64.31 23.72
C ARG K 48 -12.60 -64.36 23.88
N ALA K 49 -12.12 -65.47 24.47
CA ALA K 49 -10.71 -65.83 24.75
C ALA K 49 -10.65 -67.30 25.22
N PRO K 50 -9.63 -68.10 24.82
CA PRO K 50 -9.60 -69.51 25.26
C PRO K 50 -8.89 -69.72 26.61
N TRP K 51 -8.47 -68.64 27.30
CA TRP K 51 -7.75 -68.71 28.57
C TRP K 51 -8.62 -68.35 29.80
N ILE K 52 -9.52 -67.34 29.67
CA ILE K 52 -10.38 -66.85 30.75
C ILE K 52 -11.55 -67.84 31.04
N GLU K 53 -11.75 -68.87 30.18
CA GLU K 53 -12.77 -69.89 30.36
C GLU K 53 -12.46 -70.83 31.57
N GLN K 54 -11.38 -70.51 32.33
CA GLN K 54 -10.94 -71.23 33.53
C GLN K 54 -11.90 -70.94 34.71
N GLU K 55 -12.75 -69.90 34.57
CA GLU K 55 -13.76 -69.52 35.55
C GLU K 55 -15.06 -70.29 35.27
N GLY K 56 -15.69 -70.77 36.34
CA GLY K 56 -16.93 -71.55 36.26
C GLY K 56 -18.16 -70.77 35.83
N PRO K 57 -19.32 -71.45 35.65
CA PRO K 57 -20.54 -70.72 35.25
C PRO K 57 -21.12 -69.86 36.37
N GLU K 58 -20.60 -70.01 37.61
CA GLU K 58 -20.97 -69.27 38.83
C GLU K 58 -20.74 -67.76 38.66
N TYR K 59 -19.66 -67.40 37.92
CA TYR K 59 -19.28 -66.02 37.61
C TYR K 59 -20.07 -65.48 36.41
N TRP K 60 -20.28 -66.32 35.36
CA TRP K 60 -21.00 -65.96 34.13
C TRP K 60 -22.49 -65.74 34.39
N ASP K 61 -23.02 -66.22 35.53
CA ASP K 61 -24.40 -66.04 35.94
C ASP K 61 -24.67 -64.57 36.34
N GLN K 62 -23.73 -63.97 37.11
CA GLN K 62 -23.81 -62.59 37.58
C GLN K 62 -23.54 -61.60 36.43
N GLU K 63 -22.62 -61.93 35.51
CA GLU K 63 -22.24 -61.07 34.38
C GLU K 63 -23.35 -60.95 33.34
N THR K 64 -24.11 -62.03 33.10
CA THR K 64 -25.23 -62.08 32.15
C THR K 64 -26.39 -61.23 32.72
N ARG K 65 -26.65 -61.34 34.04
CA ARG K 65 -27.69 -60.59 34.76
C ARG K 65 -27.46 -59.07 34.61
N ASN K 66 -26.18 -58.67 34.73
CA ASN K 66 -25.74 -57.28 34.62
C ASN K 66 -25.94 -56.76 33.19
N MET K 67 -25.67 -57.62 32.18
CA MET K 67 -25.80 -57.29 30.75
C MET K 67 -27.25 -57.14 30.30
N LYS K 68 -28.16 -57.94 30.89
CA LYS K 68 -29.59 -57.87 30.59
C LYS K 68 -30.16 -56.58 31.17
N ALA K 69 -29.74 -56.22 32.41
CA ALA K 69 -30.13 -55.00 33.09
C ALA K 69 -29.57 -53.78 32.36
N HIS K 70 -28.33 -53.91 31.83
CA HIS K 70 -27.62 -52.89 31.06
C HIS K 70 -28.36 -52.58 29.75
N SER K 71 -28.79 -53.63 29.02
CA SER K 71 -29.51 -53.49 27.75
C SER K 71 -30.90 -52.87 27.93
N GLN K 72 -31.67 -53.34 28.94
CA GLN K 72 -33.01 -52.84 29.23
C GLN K 72 -32.99 -51.36 29.63
N THR K 73 -31.99 -50.96 30.46
CA THR K 73 -31.81 -49.58 30.89
C THR K 73 -31.48 -48.70 29.67
N ASP K 74 -30.62 -49.23 28.77
CA ASP K 74 -30.21 -48.55 27.53
C ASP K 74 -31.41 -48.33 26.61
N ARG K 75 -32.33 -49.32 26.50
CA ARG K 75 -33.56 -49.22 25.69
C ARG K 75 -34.43 -48.09 26.22
N ALA K 76 -34.58 -48.03 27.57
CA ALA K 76 -35.39 -47.02 28.25
C ALA K 76 -34.76 -45.64 28.16
N ASN K 77 -33.41 -45.57 28.25
CA ASN K 77 -32.65 -44.33 28.16
C ASN K 77 -32.68 -43.74 26.76
N LEU K 78 -32.83 -44.60 25.72
CA LEU K 78 -32.92 -44.17 24.32
C LEU K 78 -34.19 -43.35 24.14
N GLY K 79 -35.28 -43.79 24.78
CA GLY K 79 -36.58 -43.14 24.78
C GLY K 79 -36.58 -41.86 25.60
N THR K 80 -35.86 -41.86 26.75
CA THR K 80 -35.74 -40.72 27.66
C THR K 80 -34.99 -39.58 26.97
N LEU K 81 -33.92 -39.91 26.22
CA LEU K 81 -33.09 -38.93 25.51
C LEU K 81 -33.76 -38.33 24.29
N ARG K 82 -34.64 -39.07 23.55
CA ARG K 82 -35.31 -38.47 22.39
C ARG K 82 -36.41 -37.48 22.82
N GLY K 83 -36.82 -37.53 24.10
CA GLY K 83 -37.74 -36.57 24.71
C GLY K 83 -36.98 -35.34 25.17
N TYR K 84 -35.75 -35.54 25.70
CA TYR K 84 -34.85 -34.49 26.19
C TYR K 84 -34.40 -33.56 25.06
N TYR K 85 -34.11 -34.13 23.88
CA TYR K 85 -33.63 -33.40 22.71
C TYR K 85 -34.76 -33.10 21.71
N ASN K 86 -36.01 -33.48 22.05
CA ASN K 86 -37.26 -33.31 21.27
C ASN K 86 -37.10 -33.90 19.85
N GLN K 87 -36.69 -35.17 19.79
CA GLN K 87 -36.49 -35.91 18.54
C GLN K 87 -37.61 -36.93 18.31
N SER K 88 -37.88 -37.23 17.04
CA SER K 88 -38.94 -38.18 16.64
C SER K 88 -38.44 -39.63 16.72
N GLU K 89 -39.40 -40.58 16.69
CA GLU K 89 -39.15 -42.02 16.76
C GLU K 89 -38.65 -42.62 15.42
N ASP K 90 -38.77 -41.88 14.30
CA ASP K 90 -38.33 -42.36 12.97
C ASP K 90 -36.80 -42.41 12.83
N GLY K 91 -36.08 -41.61 13.62
CA GLY K 91 -34.63 -41.54 13.57
C GLY K 91 -33.94 -42.57 14.44
N SER K 92 -32.79 -43.09 13.98
CA SER K 92 -31.96 -44.06 14.70
C SER K 92 -30.93 -43.32 15.52
N HIS K 93 -30.86 -43.62 16.83
CA HIS K 93 -29.92 -42.95 17.73
C HIS K 93 -29.04 -43.96 18.49
N THR K 94 -27.90 -43.50 19.02
CA THR K 94 -26.93 -44.37 19.71
C THR K 94 -26.54 -43.88 21.11
N ILE K 95 -26.46 -44.82 22.08
CA ILE K 95 -25.95 -44.58 23.43
C ILE K 95 -24.69 -45.41 23.59
N GLN K 96 -23.58 -44.75 23.97
CA GLN K 96 -22.30 -45.40 24.21
C GLN K 96 -21.85 -45.15 25.63
N ILE K 97 -21.33 -46.19 26.30
CA ILE K 97 -20.84 -46.11 27.68
C ILE K 97 -19.44 -46.70 27.76
N MET K 98 -18.59 -46.05 28.57
CA MET K 98 -17.25 -46.48 28.90
C MET K 98 -17.05 -46.37 30.41
N TYR K 99 -16.53 -47.43 31.01
CA TYR K 99 -16.15 -47.44 32.41
C TYR K 99 -15.06 -48.48 32.68
N GLY K 100 -14.23 -48.19 33.69
CA GLY K 100 -13.12 -49.03 34.10
C GLY K 100 -12.18 -48.37 35.09
N CYS K 101 -11.00 -48.97 35.31
CA CYS K 101 -10.01 -48.49 36.28
C CYS K 101 -8.56 -48.81 35.86
N ASP K 102 -7.63 -48.03 36.43
CA ASP K 102 -6.18 -48.15 36.26
C ASP K 102 -5.54 -48.57 37.58
N VAL K 103 -4.59 -49.51 37.51
CA VAL K 103 -3.87 -50.00 38.69
C VAL K 103 -2.36 -50.00 38.35
N GLY K 104 -1.53 -49.55 39.30
CA GLY K 104 -0.09 -49.43 39.13
C GLY K 104 0.65 -50.76 39.05
N PRO K 105 2.01 -50.73 38.99
CA PRO K 105 2.76 -52.00 38.93
C PRO K 105 2.61 -52.84 40.20
N ASP K 106 2.40 -52.17 41.35
CA ASP K 106 2.22 -52.76 42.68
C ASP K 106 0.78 -53.23 42.93
N GLY K 107 -0.13 -52.83 42.04
CA GLY K 107 -1.54 -53.20 42.14
C GLY K 107 -2.42 -52.19 42.82
N ARG K 108 -1.89 -50.98 43.13
CA ARG K 108 -2.59 -49.89 43.79
C ARG K 108 -3.41 -49.03 42.79
N PHE K 109 -4.67 -48.66 43.17
CA PHE K 109 -5.60 -47.83 42.38
C PHE K 109 -4.90 -46.57 41.91
N LEU K 110 -5.08 -46.24 40.61
CA LEU K 110 -4.49 -45.05 40.01
C LEU K 110 -5.57 -44.07 39.58
N ARG K 111 -6.50 -44.53 38.72
CA ARG K 111 -7.60 -43.75 38.17
C ARG K 111 -8.83 -44.62 37.89
N GLY K 112 -10.01 -44.01 38.05
CA GLY K 112 -11.32 -44.59 37.78
C GLY K 112 -12.02 -43.80 36.68
N TYR K 113 -12.83 -44.47 35.83
CA TYR K 113 -13.49 -43.83 34.68
C TYR K 113 -14.97 -44.23 34.51
N ARG K 114 -15.82 -43.25 34.09
CA ARG K 114 -17.25 -43.43 33.77
C ARG K 114 -17.67 -42.32 32.82
N GLN K 115 -17.93 -42.68 31.56
CA GLN K 115 -18.28 -41.76 30.47
C GLN K 115 -19.43 -42.26 29.61
N ASP K 116 -20.37 -41.36 29.26
CA ASP K 116 -21.56 -41.67 28.43
C ASP K 116 -21.65 -40.73 27.23
N ALA K 117 -22.12 -41.26 26.09
CA ALA K 117 -22.29 -40.49 24.87
C ALA K 117 -23.62 -40.71 24.20
N TYR K 118 -24.16 -39.66 23.58
CA TYR K 118 -25.40 -39.72 22.80
C TYR K 118 -25.08 -39.22 21.40
N ASP K 119 -25.24 -40.10 20.41
CA ASP K 119 -24.98 -39.87 18.99
C ASP K 119 -23.51 -39.44 18.75
N GLY K 120 -22.58 -40.13 19.43
CA GLY K 120 -21.14 -39.91 19.33
C GLY K 120 -20.61 -38.61 19.92
N LYS K 121 -21.43 -37.97 20.75
CA LYS K 121 -21.13 -36.72 21.43
C LYS K 121 -21.24 -36.92 22.92
N ASP K 122 -20.33 -36.31 23.70
CA ASP K 122 -20.32 -36.36 25.17
C ASP K 122 -21.69 -36.00 25.73
N TYR K 123 -22.15 -36.79 26.70
CA TYR K 123 -23.42 -36.56 27.38
C TYR K 123 -23.13 -36.26 28.84
N ILE K 124 -22.76 -37.28 29.62
CA ILE K 124 -22.40 -37.15 31.02
C ILE K 124 -21.12 -37.97 31.31
N ALA K 125 -20.26 -37.43 32.18
CA ALA K 125 -19.00 -38.07 32.57
C ALA K 125 -18.67 -37.83 34.04
N LEU K 126 -18.10 -38.84 34.70
CA LEU K 126 -17.65 -38.74 36.09
C LEU K 126 -16.24 -38.15 36.07
N ASN K 127 -15.98 -37.13 36.92
CA ASN K 127 -14.67 -36.46 37.00
C ASN K 127 -13.60 -37.37 37.63
N GLU K 128 -12.30 -37.01 37.46
CA GLU K 128 -11.16 -37.78 38.00
C GLU K 128 -11.26 -37.96 39.51
N ASP K 129 -11.79 -36.96 40.23
CA ASP K 129 -11.96 -36.99 41.70
C ASP K 129 -13.02 -38.03 42.15
N LEU K 130 -13.91 -38.45 41.22
CA LEU K 130 -14.98 -39.45 41.35
C LEU K 130 -16.07 -39.02 42.35
N ARG K 131 -16.26 -37.70 42.49
CA ARG K 131 -17.24 -37.09 43.41
C ARG K 131 -18.30 -36.29 42.65
N SER K 132 -17.90 -35.67 41.52
CA SER K 132 -18.75 -34.82 40.71
C SER K 132 -18.90 -35.34 39.28
N TRP K 133 -19.87 -34.76 38.55
CA TRP K 133 -20.16 -35.09 37.16
C TRP K 133 -19.90 -33.89 36.25
N THR K 134 -19.67 -34.18 34.97
CA THR K 134 -19.49 -33.19 33.92
C THR K 134 -20.63 -33.41 32.93
N ALA K 135 -21.58 -32.45 32.90
CA ALA K 135 -22.73 -32.44 32.02
C ALA K 135 -22.37 -31.62 30.80
N ALA K 136 -22.40 -32.26 29.61
CA ALA K 136 -22.00 -31.62 28.35
C ALA K 136 -22.99 -30.53 27.89
N ASP K 137 -24.29 -30.82 27.94
CA ASP K 137 -25.32 -29.89 27.51
C ASP K 137 -26.41 -29.71 28.57
N MET K 138 -27.45 -28.92 28.25
CA MET K 138 -28.61 -28.62 29.09
C MET K 138 -29.38 -29.90 29.47
N ALA K 139 -29.53 -30.84 28.51
CA ALA K 139 -30.22 -32.11 28.69
C ALA K 139 -29.49 -33.02 29.69
N ALA K 140 -28.15 -32.96 29.68
CA ALA K 140 -27.28 -33.74 30.57
C ALA K 140 -27.36 -33.24 32.00
N GLN K 141 -27.64 -31.93 32.19
CA GLN K 141 -27.79 -31.28 33.50
C GLN K 141 -28.99 -31.84 34.26
N ILE K 142 -30.06 -32.24 33.53
CA ILE K 142 -31.26 -32.85 34.08
C ILE K 142 -30.87 -34.23 34.71
N THR K 143 -30.03 -35.01 34.00
CA THR K 143 -29.52 -36.32 34.43
C THR K 143 -28.58 -36.14 35.65
N LYS K 144 -27.70 -35.10 35.59
CA LYS K 144 -26.73 -34.72 36.62
C LYS K 144 -27.42 -34.48 37.95
N ARG K 145 -28.52 -33.69 37.96
CA ARG K 145 -29.31 -33.36 39.15
C ARG K 145 -29.95 -34.61 39.76
N LYS K 146 -30.47 -35.52 38.89
CA LYS K 146 -31.08 -36.79 39.29
C LYS K 146 -30.06 -37.70 39.94
N TRP K 147 -28.84 -37.73 39.38
CA TRP K 147 -27.75 -38.58 39.85
C TRP K 147 -27.11 -38.02 41.13
N GLU K 148 -27.11 -36.68 41.30
CA GLU K 148 -26.60 -36.05 42.52
C GLU K 148 -27.55 -36.32 43.69
N ALA K 149 -28.87 -36.30 43.40
CA ALA K 149 -29.94 -36.55 44.37
C ALA K 149 -29.96 -38.02 44.84
N VAL K 150 -29.51 -38.95 43.99
CA VAL K 150 -29.49 -40.40 44.27
C VAL K 150 -28.05 -40.88 44.65
N HIS K 151 -27.09 -39.92 44.74
CA HIS K 151 -25.67 -40.10 45.12
C HIS K 151 -25.00 -41.20 44.26
N ALA K 152 -25.12 -41.07 42.92
CA ALA K 152 -24.60 -42.02 41.94
C ALA K 152 -23.08 -42.07 41.91
N ALA K 153 -22.41 -40.90 42.06
CA ALA K 153 -20.95 -40.74 42.03
C ALA K 153 -20.28 -41.62 43.09
N GLU K 154 -20.86 -41.67 44.31
CA GLU K 154 -20.40 -42.47 45.44
C GLU K 154 -20.51 -43.96 45.12
N GLN K 155 -21.60 -44.39 44.44
CA GLN K 155 -21.84 -45.79 44.08
C GLN K 155 -20.90 -46.24 42.98
N ARG K 156 -20.52 -45.32 42.08
CA ARG K 156 -19.58 -45.59 41.01
C ARG K 156 -18.18 -45.66 41.61
N ARG K 157 -17.86 -44.71 42.53
CA ARG K 157 -16.59 -44.62 43.27
C ARG K 157 -16.27 -45.91 44.05
N VAL K 158 -17.28 -46.50 44.75
CA VAL K 158 -17.22 -47.74 45.56
C VAL K 158 -16.86 -48.92 44.63
N TYR K 159 -17.39 -48.87 43.38
CA TYR K 159 -17.12 -49.91 42.39
C TYR K 159 -15.68 -49.81 41.92
N LEU K 160 -15.27 -48.64 41.40
CA LEU K 160 -13.95 -48.37 40.85
C LEU K 160 -12.82 -48.62 41.87
N GLU K 161 -12.97 -48.09 43.10
CA GLU K 161 -11.96 -48.24 44.15
C GLU K 161 -12.08 -49.55 44.92
N GLY K 162 -13.16 -50.29 44.65
CA GLY K 162 -13.43 -51.56 45.32
C GLY K 162 -13.31 -52.77 44.43
N ARG K 163 -14.47 -53.25 43.92
CA ARG K 163 -14.59 -54.45 43.09
C ARG K 163 -13.76 -54.36 41.83
N CYS K 164 -13.85 -53.22 41.12
CA CYS K 164 -13.16 -52.92 39.87
C CYS K 164 -11.65 -53.15 39.98
N VAL K 165 -10.97 -52.53 40.98
CA VAL K 165 -9.52 -52.69 41.17
C VAL K 165 -9.17 -54.08 41.70
N ASP K 166 -10.08 -54.73 42.45
CA ASP K 166 -9.84 -56.09 42.97
C ASP K 166 -10.05 -57.13 41.86
N GLY K 167 -10.94 -56.83 40.92
CA GLY K 167 -11.22 -57.64 39.73
C GLY K 167 -10.02 -57.62 38.81
N LEU K 168 -9.48 -56.42 38.53
CA LEU K 168 -8.31 -56.23 37.68
C LEU K 168 -7.06 -56.91 38.31
N ARG K 169 -6.88 -56.79 39.65
CA ARG K 169 -5.80 -57.40 40.43
C ARG K 169 -5.77 -58.91 40.27
N ARG K 170 -6.98 -59.54 40.29
CA ARG K 170 -7.18 -60.98 40.16
C ARG K 170 -6.86 -61.47 38.75
N TYR K 171 -7.35 -60.78 37.71
CA TYR K 171 -7.15 -61.14 36.30
C TYR K 171 -5.69 -61.14 35.91
N LEU K 172 -4.92 -60.18 36.45
CA LEU K 172 -3.48 -60.06 36.18
C LEU K 172 -2.66 -61.17 36.81
N GLU K 173 -3.14 -61.74 37.93
CA GLU K 173 -2.49 -62.86 38.60
C GLU K 173 -2.83 -64.16 37.87
N ASN K 174 -4.12 -64.33 37.50
CA ASN K 174 -4.68 -65.48 36.79
C ASN K 174 -4.18 -65.57 35.35
N GLY K 175 -3.92 -64.41 34.72
CA GLY K 175 -3.44 -64.32 33.35
C GLY K 175 -2.06 -63.74 33.17
N LYS K 176 -1.15 -63.92 34.14
CA LYS K 176 0.22 -63.37 34.14
C LYS K 176 1.07 -63.85 32.94
N GLU K 177 0.83 -65.07 32.43
CA GLU K 177 1.57 -65.65 31.31
C GLU K 177 1.22 -65.01 29.95
N THR K 178 0.08 -64.29 29.86
CA THR K 178 -0.41 -63.65 28.63
C THR K 178 -0.55 -62.12 28.74
N LEU K 179 -0.90 -61.61 29.94
CA LEU K 179 -1.15 -60.18 30.20
C LEU K 179 0.12 -59.40 30.57
N GLN K 180 1.01 -59.98 31.41
CA GLN K 180 2.26 -59.36 31.85
C GLN K 180 3.38 -59.60 30.81
N ARG K 181 3.05 -60.36 29.76
CA ARG K 181 3.91 -60.72 28.64
C ARG K 181 3.97 -59.55 27.63
N THR K 182 5.18 -59.19 27.15
CA THR K 182 5.43 -58.12 26.17
C THR K 182 6.07 -58.71 24.92
N ASP K 183 5.33 -58.66 23.80
CA ASP K 183 5.76 -59.16 22.51
C ASP K 183 6.44 -58.03 21.73
N PRO K 184 7.76 -58.13 21.41
CA PRO K 184 8.41 -57.04 20.66
C PRO K 184 8.06 -57.06 19.17
N PRO K 185 8.14 -55.91 18.44
CA PRO K 185 7.78 -55.92 17.02
C PRO K 185 8.84 -56.57 16.12
N LYS K 186 8.36 -57.26 15.08
CA LYS K 186 9.19 -57.88 14.04
C LYS K 186 9.37 -56.85 12.95
N THR K 187 10.51 -56.15 12.98
CA THR K 187 10.79 -55.05 12.08
C THR K 187 11.52 -55.46 10.81
N HIS K 188 11.11 -54.85 9.70
CA HIS K 188 11.69 -55.03 8.38
C HIS K 188 11.42 -53.75 7.55
N MET K 189 12.20 -53.52 6.49
CA MET K 189 12.09 -52.33 5.65
C MET K 189 12.00 -52.74 4.18
N THR K 190 11.09 -52.11 3.42
CA THR K 190 10.90 -52.38 2.00
C THR K 190 11.35 -51.14 1.20
N HIS K 191 11.51 -51.29 -0.13
CA HIS K 191 11.98 -50.21 -1.00
C HIS K 191 11.36 -50.32 -2.40
N HIS K 192 10.74 -49.22 -2.87
CA HIS K 192 10.11 -49.14 -4.19
C HIS K 192 10.34 -47.77 -4.83
N PRO K 193 11.13 -47.69 -5.93
CA PRO K 193 11.34 -46.39 -6.62
C PRO K 193 10.08 -45.98 -7.38
N ILE K 194 9.77 -44.68 -7.36
CA ILE K 194 8.60 -44.14 -8.06
C ILE K 194 9.07 -43.55 -9.39
N SER K 195 10.36 -43.18 -9.46
CA SER K 195 11.06 -42.62 -10.60
C SER K 195 12.57 -42.92 -10.46
N ASP K 196 13.41 -42.33 -11.34
CA ASP K 196 14.86 -42.50 -11.28
C ASP K 196 15.47 -41.59 -10.20
N HIS K 197 14.72 -40.57 -9.75
CA HIS K 197 15.23 -39.59 -8.77
C HIS K 197 14.50 -39.67 -7.42
N GLU K 198 13.41 -40.48 -7.31
CA GLU K 198 12.63 -40.63 -6.07
C GLU K 198 12.38 -42.10 -5.74
N ALA K 199 12.34 -42.44 -4.44
CA ALA K 199 12.08 -43.79 -3.94
C ALA K 199 11.33 -43.78 -2.60
N THR K 200 10.45 -44.77 -2.39
CA THR K 200 9.66 -44.91 -1.16
C THR K 200 10.27 -45.94 -0.21
N LEU K 201 10.61 -45.49 1.01
CA LEU K 201 11.15 -46.31 2.10
C LEU K 201 10.06 -46.56 3.13
N ARG K 202 9.75 -47.82 3.44
CA ARG K 202 8.70 -48.16 4.40
C ARG K 202 9.23 -49.07 5.50
N CYS K 203 9.09 -48.60 6.77
CA CYS K 203 9.51 -49.29 7.99
C CYS K 203 8.33 -50.02 8.62
N TRP K 204 8.44 -51.35 8.78
CA TRP K 204 7.39 -52.19 9.34
C TRP K 204 7.62 -52.58 10.78
N ALA K 205 6.51 -52.78 11.50
CA ALA K 205 6.46 -53.27 12.87
C ALA K 205 5.28 -54.22 12.96
N LEU K 206 5.53 -55.52 13.12
CA LEU K 206 4.49 -56.55 13.15
C LEU K 206 4.60 -57.42 14.40
N GLY K 207 3.51 -58.12 14.70
CA GLY K 207 3.41 -59.06 15.81
C GLY K 207 3.76 -58.57 17.19
N PHE K 208 3.46 -57.29 17.50
CA PHE K 208 3.77 -56.70 18.80
C PHE K 208 2.53 -56.57 19.70
N TYR K 209 2.79 -56.67 21.02
CA TYR K 209 1.82 -56.50 22.10
C TYR K 209 2.54 -55.87 23.31
N PRO K 210 2.03 -54.79 23.93
CA PRO K 210 0.76 -54.07 23.66
C PRO K 210 0.81 -53.22 22.38
N ALA K 211 -0.30 -52.55 22.05
CA ALA K 211 -0.49 -51.72 20.85
C ALA K 211 0.37 -50.45 20.84
N GLU K 212 0.69 -49.89 22.04
CA GLU K 212 1.50 -48.66 22.22
C GLU K 212 2.90 -48.84 21.59
N ILE K 213 3.16 -48.05 20.55
CA ILE K 213 4.39 -48.06 19.76
C ILE K 213 4.63 -46.66 19.15
N THR K 214 5.90 -46.35 18.88
CA THR K 214 6.32 -45.12 18.23
C THR K 214 7.19 -45.48 17.05
N LEU K 215 6.85 -44.94 15.88
CA LEU K 215 7.58 -45.10 14.62
C LEU K 215 7.92 -43.71 14.13
N THR K 216 9.18 -43.28 14.32
CA THR K 216 9.64 -41.94 13.95
C THR K 216 10.80 -42.01 12.94
N TRP K 217 10.60 -41.41 11.73
CA TRP K 217 11.61 -41.32 10.68
C TRP K 217 12.48 -40.12 10.95
N GLN K 218 13.78 -40.29 10.77
CA GLN K 218 14.78 -39.24 10.93
C GLN K 218 15.63 -39.09 9.67
N ARG K 219 16.11 -37.89 9.39
CA ARG K 219 17.04 -37.60 8.28
C ARG K 219 18.19 -36.84 8.91
N ASP K 220 19.37 -37.49 8.96
CA ASP K 220 20.58 -37.02 9.62
C ASP K 220 20.29 -36.92 11.15
N GLY K 221 19.50 -37.87 11.66
CA GLY K 221 19.11 -37.96 13.07
C GLY K 221 18.20 -36.87 13.57
N GLU K 222 17.42 -36.25 12.67
CA GLU K 222 16.47 -35.21 13.02
C GLU K 222 15.09 -35.64 12.54
N ASP K 223 14.08 -35.57 13.44
CA ASP K 223 12.67 -35.98 13.18
C ASP K 223 12.13 -35.45 11.86
N GLN K 224 11.59 -36.37 11.05
CA GLN K 224 11.04 -36.12 9.72
C GLN K 224 9.53 -36.32 9.71
N THR K 225 8.77 -35.23 9.67
CA THR K 225 7.30 -35.25 9.60
C THR K 225 6.89 -34.98 8.15
N GLN K 226 7.70 -34.18 7.43
CA GLN K 226 7.53 -33.81 6.03
C GLN K 226 7.82 -35.00 5.12
N ASP K 227 6.97 -35.19 4.08
CA ASP K 227 7.04 -36.26 3.08
C ASP K 227 6.92 -37.66 3.74
N THR K 228 6.12 -37.77 4.83
CA THR K 228 5.94 -39.03 5.56
C THR K 228 4.48 -39.48 5.64
N GLU K 229 4.28 -40.79 5.83
CA GLU K 229 2.98 -41.41 6.03
C GLU K 229 3.09 -42.41 7.15
N LEU K 230 2.32 -42.18 8.20
CA LEU K 230 2.26 -43.02 9.38
C LEU K 230 0.84 -43.52 9.52
N VAL K 231 0.61 -44.81 9.25
CA VAL K 231 -0.72 -45.40 9.33
C VAL K 231 -1.06 -45.67 10.80
N GLU K 232 -2.36 -45.77 11.08
CA GLU K 232 -2.92 -46.05 12.40
C GLU K 232 -2.54 -47.48 12.81
N THR K 233 -2.31 -47.72 14.12
CA THR K 233 -1.99 -49.06 14.64
C THR K 233 -3.21 -49.93 14.38
N ARG K 234 -3.00 -51.10 13.75
CA ARG K 234 -4.09 -51.99 13.36
C ARG K 234 -3.97 -53.40 13.97
N PRO K 235 -5.11 -54.05 14.31
CA PRO K 235 -5.00 -55.42 14.85
C PRO K 235 -4.73 -56.45 13.75
N ALA K 236 -3.76 -57.37 14.00
CA ALA K 236 -3.43 -58.43 13.05
C ALA K 236 -4.52 -59.50 13.01
N GLY K 237 -5.22 -59.70 14.12
CA GLY K 237 -6.30 -60.67 14.23
C GLY K 237 -6.04 -61.82 15.19
N ASP K 238 -4.78 -61.95 15.64
CA ASP K 238 -4.34 -63.01 16.56
C ASP K 238 -3.93 -62.43 17.93
N GLY K 239 -4.42 -61.24 18.25
CA GLY K 239 -4.12 -60.56 19.51
C GLY K 239 -2.88 -59.68 19.44
N THR K 240 -2.28 -59.58 18.24
CA THR K 240 -1.07 -58.79 18.01
C THR K 240 -1.40 -57.59 17.10
N PHE K 241 -0.49 -56.60 17.04
CA PHE K 241 -0.73 -55.39 16.28
C PHE K 241 0.31 -55.12 15.20
N GLN K 242 -0.05 -54.26 14.24
CA GLN K 242 0.77 -53.85 13.11
C GLN K 242 0.75 -52.32 12.96
N LYS K 243 1.83 -51.77 12.39
CA LYS K 243 1.99 -50.34 12.09
C LYS K 243 3.16 -50.16 11.14
N TRP K 244 3.03 -49.23 10.20
CA TRP K 244 4.14 -48.90 9.31
C TRP K 244 4.25 -47.38 9.14
N ALA K 245 5.47 -46.93 8.86
CA ALA K 245 5.83 -45.55 8.63
C ALA K 245 6.65 -45.49 7.35
N ALA K 246 6.20 -44.70 6.37
CA ALA K 246 6.91 -44.57 5.10
C ALA K 246 7.39 -43.13 4.89
N VAL K 247 8.43 -42.96 4.03
CA VAL K 247 9.00 -41.66 3.64
C VAL K 247 9.49 -41.75 2.17
N VAL K 248 9.28 -40.67 1.40
CA VAL K 248 9.72 -40.54 0.01
C VAL K 248 11.05 -39.80 0.04
N VAL K 249 12.12 -40.48 -0.41
CA VAL K 249 13.47 -39.95 -0.34
C VAL K 249 14.09 -39.78 -1.74
N PRO K 250 15.05 -38.85 -1.94
CA PRO K 250 15.70 -38.74 -3.25
C PRO K 250 16.63 -39.95 -3.47
N SER K 251 16.67 -40.48 -4.71
CA SER K 251 17.50 -41.63 -5.06
C SER K 251 18.98 -41.29 -4.85
N GLY K 252 19.65 -42.13 -4.06
CA GLY K 252 21.05 -41.97 -3.69
C GLY K 252 21.25 -41.51 -2.25
N GLU K 253 20.19 -40.93 -1.64
CA GLU K 253 20.21 -40.40 -0.26
C GLU K 253 19.55 -41.34 0.78
N GLU K 254 19.23 -42.59 0.39
CA GLU K 254 18.56 -43.63 1.20
C GLU K 254 19.21 -43.91 2.57
N GLN K 255 20.55 -43.85 2.66
CA GLN K 255 21.30 -44.13 3.89
C GLN K 255 21.31 -42.93 4.88
N ARG K 256 20.81 -41.75 4.46
CA ARG K 256 20.73 -40.59 5.35
C ARG K 256 19.51 -40.69 6.29
N TYR K 257 18.60 -41.63 5.98
CA TYR K 257 17.34 -41.82 6.69
C TYR K 257 17.37 -43.00 7.64
N THR K 258 16.88 -42.79 8.89
CA THR K 258 16.81 -43.77 9.98
C THR K 258 15.41 -43.83 10.64
N CYS K 259 14.83 -45.04 10.80
CA CYS K 259 13.54 -45.19 11.49
C CYS K 259 13.74 -45.68 12.92
N HIS K 260 13.28 -44.86 13.87
CA HIS K 260 13.31 -45.09 15.30
C HIS K 260 12.01 -45.79 15.73
N VAL K 261 12.12 -46.97 16.36
CA VAL K 261 10.96 -47.74 16.80
C VAL K 261 11.06 -48.04 18.30
N GLN K 262 10.13 -47.43 19.05
CA GLN K 262 9.96 -47.51 20.49
C GLN K 262 8.78 -48.40 20.84
N HIS K 263 9.03 -49.40 21.68
CA HIS K 263 8.07 -50.37 22.20
C HIS K 263 8.57 -50.87 23.54
N GLU K 264 7.67 -51.12 24.53
CA GLU K 264 8.05 -51.57 25.87
C GLU K 264 8.64 -53.01 25.86
N GLY K 265 8.36 -53.76 24.80
CA GLY K 265 8.88 -55.12 24.58
C GLY K 265 10.30 -55.14 24.05
N LEU K 266 10.86 -53.96 23.71
CA LEU K 266 12.22 -53.79 23.22
C LEU K 266 13.14 -53.31 24.35
N PRO K 267 14.30 -53.99 24.57
CA PRO K 267 15.21 -53.54 25.65
C PRO K 267 15.78 -52.14 25.34
N LYS K 268 16.15 -51.92 24.07
CA LYS K 268 16.65 -50.66 23.54
C LYS K 268 15.87 -50.29 22.27
N PRO K 269 15.48 -49.01 22.07
CA PRO K 269 14.79 -48.64 20.84
C PRO K 269 15.64 -48.95 19.61
N LEU K 270 15.01 -49.53 18.57
CA LEU K 270 15.69 -49.89 17.33
C LEU K 270 15.90 -48.69 16.41
N THR K 271 16.93 -48.77 15.57
CA THR K 271 17.28 -47.78 14.56
C THR K 271 17.53 -48.56 13.28
N LEU K 272 16.58 -48.51 12.34
CA LEU K 272 16.65 -49.24 11.07
C LEU K 272 17.12 -48.32 9.94
N ARG K 273 17.95 -48.86 9.02
CA ARG K 273 18.52 -48.14 7.90
C ARG K 273 18.53 -49.02 6.64
N TRP K 274 18.31 -48.41 5.46
CA TRP K 274 18.34 -49.14 4.19
C TRP K 274 19.75 -49.13 3.64
N MET L 1 -26.59 -33.57 13.87
CA MET L 1 -26.08 -34.92 14.05
C MET L 1 -24.66 -35.03 13.48
N ILE L 2 -23.68 -35.37 14.36
CA ILE L 2 -22.28 -35.49 13.96
C ILE L 2 -22.09 -36.79 13.17
N GLN L 3 -21.47 -36.66 11.99
CA GLN L 3 -21.20 -37.80 11.12
C GLN L 3 -19.73 -37.82 10.72
N ARG L 4 -19.05 -38.91 11.10
CA ARG L 4 -17.64 -39.15 10.87
C ARG L 4 -17.44 -40.18 9.77
N THR L 5 -16.54 -39.87 8.82
CA THR L 5 -16.25 -40.75 7.69
C THR L 5 -15.19 -41.80 8.10
N PRO L 6 -15.41 -43.09 7.76
CA PRO L 6 -14.44 -44.13 8.18
C PRO L 6 -13.11 -44.11 7.42
N LYS L 7 -12.07 -44.55 8.14
CA LYS L 7 -10.71 -44.79 7.65
C LYS L 7 -10.64 -46.26 7.30
N ILE L 8 -10.05 -46.63 6.16
CA ILE L 8 -10.01 -48.03 5.71
C ILE L 8 -8.56 -48.52 5.52
N GLN L 9 -8.27 -49.77 5.94
CA GLN L 9 -6.96 -50.43 5.80
C GLN L 9 -7.10 -51.91 5.42
N VAL L 10 -6.56 -52.31 4.24
CA VAL L 10 -6.54 -53.70 3.75
C VAL L 10 -5.14 -54.25 3.87
N TYR L 11 -5.00 -55.36 4.61
CA TYR L 11 -3.72 -55.98 4.93
C TYR L 11 -3.87 -57.46 5.31
N SER L 12 -2.73 -58.20 5.38
CA SER L 12 -2.63 -59.63 5.71
C SER L 12 -2.13 -59.83 7.15
N ARG L 13 -2.76 -60.77 7.90
CA ARG L 13 -2.48 -61.12 9.30
C ARG L 13 -0.98 -61.40 9.53
N HIS L 14 -0.38 -62.16 8.60
CA HIS L 14 1.03 -62.52 8.61
C HIS L 14 1.67 -62.09 7.27
N PRO L 15 3.02 -62.04 7.11
CA PRO L 15 3.57 -61.68 5.79
C PRO L 15 3.12 -62.72 4.75
N ALA L 16 2.33 -62.28 3.76
CA ALA L 16 1.73 -63.16 2.75
C ALA L 16 2.77 -63.76 1.80
N GLU L 17 2.66 -65.08 1.57
CA GLU L 17 3.56 -65.83 0.69
C GLU L 17 3.09 -65.75 -0.77
N ASN L 18 4.05 -65.46 -1.67
CA ASN L 18 3.85 -65.31 -3.11
C ASN L 18 3.40 -66.62 -3.77
N GLY L 19 2.08 -66.81 -3.82
CA GLY L 19 1.47 -68.00 -4.39
C GLY L 19 1.00 -69.04 -3.38
N LYS L 20 1.09 -68.71 -2.06
CA LYS L 20 0.68 -69.61 -0.97
C LYS L 20 -0.29 -68.90 -0.02
N SER L 21 -1.27 -69.67 0.52
CA SER L 21 -2.36 -69.24 1.41
C SER L 21 -1.92 -68.52 2.68
N ASN L 22 -2.71 -67.48 3.06
CA ASN L 22 -2.56 -66.61 4.24
C ASN L 22 -3.91 -65.89 4.55
N PHE L 23 -4.03 -65.23 5.72
CA PHE L 23 -5.24 -64.50 6.13
C PHE L 23 -5.34 -63.11 5.47
N LEU L 24 -6.54 -62.47 5.55
CA LEU L 24 -6.81 -61.13 5.01
C LEU L 24 -7.72 -60.34 5.97
N ASN L 25 -7.38 -59.07 6.23
CA ASN L 25 -8.10 -58.18 7.16
C ASN L 25 -8.43 -56.81 6.55
N CYS L 26 -9.63 -56.26 6.88
CA CYS L 26 -10.07 -54.92 6.50
C CYS L 26 -10.52 -54.17 7.76
N TYR L 27 -9.68 -53.23 8.19
CA TYR L 27 -9.90 -52.44 9.38
C TYR L 27 -10.58 -51.14 9.03
N VAL L 28 -11.76 -50.92 9.63
CA VAL L 28 -12.55 -49.71 9.46
C VAL L 28 -12.59 -49.03 10.81
N SER L 29 -12.28 -47.72 10.84
CA SER L 29 -12.22 -46.94 12.09
C SER L 29 -12.57 -45.48 11.85
N GLY L 30 -12.83 -44.78 12.96
CA GLY L 30 -13.12 -43.36 12.97
C GLY L 30 -14.46 -42.94 12.39
N PHE L 31 -15.46 -43.84 12.43
CA PHE L 31 -16.77 -43.56 11.86
C PHE L 31 -17.90 -43.45 12.88
N HIS L 32 -18.96 -42.76 12.47
CA HIS L 32 -20.19 -42.54 13.23
C HIS L 32 -21.32 -42.16 12.26
N PRO L 33 -22.50 -42.83 12.27
CA PRO L 33 -22.94 -43.93 13.16
C PRO L 33 -22.25 -45.28 12.90
N SER L 34 -22.56 -46.29 13.74
CA SER L 34 -22.01 -47.64 13.70
C SER L 34 -22.47 -48.44 12.48
N ASP L 35 -23.59 -48.04 11.84
CA ASP L 35 -24.16 -48.71 10.66
C ASP L 35 -23.19 -48.61 9.49
N ILE L 36 -22.47 -49.71 9.20
CA ILE L 36 -21.48 -49.78 8.14
C ILE L 36 -21.66 -51.05 7.28
N GLU L 37 -21.30 -50.92 6.00
CA GLU L 37 -21.34 -51.97 5.01
C GLU L 37 -19.92 -52.22 4.54
N VAL L 38 -19.31 -53.34 4.97
CA VAL L 38 -17.96 -53.70 4.55
C VAL L 38 -17.93 -55.21 4.27
N ASP L 39 -17.42 -55.57 3.09
CA ASP L 39 -17.29 -56.93 2.59
C ASP L 39 -15.89 -57.14 1.99
N LEU L 40 -15.45 -58.41 1.88
CA LEU L 40 -14.16 -58.77 1.29
C LEU L 40 -14.42 -59.41 -0.08
N LEU L 41 -13.68 -58.95 -1.12
CA LEU L 41 -13.90 -59.34 -2.51
C LEU L 41 -12.72 -60.01 -3.23
N LYS L 42 -13.05 -60.63 -4.39
CA LYS L 42 -12.16 -61.28 -5.36
C LYS L 42 -12.53 -60.68 -6.74
N ASN L 43 -12.02 -59.46 -7.01
CA ASN L 43 -12.23 -58.65 -8.20
C ASN L 43 -13.76 -58.39 -8.47
N GLY L 44 -14.47 -58.02 -7.41
CA GLY L 44 -15.89 -57.70 -7.46
C GLY L 44 -16.85 -58.74 -6.91
N GLU L 45 -16.35 -59.92 -6.51
CA GLU L 45 -17.19 -61.00 -6.00
C GLU L 45 -17.03 -61.16 -4.48
N ARG L 46 -18.17 -61.06 -3.76
CA ARG L 46 -18.27 -61.14 -2.30
C ARG L 46 -17.98 -62.56 -1.77
N ILE L 47 -17.30 -62.63 -0.62
CA ILE L 47 -16.98 -63.87 0.07
C ILE L 47 -18.10 -64.10 1.09
N GLU L 48 -18.73 -65.30 1.03
CA GLU L 48 -19.83 -65.72 1.90
C GLU L 48 -19.36 -65.96 3.35
N LYS L 49 -18.08 -66.35 3.55
CA LYS L 49 -17.50 -66.66 4.86
C LYS L 49 -16.58 -65.54 5.37
N VAL L 50 -17.15 -64.34 5.54
CA VAL L 50 -16.44 -63.15 6.05
C VAL L 50 -16.91 -62.91 7.50
N GLU L 51 -15.97 -63.04 8.46
CA GLU L 51 -16.25 -62.82 9.87
C GLU L 51 -15.85 -61.40 10.27
N HIS L 52 -16.48 -60.84 11.30
CA HIS L 52 -16.11 -59.52 11.78
C HIS L 52 -16.10 -59.50 13.30
N SER L 53 -15.21 -58.68 13.86
CA SER L 53 -15.01 -58.49 15.29
C SER L 53 -16.26 -57.88 15.93
N ASP L 54 -16.30 -57.82 17.27
CA ASP L 54 -17.42 -57.22 17.99
C ASP L 54 -17.22 -55.72 18.02
N LEU L 55 -18.30 -54.96 17.73
CA LEU L 55 -18.30 -53.50 17.65
C LEU L 55 -17.79 -52.86 18.95
N SER L 56 -16.77 -52.00 18.81
CA SER L 56 -16.15 -51.26 19.90
C SER L 56 -15.87 -49.83 19.44
N PHE L 57 -15.37 -48.96 20.34
CA PHE L 57 -15.10 -47.59 19.96
C PHE L 57 -13.86 -46.99 20.63
N SER L 58 -13.39 -45.85 20.05
CA SER L 58 -12.24 -45.08 20.53
C SER L 58 -12.66 -44.12 21.64
N LYS L 59 -11.69 -43.38 22.21
CA LYS L 59 -11.91 -42.42 23.29
C LYS L 59 -12.74 -41.22 22.80
N ASP L 60 -12.64 -40.89 21.48
CA ASP L 60 -13.37 -39.82 20.81
C ASP L 60 -14.79 -40.27 20.38
N TRP L 61 -15.17 -41.53 20.77
CA TRP L 61 -16.44 -42.25 20.56
C TRP L 61 -16.61 -42.88 19.18
N SER L 62 -15.71 -42.60 18.22
CA SER L 62 -15.81 -43.16 16.87
C SER L 62 -15.61 -44.69 16.91
N PHE L 63 -16.39 -45.40 16.11
CA PHE L 63 -16.39 -46.87 16.07
C PHE L 63 -15.28 -47.48 15.22
N TYR L 64 -14.96 -48.75 15.51
CA TYR L 64 -13.97 -49.53 14.77
C TYR L 64 -14.35 -51.01 14.68
N LEU L 65 -14.09 -51.60 13.52
CA LEU L 65 -14.37 -53.01 13.24
C LEU L 65 -13.28 -53.63 12.39
N LEU L 66 -13.00 -54.91 12.64
CA LEU L 66 -12.09 -55.72 11.83
C LEU L 66 -12.89 -56.81 11.13
N TYR L 67 -12.85 -56.81 9.80
CA TYR L 67 -13.49 -57.80 8.94
C TYR L 67 -12.39 -58.72 8.43
N TYR L 68 -12.57 -60.06 8.52
CA TYR L 68 -11.54 -61.03 8.15
C TYR L 68 -12.08 -62.37 7.60
N THR L 69 -11.23 -63.03 6.77
CA THR L 69 -11.45 -64.36 6.16
C THR L 69 -10.06 -64.98 5.76
N GLU L 70 -10.08 -66.21 5.21
CA GLU L 70 -8.89 -66.93 4.74
C GLU L 70 -8.95 -67.04 3.20
N PHE L 71 -7.83 -66.72 2.51
CA PHE L 71 -7.76 -66.75 1.05
C PHE L 71 -6.43 -67.37 0.53
N THR L 72 -6.34 -67.59 -0.81
CA THR L 72 -5.17 -68.19 -1.49
C THR L 72 -4.53 -67.12 -2.42
N PRO L 73 -3.61 -66.28 -1.91
CA PRO L 73 -3.00 -65.24 -2.78
C PRO L 73 -2.02 -65.80 -3.81
N THR L 74 -1.81 -65.04 -4.90
CA THR L 74 -0.91 -65.35 -6.02
C THR L 74 -0.56 -64.05 -6.76
N GLU L 75 0.75 -63.85 -7.05
CA GLU L 75 1.30 -62.66 -7.73
C GLU L 75 0.87 -62.63 -9.22
N LYS L 76 -0.41 -62.28 -9.47
CA LYS L 76 -1.02 -62.19 -10.81
C LYS L 76 -2.45 -61.60 -10.75
N ASP L 77 -3.20 -61.93 -9.68
CA ASP L 77 -4.59 -61.53 -9.47
C ASP L 77 -4.75 -60.14 -8.85
N GLU L 78 -6.00 -59.61 -8.85
CA GLU L 78 -6.39 -58.33 -8.28
C GLU L 78 -7.49 -58.54 -7.22
N TYR L 79 -7.21 -58.09 -5.98
CA TYR L 79 -8.11 -58.20 -4.81
C TYR L 79 -8.47 -56.81 -4.31
N ALA L 80 -9.78 -56.52 -4.18
CA ALA L 80 -10.28 -55.22 -3.72
C ALA L 80 -11.07 -55.33 -2.39
N CYS L 81 -11.76 -54.23 -1.99
CA CYS L 81 -12.56 -54.17 -0.76
C CYS L 81 -13.69 -53.14 -0.88
N ARG L 82 -14.94 -53.57 -0.61
CA ARG L 82 -16.16 -52.77 -0.68
C ARG L 82 -16.49 -52.16 0.68
N VAL L 83 -16.65 -50.81 0.74
CA VAL L 83 -16.99 -50.08 1.98
C VAL L 83 -18.06 -49.00 1.69
N ASN L 84 -19.23 -49.10 2.37
CA ASN L 84 -20.33 -48.14 2.24
C ASN L 84 -20.80 -47.66 3.63
N HIS L 85 -21.00 -46.34 3.73
CA HIS L 85 -21.43 -45.64 4.95
C HIS L 85 -22.21 -44.41 4.52
N VAL L 86 -23.11 -43.91 5.39
CA VAL L 86 -23.95 -42.73 5.15
C VAL L 86 -23.11 -41.46 4.77
N THR L 87 -21.84 -41.42 5.19
CA THR L 87 -20.91 -40.32 4.89
C THR L 87 -20.37 -40.44 3.45
N LEU L 88 -20.46 -41.64 2.86
CA LEU L 88 -19.99 -41.91 1.50
C LEU L 88 -21.14 -41.94 0.51
N SER L 89 -21.11 -41.03 -0.48
CA SER L 89 -22.11 -40.91 -1.54
C SER L 89 -22.00 -42.08 -2.51
N GLN L 90 -20.76 -42.40 -2.92
CA GLN L 90 -20.43 -43.48 -3.84
C GLN L 90 -19.58 -44.55 -3.14
N PRO L 91 -19.76 -45.86 -3.46
CA PRO L 91 -18.95 -46.89 -2.79
C PRO L 91 -17.43 -46.71 -3.04
N LYS L 92 -16.62 -46.89 -1.98
CA LYS L 92 -15.16 -46.74 -2.04
C LYS L 92 -14.46 -48.09 -2.07
N ILE L 93 -13.63 -48.32 -3.10
CA ILE L 93 -12.89 -49.57 -3.28
C ILE L 93 -11.39 -49.34 -3.01
N VAL L 94 -10.84 -50.10 -2.05
CA VAL L 94 -9.43 -50.04 -1.66
C VAL L 94 -8.81 -51.42 -1.97
N LYS L 95 -7.83 -51.46 -2.88
CA LYS L 95 -7.17 -52.71 -3.28
C LYS L 95 -5.85 -52.93 -2.52
N TRP L 96 -5.46 -54.21 -2.33
CA TRP L 96 -4.19 -54.58 -1.68
C TRP L 96 -3.03 -54.18 -2.59
N ASP L 97 -2.14 -53.32 -2.07
CA ASP L 97 -0.96 -52.82 -2.76
C ASP L 97 0.19 -53.82 -2.58
N ARG L 98 0.69 -54.36 -3.71
CA ARG L 98 1.75 -55.38 -3.74
C ARG L 98 3.10 -54.86 -3.21
N ASP L 99 3.32 -53.54 -3.21
CA ASP L 99 4.56 -52.91 -2.76
C ASP L 99 4.63 -52.72 -1.22
N MET L 100 3.48 -52.92 -0.50
CA MET L 100 3.36 -52.77 0.96
C MET L 100 4.21 -53.85 1.67
N CYS M 1 -26.23 13.81 27.61
CA CYS M 1 -27.20 13.84 28.72
C CYS M 1 -27.41 12.43 29.27
N THR M 2 -27.83 12.33 30.54
CA THR M 2 -28.00 11.09 31.30
C THR M 2 -29.41 10.45 31.11
N GLU M 3 -29.53 9.13 31.41
CA GLU M 3 -30.78 8.34 31.32
C GLU M 3 -31.81 8.83 32.30
N LEU M 4 -33.09 8.63 31.97
CA LEU M 4 -34.21 9.06 32.81
C LEU M 4 -34.38 8.14 34.01
N LYS M 5 -34.45 6.82 33.74
CA LYS M 5 -34.62 5.78 34.74
C LYS M 5 -33.47 4.79 34.72
N LEU M 6 -33.29 4.11 35.86
CA LEU M 6 -32.35 3.05 36.13
C LEU M 6 -33.16 1.79 36.44
N SER M 7 -32.73 0.63 35.93
CA SER M 7 -33.46 -0.64 36.10
C SER M 7 -33.12 -1.36 37.41
N ASP M 8 -34.11 -2.09 37.95
CA ASP M 8 -34.00 -2.86 39.18
C ASP M 8 -33.41 -4.23 38.92
N TYR M 9 -32.55 -4.71 39.81
CA TYR M 9 -31.92 -6.02 39.68
C TYR M 9 -32.85 -7.14 40.13
N CYS N 1 28.37 44.78 9.09
CA CYS N 1 29.38 43.99 9.79
C CYS N 1 29.00 43.81 11.27
N THR N 2 29.21 42.59 11.80
CA THR N 2 28.92 42.25 13.20
C THR N 2 30.18 42.43 14.09
N GLU N 3 29.99 42.54 15.43
CA GLU N 3 31.06 42.70 16.43
C GLU N 3 31.95 41.46 16.48
N LEU N 4 33.22 41.64 16.84
CA LEU N 4 34.18 40.53 16.96
C LEU N 4 33.93 39.73 18.23
N LYS N 5 33.81 40.42 19.37
CA LYS N 5 33.59 39.83 20.68
C LYS N 5 32.28 40.27 21.32
N LEU N 6 31.77 39.45 22.22
CA LEU N 6 30.63 39.69 23.09
C LEU N 6 31.17 39.69 24.53
N SER N 7 30.74 40.66 25.37
CA SER N 7 31.25 40.80 26.73
C SER N 7 30.52 39.92 27.74
N ASP N 8 31.25 39.49 28.79
CA ASP N 8 30.72 38.66 29.87
C ASP N 8 30.05 39.51 30.92
N TYR N 9 28.93 39.03 31.46
CA TYR N 9 28.19 39.75 32.50
C TYR N 9 28.82 39.54 33.88
N CYS O 1 -13.60 -25.48 9.67
CA CYS O 1 -12.33 -25.87 10.28
C CYS O 1 -11.31 -26.31 9.21
N THR O 2 -10.04 -25.96 9.43
CA THR O 2 -8.89 -26.21 8.55
C THR O 2 -8.25 -27.59 8.76
N GLU O 3 -7.43 -28.04 7.77
CA GLU O 3 -6.65 -29.29 7.83
C GLU O 3 -5.52 -29.15 8.87
N LEU O 4 -5.08 -30.27 9.47
CA LEU O 4 -4.01 -30.27 10.47
C LEU O 4 -2.65 -30.08 9.79
N LYS O 5 -2.37 -30.89 8.75
CA LYS O 5 -1.13 -30.87 7.99
C LYS O 5 -1.36 -30.55 6.51
N LEU O 6 -0.30 -30.01 5.89
CA LEU O 6 -0.21 -29.65 4.47
C LEU O 6 0.88 -30.54 3.87
N SER O 7 0.68 -31.03 2.63
CA SER O 7 1.62 -31.94 1.96
C SER O 7 2.78 -31.23 1.27
N ASP O 8 3.96 -31.89 1.24
CA ASP O 8 5.15 -31.36 0.61
C ASP O 8 5.17 -31.71 -0.87
N TYR O 9 5.68 -30.80 -1.69
CA TYR O 9 5.77 -30.95 -3.14
C TYR O 9 6.96 -31.83 -3.54
N CYS P 1 -3.91 -13.13 -31.39
CA CYS P 1 -5.32 -13.45 -31.34
C CYS P 1 -6.18 -12.18 -31.44
N THR P 2 -7.35 -12.30 -32.06
CA THR P 2 -8.30 -11.21 -32.33
C THR P 2 -9.30 -10.99 -31.16
N GLU P 3 -9.92 -9.79 -31.12
CA GLU P 3 -10.93 -9.39 -30.11
C GLU P 3 -12.20 -10.23 -30.23
N LEU P 4 -12.90 -10.42 -29.11
CA LEU P 4 -14.14 -11.19 -29.03
C LEU P 4 -15.29 -10.40 -29.62
N LYS P 5 -15.46 -9.15 -29.17
CA LYS P 5 -16.52 -8.24 -29.61
C LYS P 5 -15.97 -7.00 -30.29
N LEU P 6 -16.79 -6.43 -31.18
CA LEU P 6 -16.55 -5.18 -31.90
C LEU P 6 -17.65 -4.22 -31.47
N SER P 7 -17.29 -2.95 -31.22
CA SER P 7 -18.23 -1.94 -30.73
C SER P 7 -19.04 -1.26 -31.86
N ASP P 8 -20.29 -0.91 -31.54
CA ASP P 8 -21.21 -0.21 -32.43
C ASP P 8 -20.96 1.29 -32.34
N TYR P 9 -21.09 1.97 -33.48
CA TYR P 9 -20.87 3.42 -33.55
C TYR P 9 -22.10 4.19 -33.05
N CYS Q 1 10.48 28.53 -24.75
CA CYS Q 1 10.95 28.64 -26.14
C CYS Q 1 12.26 29.42 -26.19
N THR Q 2 13.09 29.16 -27.24
CA THR Q 2 14.44 29.73 -27.45
C THR Q 2 14.45 31.15 -28.04
N GLU Q 3 15.58 31.88 -27.86
CA GLU Q 3 15.85 33.24 -28.38
C GLU Q 3 15.88 33.26 -29.90
N LEU Q 4 15.55 34.40 -30.50
CA LEU Q 4 15.51 34.55 -31.95
C LEU Q 4 16.92 34.67 -32.52
N LYS Q 5 17.71 35.61 -31.94
CA LYS Q 5 19.07 35.89 -32.34
C LYS Q 5 20.07 35.59 -31.22
N LEU Q 6 21.33 35.40 -31.63
CA LEU Q 6 22.50 35.18 -30.80
C LEU Q 6 23.46 36.34 -31.09
N SER Q 7 24.10 36.92 -30.07
CA SER Q 7 24.99 38.08 -30.23
C SER Q 7 26.42 37.69 -30.61
N ASP Q 8 27.09 38.55 -31.38
CA ASP Q 8 28.48 38.36 -31.81
C ASP Q 8 29.43 38.89 -30.76
N TYR Q 9 30.55 38.17 -30.55
CA TYR Q 9 31.55 38.54 -29.55
C TYR Q 9 32.46 39.66 -30.09
N CYS R 1 -14.44 -57.33 36.60
CA CYS R 1 -15.85 -57.49 36.96
C CYS R 1 -16.63 -56.21 36.66
N THR R 2 -17.86 -56.37 36.18
CA THR R 2 -18.75 -55.27 35.78
C THR R 2 -19.68 -54.82 36.94
N GLU R 3 -20.26 -53.61 36.82
CA GLU R 3 -21.22 -53.02 37.78
C GLU R 3 -22.52 -53.82 37.82
N LEU R 4 -23.23 -53.81 38.95
CA LEU R 4 -24.48 -54.53 39.15
C LEU R 4 -25.62 -53.85 38.38
N LYS R 5 -25.79 -52.54 38.62
CA LYS R 5 -26.83 -51.71 38.01
C LYS R 5 -26.26 -50.55 37.20
N LEU R 6 -27.08 -50.06 36.27
CA LEU R 6 -26.83 -48.90 35.40
C LEU R 6 -27.87 -47.85 35.78
N SER R 7 -27.47 -46.57 35.87
CA SER R 7 -28.37 -45.49 36.31
C SER R 7 -29.23 -44.92 35.17
N ASP R 8 -30.45 -44.46 35.52
CA ASP R 8 -31.41 -43.88 34.59
C ASP R 8 -31.14 -42.40 34.38
N TYR R 9 -31.32 -41.93 33.14
CA TYR R 9 -31.08 -40.53 32.78
C TYR R 9 -32.25 -39.65 33.19
#